data_1KR4
# 
_entry.id   1KR4 
# 
_audit_conform.dict_name       mmcif_pdbx.dic 
_audit_conform.dict_version    5.399 
_audit_conform.dict_location   http://mmcif.pdb.org/dictionaries/ascii/mmcif_pdbx.dic 
# 
loop_
_database_2.database_id 
_database_2.database_code 
_database_2.pdbx_database_accession 
_database_2.pdbx_DOI 
PDB   1KR4         pdb_00001kr4 10.2210/pdb1kr4/pdb 
RCSB  RCSB015255   ?            ?                   
WWPDB D_1000015255 ?            ?                   
# 
loop_
_pdbx_audit_revision_history.ordinal 
_pdbx_audit_revision_history.data_content_type 
_pdbx_audit_revision_history.major_revision 
_pdbx_audit_revision_history.minor_revision 
_pdbx_audit_revision_history.revision_date 
1 'Structure model' 1 0 2002-08-14 
2 'Structure model' 1 1 2008-04-27 
3 'Structure model' 1 2 2011-07-13 
4 'Structure model' 1 3 2017-10-11 
5 'Structure model' 1 4 2024-11-20 
# 
_pdbx_audit_revision_details.ordinal             1 
_pdbx_audit_revision_details.revision_ordinal    1 
_pdbx_audit_revision_details.data_content_type   'Structure model' 
_pdbx_audit_revision_details.provider            repository 
_pdbx_audit_revision_details.type                'Initial release' 
_pdbx_audit_revision_details.description         ? 
_pdbx_audit_revision_details.details             ? 
# 
loop_
_pdbx_audit_revision_group.ordinal 
_pdbx_audit_revision_group.revision_ordinal 
_pdbx_audit_revision_group.data_content_type 
_pdbx_audit_revision_group.group 
1 2 'Structure model' 'Version format compliance' 
2 3 'Structure model' 'Derived calculations'      
3 3 'Structure model' 'Version format compliance' 
4 4 'Structure model' 'Refinement description'    
5 5 'Structure model' 'Data collection'           
6 5 'Structure model' 'Database references'       
7 5 'Structure model' 'Derived calculations'      
8 5 'Structure model' 'Structure summary'         
# 
loop_
_pdbx_audit_revision_category.ordinal 
_pdbx_audit_revision_category.revision_ordinal 
_pdbx_audit_revision_category.data_content_type 
_pdbx_audit_revision_category.category 
1 4 'Structure model' software                  
2 5 'Structure model' chem_comp_atom            
3 5 'Structure model' chem_comp_bond            
4 5 'Structure model' database_2                
5 5 'Structure model' pdbx_entry_details        
6 5 'Structure model' pdbx_modification_feature 
7 5 'Structure model' struct_conn               
8 5 'Structure model' struct_ref_seq_dif        
# 
loop_
_pdbx_audit_revision_item.ordinal 
_pdbx_audit_revision_item.revision_ordinal 
_pdbx_audit_revision_item.data_content_type 
_pdbx_audit_revision_item.item 
1 4 'Structure model' '_software.classification'            
2 4 'Structure model' '_software.name'                      
3 5 'Structure model' '_database_2.pdbx_DOI'                
4 5 'Structure model' '_database_2.pdbx_database_accession' 
5 5 'Structure model' '_struct_conn.pdbx_leaving_atom_flag' 
6 5 'Structure model' '_struct_ref_seq_dif.details'         
# 
_pdbx_database_status.status_code                     REL 
_pdbx_database_status.entry_id                        1KR4 
_pdbx_database_status.recvd_initial_deposition_date   2002-01-08 
_pdbx_database_status.deposit_site                    RCSB 
_pdbx_database_status.process_site                    RCSB 
_pdbx_database_status.SG_entry                        Y 
_pdbx_database_status.status_code_sf                  ? 
_pdbx_database_status.status_code_mr                  ? 
_pdbx_database_status.status_code_cs                  ? 
_pdbx_database_status.pdb_format_compatible           Y 
_pdbx_database_status.methods_development_category    ? 
_pdbx_database_status.status_code_nmr_data            ? 
# 
_pdbx_database_related.db_name        TargetDB 
_pdbx_database_related.db_id          APC012 
_pdbx_database_related.details        . 
_pdbx_database_related.content_type   unspecified 
# 
loop_
_audit_author.name 
_audit_author.pdbx_ordinal 
'Savchenko, A.'                                 1 
'Zhang, R.'                                     2 
'Joachimiak, A.'                                3 
'Edwards, A.'                                   4 
'Akarina, T.'                                   5 
'Midwest Center for Structural Genomics (MCSG)' 6 
# 
_citation.id                        primary 
_citation.title                     'X-ray crystal structure of CutA from Thermotoga maritima at 1.4 A resolution.' 
_citation.journal_abbrev            Proteins 
_citation.journal_volume            54 
_citation.page_first                162 
_citation.page_last                 165 
_citation.year                      2004 
_citation.journal_id_ASTM           PSFGEY 
_citation.country                   US 
_citation.journal_id_ISSN           0887-3585 
_citation.journal_id_CSD            0867 
_citation.book_publisher            ? 
_citation.pdbx_database_id_PubMed   14705033 
_citation.pdbx_database_id_DOI      10.1002/prot.10585 
# 
loop_
_citation_author.citation_id 
_citation_author.name 
_citation_author.ordinal 
_citation_author.identifier_ORCID 
primary 'Savchenko, A.'    1 ? 
primary 'Skarina, T.'      2 ? 
primary 'Evdokimova, E.'   3 ? 
primary 'Watson, J.D.'     4 ? 
primary 'Laskowski, R.'    5 ? 
primary 'Arrowsmith, C.H.' 6 ? 
primary 'Edwards, A.M.'    7 ? 
primary 'Joachimiak, A.'   8 ? 
primary 'Zhang, R.G.'      9 ? 
# 
loop_
_entity.id 
_entity.type 
_entity.src_method 
_entity.pdbx_description 
_entity.formula_weight 
_entity.pdbx_number_of_molecules 
_entity.pdbx_ec 
_entity.pdbx_mutation 
_entity.pdbx_fragment 
_entity.details 
1 polymer man 'Protein TM1056, cutA' 15021.697 1   ? ? ? ? 
2 water   nat water                  18.015    125 ? ? ? ? 
# 
_entity_poly.entity_id                      1 
_entity_poly.type                           'polypeptide(L)' 
_entity_poly.nstd_linkage                   no 
_entity_poly.nstd_monomer                   yes 
_entity_poly.pdbx_seq_one_letter_code       
;MGSSHHHHHHSSGREALYF(MSE)GH(MSE)ILVYSTFPNEEKALEIGRKLLEKRLIACFNAFEIRSGYWWKGEIVQDKE
WAAIFKTTEEKEKELYEELRKLHPYETPAIFTLKVENILTEY(MSE)NWLRESVLGS
;
_entity_poly.pdbx_seq_one_letter_code_can   
;MGSSHHHHHHSSGREALYFMGHMILVYSTFPNEEKALEIGRKLLEKRLIACFNAFEIRSGYWWKGEIVQDKEWAAIFKTT
EEKEKELYEELRKLHPYETPAIFTLKVENILTEYMNWLRESVLGS
;
_entity_poly.pdbx_strand_id                 A 
_entity_poly.pdbx_target_identifier         APC012 
# 
_pdbx_entity_nonpoly.entity_id   2 
_pdbx_entity_nonpoly.name        water 
_pdbx_entity_nonpoly.comp_id     HOH 
# 
loop_
_entity_poly_seq.entity_id 
_entity_poly_seq.num 
_entity_poly_seq.mon_id 
_entity_poly_seq.hetero 
1 1   MET n 
1 2   GLY n 
1 3   SER n 
1 4   SER n 
1 5   HIS n 
1 6   HIS n 
1 7   HIS n 
1 8   HIS n 
1 9   HIS n 
1 10  HIS n 
1 11  SER n 
1 12  SER n 
1 13  GLY n 
1 14  ARG n 
1 15  GLU n 
1 16  ALA n 
1 17  LEU n 
1 18  TYR n 
1 19  PHE n 
1 20  MSE n 
1 21  GLY n 
1 22  HIS n 
1 23  MSE n 
1 24  ILE n 
1 25  LEU n 
1 26  VAL n 
1 27  TYR n 
1 28  SER n 
1 29  THR n 
1 30  PHE n 
1 31  PRO n 
1 32  ASN n 
1 33  GLU n 
1 34  GLU n 
1 35  LYS n 
1 36  ALA n 
1 37  LEU n 
1 38  GLU n 
1 39  ILE n 
1 40  GLY n 
1 41  ARG n 
1 42  LYS n 
1 43  LEU n 
1 44  LEU n 
1 45  GLU n 
1 46  LYS n 
1 47  ARG n 
1 48  LEU n 
1 49  ILE n 
1 50  ALA n 
1 51  CYS n 
1 52  PHE n 
1 53  ASN n 
1 54  ALA n 
1 55  PHE n 
1 56  GLU n 
1 57  ILE n 
1 58  ARG n 
1 59  SER n 
1 60  GLY n 
1 61  TYR n 
1 62  TRP n 
1 63  TRP n 
1 64  LYS n 
1 65  GLY n 
1 66  GLU n 
1 67  ILE n 
1 68  VAL n 
1 69  GLN n 
1 70  ASP n 
1 71  LYS n 
1 72  GLU n 
1 73  TRP n 
1 74  ALA n 
1 75  ALA n 
1 76  ILE n 
1 77  PHE n 
1 78  LYS n 
1 79  THR n 
1 80  THR n 
1 81  GLU n 
1 82  GLU n 
1 83  LYS n 
1 84  GLU n 
1 85  LYS n 
1 86  GLU n 
1 87  LEU n 
1 88  TYR n 
1 89  GLU n 
1 90  GLU n 
1 91  LEU n 
1 92  ARG n 
1 93  LYS n 
1 94  LEU n 
1 95  HIS n 
1 96  PRO n 
1 97  TYR n 
1 98  GLU n 
1 99  THR n 
1 100 PRO n 
1 101 ALA n 
1 102 ILE n 
1 103 PHE n 
1 104 THR n 
1 105 LEU n 
1 106 LYS n 
1 107 VAL n 
1 108 GLU n 
1 109 ASN n 
1 110 ILE n 
1 111 LEU n 
1 112 THR n 
1 113 GLU n 
1 114 TYR n 
1 115 MSE n 
1 116 ASN n 
1 117 TRP n 
1 118 LEU n 
1 119 ARG n 
1 120 GLU n 
1 121 SER n 
1 122 VAL n 
1 123 LEU n 
1 124 GLY n 
1 125 SER n 
# 
_entity_src_gen.entity_id                          1 
_entity_src_gen.pdbx_src_id                        1 
_entity_src_gen.pdbx_alt_source_flag               sample 
_entity_src_gen.pdbx_seq_type                      ? 
_entity_src_gen.pdbx_beg_seq_num                   ? 
_entity_src_gen.pdbx_end_seq_num                   ? 
_entity_src_gen.gene_src_common_name               ? 
_entity_src_gen.gene_src_genus                     Thermotoga 
_entity_src_gen.pdbx_gene_src_gene                 ? 
_entity_src_gen.gene_src_species                   ? 
_entity_src_gen.gene_src_strain                    ? 
_entity_src_gen.gene_src_tissue                    ? 
_entity_src_gen.gene_src_tissue_fraction           ? 
_entity_src_gen.gene_src_details                   ? 
_entity_src_gen.pdbx_gene_src_fragment             ? 
_entity_src_gen.pdbx_gene_src_scientific_name      'Thermotoga maritima' 
_entity_src_gen.pdbx_gene_src_ncbi_taxonomy_id     2336 
_entity_src_gen.pdbx_gene_src_variant              ? 
_entity_src_gen.pdbx_gene_src_cell_line            ? 
_entity_src_gen.pdbx_gene_src_atcc                 ? 
_entity_src_gen.pdbx_gene_src_organ                ? 
_entity_src_gen.pdbx_gene_src_organelle            ? 
_entity_src_gen.pdbx_gene_src_cell                 ? 
_entity_src_gen.pdbx_gene_src_cellular_location    ? 
_entity_src_gen.host_org_common_name               ? 
_entity_src_gen.pdbx_host_org_scientific_name      'Escherichia coli BL21(DE3)' 
_entity_src_gen.pdbx_host_org_ncbi_taxonomy_id     469008 
_entity_src_gen.host_org_genus                     Escherichia 
_entity_src_gen.pdbx_host_org_gene                 ? 
_entity_src_gen.pdbx_host_org_organ                ? 
_entity_src_gen.host_org_species                   'Escherichia coli' 
_entity_src_gen.pdbx_host_org_tissue               ? 
_entity_src_gen.pdbx_host_org_tissue_fraction      ? 
_entity_src_gen.pdbx_host_org_strain               'BL21(DE3)' 
_entity_src_gen.pdbx_host_org_variant              ? 
_entity_src_gen.pdbx_host_org_cell_line            ? 
_entity_src_gen.pdbx_host_org_atcc                 ? 
_entity_src_gen.pdbx_host_org_culture_collection   ? 
_entity_src_gen.pdbx_host_org_cell                 ? 
_entity_src_gen.pdbx_host_org_organelle            ? 
_entity_src_gen.pdbx_host_org_cellular_location    ? 
_entity_src_gen.pdbx_host_org_vector_type          PLASMID 
_entity_src_gen.pdbx_host_org_vector               ? 
_entity_src_gen.host_org_details                   ? 
_entity_src_gen.expression_system_id               ? 
_entity_src_gen.plasmid_name                       'modified peT15b' 
_entity_src_gen.plasmid_details                    
'Protein was expressed as fusion with N-terminal tag MGSSHHHHHHSSGRENLYFQGHM and C-terminal fusion of GS' 
_entity_src_gen.pdbx_description                   ? 
# 
loop_
_chem_comp.id 
_chem_comp.type 
_chem_comp.mon_nstd_flag 
_chem_comp.name 
_chem_comp.pdbx_synonyms 
_chem_comp.formula 
_chem_comp.formula_weight 
ALA 'L-peptide linking' y ALANINE          ? 'C3 H7 N O2'     89.093  
ARG 'L-peptide linking' y ARGININE         ? 'C6 H15 N4 O2 1' 175.209 
ASN 'L-peptide linking' y ASPARAGINE       ? 'C4 H8 N2 O3'    132.118 
ASP 'L-peptide linking' y 'ASPARTIC ACID'  ? 'C4 H7 N O4'     133.103 
CYS 'L-peptide linking' y CYSTEINE         ? 'C3 H7 N O2 S'   121.158 
GLN 'L-peptide linking' y GLUTAMINE        ? 'C5 H10 N2 O3'   146.144 
GLU 'L-peptide linking' y 'GLUTAMIC ACID'  ? 'C5 H9 N O4'     147.129 
GLY 'peptide linking'   y GLYCINE          ? 'C2 H5 N O2'     75.067  
HIS 'L-peptide linking' y HISTIDINE        ? 'C6 H10 N3 O2 1' 156.162 
HOH non-polymer         . WATER            ? 'H2 O'           18.015  
ILE 'L-peptide linking' y ISOLEUCINE       ? 'C6 H13 N O2'    131.173 
LEU 'L-peptide linking' y LEUCINE          ? 'C6 H13 N O2'    131.173 
LYS 'L-peptide linking' y LYSINE           ? 'C6 H15 N2 O2 1' 147.195 
MET 'L-peptide linking' y METHIONINE       ? 'C5 H11 N O2 S'  149.211 
MSE 'L-peptide linking' n SELENOMETHIONINE ? 'C5 H11 N O2 Se' 196.106 
PHE 'L-peptide linking' y PHENYLALANINE    ? 'C9 H11 N O2'    165.189 
PRO 'L-peptide linking' y PROLINE          ? 'C5 H9 N O2'     115.130 
SER 'L-peptide linking' y SERINE           ? 'C3 H7 N O3'     105.093 
THR 'L-peptide linking' y THREONINE        ? 'C4 H9 N O3'     119.119 
TRP 'L-peptide linking' y TRYPTOPHAN       ? 'C11 H12 N2 O2'  204.225 
TYR 'L-peptide linking' y TYROSINE         ? 'C9 H11 N O3'    181.189 
VAL 'L-peptide linking' y VALINE           ? 'C5 H11 N O2'    117.146 
# 
loop_
_pdbx_poly_seq_scheme.asym_id 
_pdbx_poly_seq_scheme.entity_id 
_pdbx_poly_seq_scheme.seq_id 
_pdbx_poly_seq_scheme.mon_id 
_pdbx_poly_seq_scheme.ndb_seq_num 
_pdbx_poly_seq_scheme.pdb_seq_num 
_pdbx_poly_seq_scheme.auth_seq_num 
_pdbx_poly_seq_scheme.pdb_mon_id 
_pdbx_poly_seq_scheme.auth_mon_id 
_pdbx_poly_seq_scheme.pdb_strand_id 
_pdbx_poly_seq_scheme.pdb_ins_code 
_pdbx_poly_seq_scheme.hetero 
A 1 1   MET 1   -15 ?   ?   ?   A . n 
A 1 2   GLY 2   -14 ?   ?   ?   A . n 
A 1 3   SER 3   -13 ?   ?   ?   A . n 
A 1 4   SER 4   -12 ?   ?   ?   A . n 
A 1 5   HIS 5   -11 ?   ?   ?   A . n 
A 1 6   HIS 6   -10 ?   ?   ?   A . n 
A 1 7   HIS 7   -9  ?   ?   ?   A . n 
A 1 8   HIS 8   -8  ?   ?   ?   A . n 
A 1 9   HIS 9   -7  ?   ?   ?   A . n 
A 1 10  HIS 10  -6  ?   ?   ?   A . n 
A 1 11  SER 11  -5  ?   ?   ?   A . n 
A 1 12  SER 12  -4  ?   ?   ?   A . n 
A 1 13  GLY 13  -3  ?   ?   ?   A . n 
A 1 14  ARG 14  -2  ?   ?   ?   A . n 
A 1 15  GLU 15  -1  ?   ?   ?   A . n 
A 1 16  ALA 16  0   0   ALA ALA A . n 
A 1 17  LEU 17  1   1   LEU LEU A . n 
A 1 18  TYR 18  2   2   TYR TYR A . n 
A 1 19  PHE 19  3   3   PHE PHE A . n 
A 1 20  MSE 20  4   4   MSE MSE A . n 
A 1 21  GLY 21  5   5   GLY GLY A . n 
A 1 22  HIS 22  6   6   HIS HIS A . n 
A 1 23  MSE 23  7   7   MSE MSE A . n 
A 1 24  ILE 24  8   8   ILE ILE A . n 
A 1 25  LEU 25  9   9   LEU LEU A . n 
A 1 26  VAL 26  10  10  VAL VAL A . n 
A 1 27  TYR 27  11  11  TYR TYR A . n 
A 1 28  SER 28  12  12  SER SER A . n 
A 1 29  THR 29  13  13  THR THR A . n 
A 1 30  PHE 30  14  14  PHE PHE A . n 
A 1 31  PRO 31  15  15  PRO PRO A . n 
A 1 32  ASN 32  16  16  ASN ASN A . n 
A 1 33  GLU 33  17  17  GLU GLU A . n 
A 1 34  GLU 34  18  18  GLU GLU A . n 
A 1 35  LYS 35  19  19  LYS LYS A . n 
A 1 36  ALA 36  20  20  ALA ALA A . n 
A 1 37  LEU 37  21  21  LEU LEU A . n 
A 1 38  GLU 38  22  22  GLU GLU A . n 
A 1 39  ILE 39  23  23  ILE ILE A . n 
A 1 40  GLY 40  24  24  GLY GLY A . n 
A 1 41  ARG 41  25  25  ARG ARG A . n 
A 1 42  LYS 42  26  26  LYS LYS A . n 
A 1 43  LEU 43  27  27  LEU LEU A . n 
A 1 44  LEU 44  28  28  LEU LEU A . n 
A 1 45  GLU 45  29  29  GLU GLU A . n 
A 1 46  LYS 46  30  30  LYS LYS A . n 
A 1 47  ARG 47  31  31  ARG ARG A . n 
A 1 48  LEU 48  32  32  LEU LEU A . n 
A 1 49  ILE 49  33  33  ILE ILE A . n 
A 1 50  ALA 50  34  34  ALA ALA A . n 
A 1 51  CYS 51  35  35  CYS CYS A . n 
A 1 52  PHE 52  36  36  PHE PHE A . n 
A 1 53  ASN 53  37  37  ASN ASN A . n 
A 1 54  ALA 54  38  38  ALA ALA A . n 
A 1 55  PHE 55  39  39  PHE PHE A . n 
A 1 56  GLU 56  40  40  GLU GLU A . n 
A 1 57  ILE 57  41  41  ILE ILE A . n 
A 1 58  ARG 58  42  42  ARG ARG A . n 
A 1 59  SER 59  43  43  SER SER A . n 
A 1 60  GLY 60  44  44  GLY GLY A . n 
A 1 61  TYR 61  45  45  TYR TYR A . n 
A 1 62  TRP 62  46  46  TRP TRP A . n 
A 1 63  TRP 63  47  47  TRP TRP A . n 
A 1 64  LYS 64  48  48  LYS LYS A . n 
A 1 65  GLY 65  49  49  GLY GLY A . n 
A 1 66  GLU 66  50  50  GLU GLU A . n 
A 1 67  ILE 67  51  51  ILE ILE A . n 
A 1 68  VAL 68  52  52  VAL VAL A . n 
A 1 69  GLN 69  53  53  GLN GLN A . n 
A 1 70  ASP 70  54  54  ASP ASP A . n 
A 1 71  LYS 71  55  55  LYS LYS A . n 
A 1 72  GLU 72  56  56  GLU GLU A . n 
A 1 73  TRP 73  57  57  TRP TRP A . n 
A 1 74  ALA 74  58  58  ALA ALA A . n 
A 1 75  ALA 75  59  59  ALA ALA A . n 
A 1 76  ILE 76  60  60  ILE ILE A . n 
A 1 77  PHE 77  61  61  PHE PHE A . n 
A 1 78  LYS 78  62  62  LYS LYS A . n 
A 1 79  THR 79  63  63  THR THR A . n 
A 1 80  THR 80  64  64  THR THR A . n 
A 1 81  GLU 81  65  65  GLU GLU A . n 
A 1 82  GLU 82  66  66  GLU GLU A . n 
A 1 83  LYS 83  67  67  LYS LYS A . n 
A 1 84  GLU 84  68  68  GLU GLU A . n 
A 1 85  LYS 85  69  69  LYS LYS A . n 
A 1 86  GLU 86  70  70  GLU GLU A . n 
A 1 87  LEU 87  71  71  LEU LEU A . n 
A 1 88  TYR 88  72  72  TYR TYR A . n 
A 1 89  GLU 89  73  73  GLU GLU A . n 
A 1 90  GLU 90  74  74  GLU GLU A . n 
A 1 91  LEU 91  75  75  LEU LEU A . n 
A 1 92  ARG 92  76  76  ARG ARG A . n 
A 1 93  LYS 93  77  77  LYS LYS A . n 
A 1 94  LEU 94  78  78  LEU LEU A . n 
A 1 95  HIS 95  79  79  HIS HIS A . n 
A 1 96  PRO 96  80  80  PRO PRO A . n 
A 1 97  TYR 97  81  81  TYR TYR A . n 
A 1 98  GLU 98  82  82  GLU GLU A . n 
A 1 99  THR 99  83  83  THR THR A . n 
A 1 100 PRO 100 84  84  PRO PRO A . n 
A 1 101 ALA 101 85  85  ALA ALA A . n 
A 1 102 ILE 102 86  86  ILE ILE A . n 
A 1 103 PHE 103 87  87  PHE PHE A . n 
A 1 104 THR 104 88  88  THR THR A . n 
A 1 105 LEU 105 89  89  LEU LEU A . n 
A 1 106 LYS 106 90  90  LYS LYS A . n 
A 1 107 VAL 107 91  91  VAL VAL A . n 
A 1 108 GLU 108 92  92  GLU GLU A . n 
A 1 109 ASN 109 93  93  ASN ASN A . n 
A 1 110 ILE 110 94  94  ILE ILE A . n 
A 1 111 LEU 111 95  95  LEU LEU A . n 
A 1 112 THR 112 96  96  THR THR A . n 
A 1 113 GLU 113 97  97  GLU GLU A . n 
A 1 114 TYR 114 98  98  TYR TYR A . n 
A 1 115 MSE 115 99  99  MSE MSE A . n 
A 1 116 ASN 116 100 100 ASN ASN A . n 
A 1 117 TRP 117 101 101 TRP TRP A . n 
A 1 118 LEU 118 102 102 LEU LEU A . n 
A 1 119 ARG 119 103 103 ARG ARG A . n 
A 1 120 GLU 120 104 104 GLU GLU A . n 
A 1 121 SER 121 105 105 SER SER A . n 
A 1 122 VAL 122 106 106 VAL VAL A . n 
A 1 123 LEU 123 107 107 LEU LEU A . n 
A 1 124 GLY 124 108 108 GLY GLY A . n 
A 1 125 SER 125 109 109 SER SER A . n 
# 
loop_
_pdbx_nonpoly_scheme.asym_id 
_pdbx_nonpoly_scheme.entity_id 
_pdbx_nonpoly_scheme.mon_id 
_pdbx_nonpoly_scheme.ndb_seq_num 
_pdbx_nonpoly_scheme.pdb_seq_num 
_pdbx_nonpoly_scheme.auth_seq_num 
_pdbx_nonpoly_scheme.pdb_mon_id 
_pdbx_nonpoly_scheme.auth_mon_id 
_pdbx_nonpoly_scheme.pdb_strand_id 
_pdbx_nonpoly_scheme.pdb_ins_code 
B 2 HOH 1   200 200 HOH TIP A . 
B 2 HOH 2   201 201 HOH TIP A . 
B 2 HOH 3   202 202 HOH TIP A . 
B 2 HOH 4   203 203 HOH TIP A . 
B 2 HOH 5   204 204 HOH TIP A . 
B 2 HOH 6   205 205 HOH TIP A . 
B 2 HOH 7   206 206 HOH TIP A . 
B 2 HOH 8   207 207 HOH TIP A . 
B 2 HOH 9   208 208 HOH TIP A . 
B 2 HOH 10  209 209 HOH TIP A . 
B 2 HOH 11  210 210 HOH TIP A . 
B 2 HOH 12  211 211 HOH TIP A . 
B 2 HOH 13  212 212 HOH TIP A . 
B 2 HOH 14  213 213 HOH TIP A . 
B 2 HOH 15  214 214 HOH TIP A . 
B 2 HOH 16  215 215 HOH TIP A . 
B 2 HOH 17  216 216 HOH TIP A . 
B 2 HOH 18  217 217 HOH TIP A . 
B 2 HOH 19  218 218 HOH TIP A . 
B 2 HOH 20  219 219 HOH TIP A . 
B 2 HOH 21  220 220 HOH TIP A . 
B 2 HOH 22  221 221 HOH TIP A . 
B 2 HOH 23  222 222 HOH TIP A . 
B 2 HOH 24  223 223 HOH TIP A . 
B 2 HOH 25  224 224 HOH TIP A . 
B 2 HOH 26  225 225 HOH TIP A . 
B 2 HOH 27  226 226 HOH TIP A . 
B 2 HOH 28  227 227 HOH TIP A . 
B 2 HOH 29  228 228 HOH TIP A . 
B 2 HOH 30  229 229 HOH TIP A . 
B 2 HOH 31  230 230 HOH TIP A . 
B 2 HOH 32  231 231 HOH TIP A . 
B 2 HOH 33  232 232 HOH TIP A . 
B 2 HOH 34  233 233 HOH TIP A . 
B 2 HOH 35  234 234 HOH TIP A . 
B 2 HOH 36  235 235 HOH TIP A . 
B 2 HOH 37  236 236 HOH TIP A . 
B 2 HOH 38  237 237 HOH TIP A . 
B 2 HOH 39  238 238 HOH TIP A . 
B 2 HOH 40  239 239 HOH TIP A . 
B 2 HOH 41  240 240 HOH TIP A . 
B 2 HOH 42  241 241 HOH TIP A . 
B 2 HOH 43  242 242 HOH TIP A . 
B 2 HOH 44  243 243 HOH TIP A . 
B 2 HOH 45  244 244 HOH TIP A . 
B 2 HOH 46  245 245 HOH TIP A . 
B 2 HOH 47  246 246 HOH TIP A . 
B 2 HOH 48  247 247 HOH TIP A . 
B 2 HOH 49  248 248 HOH TIP A . 
B 2 HOH 50  249 249 HOH TIP A . 
B 2 HOH 51  250 250 HOH TIP A . 
B 2 HOH 52  251 251 HOH TIP A . 
B 2 HOH 53  252 252 HOH TIP A . 
B 2 HOH 54  253 253 HOH TIP A . 
B 2 HOH 55  254 254 HOH TIP A . 
B 2 HOH 56  255 255 HOH TIP A . 
B 2 HOH 57  256 256 HOH TIP A . 
B 2 HOH 58  257 257 HOH TIP A . 
B 2 HOH 59  258 258 HOH TIP A . 
B 2 HOH 60  259 259 HOH TIP A . 
B 2 HOH 61  260 260 HOH TIP A . 
B 2 HOH 62  261 261 HOH TIP A . 
B 2 HOH 63  262 262 HOH TIP A . 
B 2 HOH 64  263 263 HOH TIP A . 
B 2 HOH 65  264 264 HOH TIP A . 
B 2 HOH 66  265 265 HOH TIP A . 
B 2 HOH 67  266 266 HOH TIP A . 
B 2 HOH 68  267 267 HOH TIP A . 
B 2 HOH 69  268 268 HOH TIP A . 
B 2 HOH 70  269 269 HOH TIP A . 
B 2 HOH 71  270 270 HOH TIP A . 
B 2 HOH 72  271 271 HOH TIP A . 
B 2 HOH 73  272 272 HOH TIP A . 
B 2 HOH 74  273 273 HOH TIP A . 
B 2 HOH 75  274 274 HOH TIP A . 
B 2 HOH 76  275 275 HOH TIP A . 
B 2 HOH 77  276 276 HOH TIP A . 
B 2 HOH 78  277 277 HOH TIP A . 
B 2 HOH 79  278 278 HOH TIP A . 
B 2 HOH 80  279 279 HOH TIP A . 
B 2 HOH 81  280 280 HOH TIP A . 
B 2 HOH 82  281 281 HOH TIP A . 
B 2 HOH 83  282 282 HOH TIP A . 
B 2 HOH 84  283 283 HOH TIP A . 
B 2 HOH 85  284 284 HOH TIP A . 
B 2 HOH 86  285 285 HOH TIP A . 
B 2 HOH 87  286 286 HOH TIP A . 
B 2 HOH 88  287 287 HOH TIP A . 
B 2 HOH 89  288 288 HOH TIP A . 
B 2 HOH 90  289 289 HOH TIP A . 
B 2 HOH 91  290 290 HOH TIP A . 
B 2 HOH 92  291 291 HOH TIP A . 
B 2 HOH 93  292 292 HOH TIP A . 
B 2 HOH 94  293 293 HOH TIP A . 
B 2 HOH 95  294 294 HOH TIP A . 
B 2 HOH 96  295 295 HOH TIP A . 
B 2 HOH 97  296 296 HOH TIP A . 
B 2 HOH 98  297 297 HOH TIP A . 
B 2 HOH 99  298 298 HOH TIP A . 
B 2 HOH 100 299 299 HOH TIP A . 
B 2 HOH 101 300 300 HOH TIP A . 
B 2 HOH 102 301 301 HOH TIP A . 
B 2 HOH 103 302 302 HOH TIP A . 
B 2 HOH 104 303 303 HOH TIP A . 
B 2 HOH 105 304 304 HOH TIP A . 
B 2 HOH 106 305 305 HOH TIP A . 
B 2 HOH 107 306 306 HOH TIP A . 
B 2 HOH 108 307 307 HOH TIP A . 
B 2 HOH 109 308 308 HOH TIP A . 
B 2 HOH 110 309 309 HOH TIP A . 
B 2 HOH 111 310 310 HOH TIP A . 
B 2 HOH 112 311 311 HOH TIP A . 
B 2 HOH 113 312 312 HOH TIP A . 
B 2 HOH 114 313 313 HOH TIP A . 
B 2 HOH 115 314 314 HOH TIP A . 
B 2 HOH 116 315 315 HOH TIP A . 
B 2 HOH 117 316 316 HOH TIP A . 
B 2 HOH 118 317 317 HOH TIP A . 
B 2 HOH 119 318 318 HOH TIP A . 
B 2 HOH 120 319 319 HOH TIP A . 
B 2 HOH 121 320 320 HOH TIP A . 
B 2 HOH 122 321 321 HOH TIP A . 
B 2 HOH 123 322 322 HOH TIP A . 
B 2 HOH 124 323 323 HOH TIP A . 
B 2 HOH 125 324 324 HOH TIP A . 
# 
loop_
_software.name 
_software.classification 
_software.version 
_software.citation_id 
_software.pdbx_ordinal 
d*TREK   'data scaling'   . ? 1 
HKL-2000 'data reduction' . ? 2 
CNS      refinement       . ? 3 
d*TREK   'data reduction' . ? 4 
HKL-2000 'data scaling'   . ? 5 
CNS      phasing          . ? 6 
# 
_cell.entry_id           1KR4 
_cell.length_a           52.237 
_cell.length_b           52.237 
_cell.length_c           33.846 
_cell.angle_alpha        90.00 
_cell.angle_beta         90.00 
_cell.angle_gamma        120.00 
_cell.Z_PDB              3 
_cell.pdbx_unique_axis   ? 
_cell.length_a_esd       ? 
_cell.length_b_esd       ? 
_cell.length_c_esd       ? 
_cell.angle_alpha_esd    ? 
_cell.angle_beta_esd     ? 
_cell.angle_gamma_esd    ? 
# 
_symmetry.entry_id                         1KR4 
_symmetry.space_group_name_H-M             'P 3' 
_symmetry.pdbx_full_space_group_name_H-M   ? 
_symmetry.cell_setting                     ? 
_symmetry.Int_Tables_number                143 
_symmetry.space_group_name_Hall            ? 
# 
_exptl.entry_id          1KR4 
_exptl.method            'X-RAY DIFFRACTION' 
_exptl.crystals_number   1 
# 
_exptl_crystal.id                    1 
_exptl_crystal.density_meas          ? 
_exptl_crystal.density_percent_sol   30.70 
_exptl_crystal.density_Matthews      1.77 
_exptl_crystal.description           ? 
_exptl_crystal.F_000                 ? 
_exptl_crystal.preparation           ? 
# 
_exptl_crystal_grow.crystal_id      1 
_exptl_crystal_grow.method          'VAPOR DIFFUSION, HANGING DROP' 
_exptl_crystal_grow.temp            ? 
_exptl_crystal_grow.temp_details    ? 
_exptl_crystal_grow.pH              ? 
_exptl_crystal_grow.pdbx_details    'VAPOR DIFFUSION, HANGING DROP' 
_exptl_crystal_grow.pdbx_pH_range   . 
# 
_diffrn.id                     1 
_diffrn.ambient_temp           100 
_diffrn.ambient_temp_details   ? 
_diffrn.crystal_id             1 
# 
_diffrn_detector.diffrn_id              1 
_diffrn_detector.detector               CCD 
_diffrn_detector.type                   SBC-2 
_diffrn_detector.pdbx_collection_date   2001-11-20 
_diffrn_detector.details                mirrors 
# 
_diffrn_radiation.diffrn_id                        1 
_diffrn_radiation.wavelength_id                    1 
_diffrn_radiation.pdbx_monochromatic_or_laue_m_l   M 
_diffrn_radiation.monochromator                    'Si 111 channel' 
_diffrn_radiation.pdbx_diffrn_protocol             MAD 
_diffrn_radiation.pdbx_scattering_type             x-ray 
# 
loop_
_diffrn_radiation_wavelength.id 
_diffrn_radiation_wavelength.wavelength 
_diffrn_radiation_wavelength.wt 
1 0.9793  1.0 
2 0.9791  1.0 
3 0.95200 1.0 
# 
_diffrn_source.diffrn_id                   1 
_diffrn_source.source                      SYNCHROTRON 
_diffrn_source.type                        'APS BEAMLINE 19-ID' 
_diffrn_source.pdbx_synchrotron_site       APS 
_diffrn_source.pdbx_synchrotron_beamline   19-ID 
_diffrn_source.pdbx_wavelength             ? 
_diffrn_source.pdbx_wavelength_list        0.9793,0.9791,0.95200 
# 
_reflns.entry_id                     1KR4 
_reflns.observed_criterion_sigma_I   2.0 
_reflns.observed_criterion_sigma_F   4.0 
_reflns.d_resolution_low             50 
_reflns.d_resolution_high            1.4 
_reflns.number_obs                   19451 
_reflns.number_all                   20453 
_reflns.percent_possible_obs         95.1 
_reflns.pdbx_Rmerge_I_obs            0.056 
_reflns.pdbx_Rsym_value              ? 
_reflns.pdbx_netI_over_sigmaI        24.25 
_reflns.B_iso_Wilson_estimate        12.6 
_reflns.pdbx_redundancy              5.49 
_reflns.R_free_details               ? 
_reflns.limit_h_max                  ? 
_reflns.limit_h_min                  ? 
_reflns.limit_k_max                  ? 
_reflns.limit_k_min                  ? 
_reflns.limit_l_max                  ? 
_reflns.limit_l_min                  ? 
_reflns.observed_criterion_F_max     ? 
_reflns.observed_criterion_F_min     ? 
_reflns.pdbx_chi_squared             ? 
_reflns.pdbx_scaling_rejects         ? 
_reflns.pdbx_ordinal                 1 
_reflns.pdbx_diffrn_id               1 
# 
_reflns_shell.d_res_high             1.40 
_reflns_shell.d_res_low              1.45 
_reflns_shell.percent_possible_all   87.7 
_reflns_shell.Rmerge_I_obs           0.416 
_reflns_shell.pdbx_Rsym_value        ? 
_reflns_shell.meanI_over_sigI_obs    1.66 
_reflns_shell.pdbx_redundancy        4.875 
_reflns_shell.percent_possible_obs   ? 
_reflns_shell.number_unique_all      1829 
_reflns_shell.number_measured_all    ? 
_reflns_shell.number_measured_obs    ? 
_reflns_shell.number_unique_obs      ? 
_reflns_shell.pdbx_chi_squared       ? 
_reflns_shell.pdbx_ordinal           1 
_reflns_shell.pdbx_diffrn_id         1 
# 
_refine.entry_id                                 1KR4 
_refine.ls_number_reflns_obs                     19451 
_refine.ls_number_reflns_all                     20453 
_refine.pdbx_ls_sigma_I                          ? 
_refine.pdbx_ls_sigma_F                          2.0 
_refine.pdbx_data_cutoff_high_absF               485887.96 
_refine.pdbx_data_cutoff_low_absF                0.000000 
_refine.ls_d_res_low                             20.68 
_refine.ls_d_res_high                            1.40 
_refine.ls_percent_reflns_obs                    74.1 
_refine.ls_R_factor_obs                          0.218 
_refine.ls_R_factor_all                          ? 
_refine.ls_R_factor_R_work                       0.218 
_refine.ls_R_factor_R_free                       0.241 
_refine.ls_R_factor_R_free_error                 0.006 
_refine.ls_R_factor_R_free_error_details         ? 
_refine.ls_percent_reflns_R_free                 5.2 
_refine.ls_number_reflns_R_free                  1571 
_refine.ls_number_parameters                     ? 
_refine.ls_number_restraints                     ? 
_refine.occupancy_min                            ? 
_refine.occupancy_max                            ? 
_refine.B_iso_mean                               15.3 
_refine.aniso_B[1][1]                            -0.67 
_refine.aniso_B[2][2]                            -0.67 
_refine.aniso_B[3][3]                            1.34 
_refine.aniso_B[1][2]                            0.00 
_refine.aniso_B[1][3]                            0.00 
_refine.aniso_B[2][3]                            0.00 
_refine.solvent_model_details                    'FLAT MODEL' 
_refine.solvent_model_param_ksol                 0.389531 
_refine.solvent_model_param_bsol                 49.9317 
_refine.pdbx_ls_cross_valid_method               THROUGHOUT 
_refine.details                                  ? 
_refine.pdbx_starting_model                      ? 
_refine.pdbx_method_to_determine_struct          MAD 
_refine.pdbx_isotropic_thermal_model             RESTRAINED 
_refine.pdbx_stereochemistry_target_values       ? 
_refine.pdbx_stereochem_target_val_spec_case     ? 
_refine.pdbx_R_Free_selection_details            RANDOM 
_refine.pdbx_overall_ESU_R_Free                  ? 
_refine.overall_SU_B                             ? 
_refine.ls_redundancy_reflns_obs                 ? 
_refine.B_iso_min                                ? 
_refine.B_iso_max                                ? 
_refine.correlation_coeff_Fo_to_Fc               ? 
_refine.overall_SU_R_Cruickshank_DPI             ? 
_refine.overall_SU_R_free                        ? 
_refine.overall_SU_ML                            ? 
_refine.pdbx_overall_ESU_R                       ? 
_refine.pdbx_data_cutoff_high_rms_absF           485887.96 
_refine.correlation_coeff_Fo_to_Fc_free          ? 
_refine.pdbx_solvent_vdw_probe_radii             ? 
_refine.pdbx_solvent_ion_probe_radii             ? 
_refine.pdbx_solvent_shrinkage_radii             ? 
_refine.ls_wR_factor_R_free                      ? 
_refine.ls_wR_factor_R_work                      ? 
_refine.overall_FOM_free_R_set                   ? 
_refine.overall_FOM_work_R_set                   ? 
_refine.pdbx_refine_id                           'X-RAY DIFFRACTION' 
_refine.pdbx_overall_phase_error                 ? 
_refine.pdbx_diffrn_id                           1 
_refine.pdbx_TLS_residual_ADP_flag               ? 
_refine.pdbx_overall_SU_R_free_Cruickshank_DPI   ? 
_refine.pdbx_overall_SU_R_Blow_DPI               ? 
_refine.pdbx_overall_SU_R_free_Blow_DPI          ? 
# 
_refine_analyze.entry_id                        1KR4 
_refine_analyze.Luzzati_coordinate_error_obs    0.17 
_refine_analyze.Luzzati_sigma_a_obs             0.10 
_refine_analyze.Luzzati_d_res_low_obs           5.00 
_refine_analyze.Luzzati_coordinate_error_free   0.19 
_refine_analyze.Luzzati_sigma_a_free            ? 
_refine_analyze.Luzzati_d_res_low_free          ? 
_refine_analyze.number_disordered_residues      ? 
_refine_analyze.occupancy_sum_hydrogen          ? 
_refine_analyze.occupancy_sum_non_hydrogen      ? 
_refine_analyze.pdbx_Luzzati_d_res_high_obs     ? 
_refine_analyze.pdbx_refine_id                  'X-RAY DIFFRACTION' 
# 
_refine_hist.pdbx_refine_id                   'X-RAY DIFFRACTION' 
_refine_hist.cycle_id                         LAST 
_refine_hist.pdbx_number_atoms_protein        930 
_refine_hist.pdbx_number_atoms_nucleic_acid   0 
_refine_hist.pdbx_number_atoms_ligand         0 
_refine_hist.number_atoms_solvent             125 
_refine_hist.number_atoms_total               1055 
_refine_hist.d_res_high                       1.40 
_refine_hist.d_res_low                        20.68 
# 
loop_
_refine_ls_restr.type 
_refine_ls_restr.dev_ideal 
_refine_ls_restr.dev_ideal_target 
_refine_ls_restr.weight 
_refine_ls_restr.number 
_refine_ls_restr.pdbx_refine_id 
_refine_ls_restr.pdbx_restraint_function 
c_bond_d           0.006 ? ? ? 'X-RAY DIFFRACTION' ? 
c_angle_deg        1.2   ? ? ? 'X-RAY DIFFRACTION' ? 
c_dihedral_angle_d 21.8  ? ? ? 'X-RAY DIFFRACTION' ? 
c_improper_angle_d 0.66  ? ? ? 'X-RAY DIFFRACTION' ? 
# 
_refine_ls_shell.pdbx_total_number_of_bins_used   6 
_refine_ls_shell.d_res_high                       1.40 
_refine_ls_shell.d_res_low                        1.49 
_refine_ls_shell.number_reflns_R_work             2482 
_refine_ls_shell.R_factor_R_work                  0.22 
_refine_ls_shell.percent_reflns_obs               38.5 
_refine_ls_shell.R_factor_R_free                  0.232 
_refine_ls_shell.R_factor_R_free_error            0.018 
_refine_ls_shell.percent_reflns_R_free            5.5 
_refine_ls_shell.number_reflns_R_free             145 
_refine_ls_shell.number_reflns_obs                ? 
_refine_ls_shell.redundancy_reflns_obs            ? 
_refine_ls_shell.number_reflns_all                ? 
_refine_ls_shell.pdbx_refine_id                   'X-RAY DIFFRACTION' 
_refine_ls_shell.R_factor_all                     ? 
# 
loop_
_pdbx_xplor_file.serial_no 
_pdbx_xplor_file.param_file 
_pdbx_xplor_file.topol_file 
_pdbx_xplor_file.pdbx_refine_id 
1 PROTEIN_REP.PARAM PROTEIN.TOP 'X-RAY DIFFRACTION' 
2 WATER_REP.PARAM   ?           'X-RAY DIFFRACTION' 
# 
_struct.entry_id                  1KR4 
_struct.title                     'Structure Genomics, Protein TM1056, cutA' 
_struct.pdbx_model_details        ? 
_struct.pdbx_CASP_flag            ? 
_struct.pdbx_model_type_details   ? 
# 
_struct_keywords.entry_id        1KR4 
_struct_keywords.pdbx_keywords   'STRUCTURAL GENOMICS, UNKNOWN FUNCTION' 
_struct_keywords.text            
'cutA, structural genomics, PSI, Protein Structure Initiative, Midwest Center for Structural Genomics, MCSG, UNKNOWN FUNCTION' 
# 
loop_
_struct_asym.id 
_struct_asym.pdbx_blank_PDB_chainid_flag 
_struct_asym.pdbx_modified 
_struct_asym.entity_id 
_struct_asym.details 
A N N 1 ? 
B N N 2 ? 
# 
_struct_ref.id                         1 
_struct_ref.db_name                    UNP 
_struct_ref.db_code                    CUTA_THEMA 
_struct_ref.entity_id                  1 
_struct_ref.pdbx_seq_one_letter_code   
;MILVYSTFPNEEKALEIGRKLLEKRLIACFNAFEIRSGYWWKGEIVQDKEWAAIFKTTEEKEKELYEELRKLHPYETPAI
FTLKVENVLTEYMNWLRESVL
;
_struct_ref.pdbx_align_begin           1 
_struct_ref.pdbx_db_accession          Q9X0E6 
_struct_ref.pdbx_db_isoform            ? 
# 
_struct_ref_seq.align_id                      1 
_struct_ref_seq.ref_id                        1 
_struct_ref_seq.pdbx_PDB_id_code              1KR4 
_struct_ref_seq.pdbx_strand_id                A 
_struct_ref_seq.seq_align_beg                 23 
_struct_ref_seq.pdbx_seq_align_beg_ins_code   ? 
_struct_ref_seq.seq_align_end                 123 
_struct_ref_seq.pdbx_seq_align_end_ins_code   ? 
_struct_ref_seq.pdbx_db_accession             Q9X0E6 
_struct_ref_seq.db_align_beg                  1 
_struct_ref_seq.pdbx_db_align_beg_ins_code    ? 
_struct_ref_seq.db_align_end                  101 
_struct_ref_seq.pdbx_db_align_end_ins_code    ? 
_struct_ref_seq.pdbx_auth_seq_align_beg       7 
_struct_ref_seq.pdbx_auth_seq_align_end       107 
# 
loop_
_struct_ref_seq_dif.align_id 
_struct_ref_seq_dif.pdbx_pdb_id_code 
_struct_ref_seq_dif.mon_id 
_struct_ref_seq_dif.pdbx_pdb_strand_id 
_struct_ref_seq_dif.seq_num 
_struct_ref_seq_dif.pdbx_pdb_ins_code 
_struct_ref_seq_dif.pdbx_seq_db_name 
_struct_ref_seq_dif.pdbx_seq_db_accession_code 
_struct_ref_seq_dif.db_mon_id 
_struct_ref_seq_dif.pdbx_seq_db_seq_num 
_struct_ref_seq_dif.details 
_struct_ref_seq_dif.pdbx_auth_seq_num 
_struct_ref_seq_dif.pdbx_ordinal 
1 1KR4 MET A 1   ? UNP Q9X0E6 ?   ?  'expression tag'   -15 1  
1 1KR4 GLY A 2   ? UNP Q9X0E6 ?   ?  'expression tag'   -14 2  
1 1KR4 SER A 3   ? UNP Q9X0E6 ?   ?  'expression tag'   -13 3  
1 1KR4 SER A 4   ? UNP Q9X0E6 ?   ?  'expression tag'   -12 4  
1 1KR4 HIS A 5   ? UNP Q9X0E6 ?   ?  'expression tag'   -11 5  
1 1KR4 HIS A 6   ? UNP Q9X0E6 ?   ?  'expression tag'   -10 6  
1 1KR4 HIS A 7   ? UNP Q9X0E6 ?   ?  'expression tag'   -9  7  
1 1KR4 HIS A 8   ? UNP Q9X0E6 ?   ?  'expression tag'   -8  8  
1 1KR4 HIS A 9   ? UNP Q9X0E6 ?   ?  'expression tag'   -7  9  
1 1KR4 HIS A 10  ? UNP Q9X0E6 ?   ?  'expression tag'   -6  10 
1 1KR4 SER A 11  ? UNP Q9X0E6 ?   ?  'expression tag'   -5  11 
1 1KR4 SER A 12  ? UNP Q9X0E6 ?   ?  'expression tag'   -4  12 
1 1KR4 GLY A 13  ? UNP Q9X0E6 ?   ?  'expression tag'   -3  13 
1 1KR4 ARG A 14  ? UNP Q9X0E6 ?   ?  'expression tag'   -2  14 
1 1KR4 GLU A 15  ? UNP Q9X0E6 ?   ?  'expression tag'   -1  15 
1 1KR4 ALA A 16  ? UNP Q9X0E6 ?   ?  'expression tag'   0   16 
1 1KR4 LEU A 17  ? UNP Q9X0E6 ?   ?  'expression tag'   1   17 
1 1KR4 TYR A 18  ? UNP Q9X0E6 ?   ?  'expression tag'   2   18 
1 1KR4 PHE A 19  ? UNP Q9X0E6 ?   ?  'expression tag'   3   19 
1 1KR4 MSE A 20  ? UNP Q9X0E6 ?   ?  'expression tag'   4   20 
1 1KR4 GLY A 21  ? UNP Q9X0E6 ?   ?  'expression tag'   5   21 
1 1KR4 HIS A 22  ? UNP Q9X0E6 ?   ?  'expression tag'   6   22 
1 1KR4 MSE A 23  ? UNP Q9X0E6 MET 1  'modified residue' 7   23 
1 1KR4 ILE A 110 ? UNP Q9X0E6 VAL 88 'SEE REMARK 999'   94  24 
1 1KR4 MSE A 115 ? UNP Q9X0E6 MET 93 'modified residue' 99  25 
1 1KR4 GLY A 124 ? UNP Q9X0E6 ?   ?  'cloning artifact' 108 26 
1 1KR4 SER A 125 ? UNP Q9X0E6 ?   ?  'cloning artifact' 109 27 
# 
_pdbx_struct_assembly.id                   1 
_pdbx_struct_assembly.details              author_and_software_defined_assembly 
_pdbx_struct_assembly.method_details       PQS 
_pdbx_struct_assembly.oligomeric_details   trimeric 
_pdbx_struct_assembly.oligomeric_count     3 
# 
_pdbx_struct_assembly_gen.assembly_id       1 
_pdbx_struct_assembly_gen.oper_expression   1,2,3 
_pdbx_struct_assembly_gen.asym_id_list      A,B 
# 
loop_
_pdbx_struct_oper_list.id 
_pdbx_struct_oper_list.type 
_pdbx_struct_oper_list.name 
_pdbx_struct_oper_list.symmetry_operation 
_pdbx_struct_oper_list.matrix[1][1] 
_pdbx_struct_oper_list.matrix[1][2] 
_pdbx_struct_oper_list.matrix[1][3] 
_pdbx_struct_oper_list.vector[1] 
_pdbx_struct_oper_list.matrix[2][1] 
_pdbx_struct_oper_list.matrix[2][2] 
_pdbx_struct_oper_list.matrix[2][3] 
_pdbx_struct_oper_list.vector[2] 
_pdbx_struct_oper_list.matrix[3][1] 
_pdbx_struct_oper_list.matrix[3][2] 
_pdbx_struct_oper_list.matrix[3][3] 
_pdbx_struct_oper_list.vector[3] 
1 'identity operation'         1_555 x,y,z        1.0000000000  0.0000000000  0.0000000000  0.0000000000  0.0000000000  1.0000000000 0.0000000000 0.0000000000 0.0000000000  0.0000000000 1.0000000000  0.0000000000   
2 'crystal symmetry operation' 2_775 -y+2,x-y+2,z -0.4714313593 0.1718029670  -0.8650064821 0.1009387245  -0.5444123896 0.7149491408 0.4387059107 8.0260043161 0.6938066182  0.6777399697 -0.2435177815 -17.4345785296 
3 'crystal symmetry operation' 3_575 -x+y,-x+2,z  -0.4714313593 -0.5444123896 0.6938066182  16.5132678405 0.1718029670  0.7149491408 0.6777399697 6.0605842628 -0.8650064821 0.4387059107 -0.2435177815 -7.6793727668 
# 
_struct_biol.id   1 
# 
loop_
_struct_conf.conf_type_id 
_struct_conf.id 
_struct_conf.pdbx_PDB_helix_id 
_struct_conf.beg_label_comp_id 
_struct_conf.beg_label_asym_id 
_struct_conf.beg_label_seq_id 
_struct_conf.pdbx_beg_PDB_ins_code 
_struct_conf.end_label_comp_id 
_struct_conf.end_label_asym_id 
_struct_conf.end_label_seq_id 
_struct_conf.pdbx_end_PDB_ins_code 
_struct_conf.beg_auth_comp_id 
_struct_conf.beg_auth_asym_id 
_struct_conf.beg_auth_seq_id 
_struct_conf.end_auth_comp_id 
_struct_conf.end_auth_asym_id 
_struct_conf.end_auth_seq_id 
_struct_conf.pdbx_PDB_helix_class 
_struct_conf.details 
_struct_conf.pdbx_PDB_helix_length 
HELX_P HELX_P1 1 ASN A 32  ? LYS A 46  ? ASN A 16 LYS A 30  1 ? 15 
HELX_P HELX_P2 2 LYS A 83  ? HIS A 95  ? LYS A 67 HIS A 79  1 ? 13 
HELX_P HELX_P3 3 THR A 112 ? VAL A 122 ? THR A 96 VAL A 106 1 ? 11 
# 
_struct_conf_type.id          HELX_P 
_struct_conf_type.criteria    ? 
_struct_conf_type.reference   ? 
# 
loop_
_struct_conn.id 
_struct_conn.conn_type_id 
_struct_conn.pdbx_leaving_atom_flag 
_struct_conn.pdbx_PDB_id 
_struct_conn.ptnr1_label_asym_id 
_struct_conn.ptnr1_label_comp_id 
_struct_conn.ptnr1_label_seq_id 
_struct_conn.ptnr1_label_atom_id 
_struct_conn.pdbx_ptnr1_label_alt_id 
_struct_conn.pdbx_ptnr1_PDB_ins_code 
_struct_conn.pdbx_ptnr1_standard_comp_id 
_struct_conn.ptnr1_symmetry 
_struct_conn.ptnr2_label_asym_id 
_struct_conn.ptnr2_label_comp_id 
_struct_conn.ptnr2_label_seq_id 
_struct_conn.ptnr2_label_atom_id 
_struct_conn.pdbx_ptnr2_label_alt_id 
_struct_conn.pdbx_ptnr2_PDB_ins_code 
_struct_conn.ptnr1_auth_asym_id 
_struct_conn.ptnr1_auth_comp_id 
_struct_conn.ptnr1_auth_seq_id 
_struct_conn.ptnr2_auth_asym_id 
_struct_conn.ptnr2_auth_comp_id 
_struct_conn.ptnr2_auth_seq_id 
_struct_conn.ptnr2_symmetry 
_struct_conn.pdbx_ptnr3_label_atom_id 
_struct_conn.pdbx_ptnr3_label_seq_id 
_struct_conn.pdbx_ptnr3_label_comp_id 
_struct_conn.pdbx_ptnr3_label_asym_id 
_struct_conn.pdbx_ptnr3_label_alt_id 
_struct_conn.pdbx_ptnr3_PDB_ins_code 
_struct_conn.details 
_struct_conn.pdbx_dist_value 
_struct_conn.pdbx_value_order 
_struct_conn.pdbx_role 
covale1 covale both ? A PHE 19  C ? ? ? 1_555 A MSE 20  N ? ? A PHE 3  A MSE 4   1_555 ? ? ? ? ? ? ? 1.329 ? ? 
covale2 covale both ? A MSE 20  C ? ? ? 1_555 A GLY 21  N ? ? A MSE 4  A GLY 5   1_555 ? ? ? ? ? ? ? 1.329 ? ? 
covale3 covale both ? A HIS 22  C ? ? ? 1_555 A MSE 23  N ? ? A HIS 6  A MSE 7   1_555 ? ? ? ? ? ? ? 1.329 ? ? 
covale4 covale both ? A MSE 23  C ? ? ? 1_555 A ILE 24  N ? ? A MSE 7  A ILE 8   1_555 ? ? ? ? ? ? ? 1.325 ? ? 
covale5 covale both ? A TYR 114 C ? ? ? 1_555 A MSE 115 N ? ? A TYR 98 A MSE 99  1_555 ? ? ? ? ? ? ? 1.332 ? ? 
covale6 covale both ? A MSE 115 C ? ? ? 1_555 A ASN 116 N ? ? A MSE 99 A ASN 100 1_555 ? ? ? ? ? ? ? 1.329 ? ? 
# 
_struct_conn_type.id          covale 
_struct_conn_type.criteria    ? 
_struct_conn_type.reference   ? 
# 
loop_
_pdbx_modification_feature.ordinal 
_pdbx_modification_feature.label_comp_id 
_pdbx_modification_feature.label_asym_id 
_pdbx_modification_feature.label_seq_id 
_pdbx_modification_feature.label_alt_id 
_pdbx_modification_feature.modified_residue_label_comp_id 
_pdbx_modification_feature.modified_residue_label_asym_id 
_pdbx_modification_feature.modified_residue_label_seq_id 
_pdbx_modification_feature.modified_residue_label_alt_id 
_pdbx_modification_feature.auth_comp_id 
_pdbx_modification_feature.auth_asym_id 
_pdbx_modification_feature.auth_seq_id 
_pdbx_modification_feature.PDB_ins_code 
_pdbx_modification_feature.symmetry 
_pdbx_modification_feature.modified_residue_auth_comp_id 
_pdbx_modification_feature.modified_residue_auth_asym_id 
_pdbx_modification_feature.modified_residue_auth_seq_id 
_pdbx_modification_feature.modified_residue_PDB_ins_code 
_pdbx_modification_feature.modified_residue_symmetry 
_pdbx_modification_feature.comp_id_linking_atom 
_pdbx_modification_feature.modified_residue_id_linking_atom 
_pdbx_modification_feature.modified_residue_id 
_pdbx_modification_feature.ref_pcm_id 
_pdbx_modification_feature.ref_comp_id 
_pdbx_modification_feature.type 
_pdbx_modification_feature.category 
1 MSE A 20  ? . . . . MSE A 4  ? 1_555 . . . . . . . MET 1 MSE Selenomethionine 'Named protein modification' 
2 MSE A 23  ? . . . . MSE A 7  ? 1_555 . . . . . . . MET 1 MSE Selenomethionine 'Named protein modification' 
3 MSE A 115 ? . . . . MSE A 99 ? 1_555 . . . . . . . MET 1 MSE Selenomethionine 'Named protein modification' 
# 
loop_
_struct_sheet.id 
_struct_sheet.type 
_struct_sheet.number_strands 
_struct_sheet.details 
A ? 2 ? 
B ? 4 ? 
# 
loop_
_struct_sheet_order.sheet_id 
_struct_sheet_order.range_id_1 
_struct_sheet_order.range_id_2 
_struct_sheet_order.offset 
_struct_sheet_order.sense 
A 1 2 ? anti-parallel 
B 1 2 ? anti-parallel 
B 2 3 ? anti-parallel 
B 3 4 ? anti-parallel 
# 
loop_
_struct_sheet_range.sheet_id 
_struct_sheet_range.id 
_struct_sheet_range.beg_label_comp_id 
_struct_sheet_range.beg_label_asym_id 
_struct_sheet_range.beg_label_seq_id 
_struct_sheet_range.pdbx_beg_PDB_ins_code 
_struct_sheet_range.end_label_comp_id 
_struct_sheet_range.end_label_asym_id 
_struct_sheet_range.end_label_seq_id 
_struct_sheet_range.pdbx_end_PDB_ins_code 
_struct_sheet_range.beg_auth_comp_id 
_struct_sheet_range.beg_auth_asym_id 
_struct_sheet_range.beg_auth_seq_id 
_struct_sheet_range.end_auth_comp_id 
_struct_sheet_range.end_auth_asym_id 
_struct_sheet_range.end_auth_seq_id 
A 1 TYR A 18  ? PHE A 19  ? TYR A 2  PHE A 3  
A 2 ILE A 110 ? LEU A 111 ? ILE A 94 LEU A 95 
B 1 CYS A 51  ? TRP A 63  ? CYS A 35 TRP A 47 
B 2 GLU A 66  ? THR A 80  ? GLU A 50 THR A 64 
B 3 MSE A 23  ? PHE A 30  ? MSE A 7  PHE A 14 
B 4 ILE A 102 ? LEU A 105 ? ILE A 86 LEU A 89 
# 
loop_
_pdbx_struct_sheet_hbond.sheet_id 
_pdbx_struct_sheet_hbond.range_id_1 
_pdbx_struct_sheet_hbond.range_id_2 
_pdbx_struct_sheet_hbond.range_1_label_atom_id 
_pdbx_struct_sheet_hbond.range_1_label_comp_id 
_pdbx_struct_sheet_hbond.range_1_label_asym_id 
_pdbx_struct_sheet_hbond.range_1_label_seq_id 
_pdbx_struct_sheet_hbond.range_1_PDB_ins_code 
_pdbx_struct_sheet_hbond.range_1_auth_atom_id 
_pdbx_struct_sheet_hbond.range_1_auth_comp_id 
_pdbx_struct_sheet_hbond.range_1_auth_asym_id 
_pdbx_struct_sheet_hbond.range_1_auth_seq_id 
_pdbx_struct_sheet_hbond.range_2_label_atom_id 
_pdbx_struct_sheet_hbond.range_2_label_comp_id 
_pdbx_struct_sheet_hbond.range_2_label_asym_id 
_pdbx_struct_sheet_hbond.range_2_label_seq_id 
_pdbx_struct_sheet_hbond.range_2_PDB_ins_code 
_pdbx_struct_sheet_hbond.range_2_auth_atom_id 
_pdbx_struct_sheet_hbond.range_2_auth_comp_id 
_pdbx_struct_sheet_hbond.range_2_auth_asym_id 
_pdbx_struct_sheet_hbond.range_2_auth_seq_id 
A 1 2 N PHE A 19 ? N PHE A 3  O ILE A 110 ? O ILE A 94 
B 1 2 N PHE A 55 ? N PHE A 39 O ALA A 74  ? O ALA A 58 
B 2 3 O PHE A 77 ? O PHE A 61 N VAL A 26  ? N VAL A 10 
B 3 4 N TYR A 27 ? N TYR A 11 O PHE A 103 ? O PHE A 87 
# 
_pdbx_entry_details.entry_id                   1KR4 
_pdbx_entry_details.compound_details           ? 
_pdbx_entry_details.source_details             ? 
_pdbx_entry_details.nonpolymer_details         ? 
_pdbx_entry_details.sequence_details           ? 
_pdbx_entry_details.has_ligand_of_interest     ? 
_pdbx_entry_details.has_protein_modification   Y 
# 
_pdbx_validate_symm_contact.id                1 
_pdbx_validate_symm_contact.PDB_model_num     1 
_pdbx_validate_symm_contact.auth_atom_id_1    O 
_pdbx_validate_symm_contact.auth_asym_id_1    A 
_pdbx_validate_symm_contact.auth_comp_id_1    HOH 
_pdbx_validate_symm_contact.auth_seq_id_1     276 
_pdbx_validate_symm_contact.PDB_ins_code_1    ? 
_pdbx_validate_symm_contact.label_alt_id_1    ? 
_pdbx_validate_symm_contact.site_symmetry_1   1_555 
_pdbx_validate_symm_contact.auth_atom_id_2    O 
_pdbx_validate_symm_contact.auth_asym_id_2    A 
_pdbx_validate_symm_contact.auth_comp_id_2    HOH 
_pdbx_validate_symm_contact.auth_seq_id_2     276 
_pdbx_validate_symm_contact.PDB_ins_code_2    ? 
_pdbx_validate_symm_contact.label_alt_id_2    ? 
_pdbx_validate_symm_contact.site_symmetry_2   2_675 
_pdbx_validate_symm_contact.dist              1.83 
# 
_pdbx_validate_torsion.id              1 
_pdbx_validate_torsion.PDB_model_num   1 
_pdbx_validate_torsion.auth_comp_id    HIS 
_pdbx_validate_torsion.auth_asym_id    A 
_pdbx_validate_torsion.auth_seq_id     6 
_pdbx_validate_torsion.PDB_ins_code    ? 
_pdbx_validate_torsion.label_alt_id    ? 
_pdbx_validate_torsion.phi             -140.27 
_pdbx_validate_torsion.psi             45.00 
# 
_pdbx_SG_project.id                    1 
_pdbx_SG_project.project_name          'PSI, Protein Structure Initiative' 
_pdbx_SG_project.full_name_of_center   'Midwest Center for Structural Genomics' 
_pdbx_SG_project.initial_of_center     MCSG 
# 
loop_
_pdbx_struct_mod_residue.id 
_pdbx_struct_mod_residue.label_asym_id 
_pdbx_struct_mod_residue.label_comp_id 
_pdbx_struct_mod_residue.label_seq_id 
_pdbx_struct_mod_residue.auth_asym_id 
_pdbx_struct_mod_residue.auth_comp_id 
_pdbx_struct_mod_residue.auth_seq_id 
_pdbx_struct_mod_residue.PDB_ins_code 
_pdbx_struct_mod_residue.parent_comp_id 
_pdbx_struct_mod_residue.details 
1 A MSE 20  A MSE 4  ? MET SELENOMETHIONINE 
2 A MSE 23  A MSE 7  ? MET SELENOMETHIONINE 
3 A MSE 115 A MSE 99 ? MET SELENOMETHIONINE 
# 
_pdbx_database_remark.id     999 
_pdbx_database_remark.text   
;SEQUENCE 
The assignement of Ile94 was based on high resolution
electron density maps
;
# 
loop_
_pdbx_unobs_or_zero_occ_residues.id 
_pdbx_unobs_or_zero_occ_residues.PDB_model_num 
_pdbx_unobs_or_zero_occ_residues.polymer_flag 
_pdbx_unobs_or_zero_occ_residues.occupancy_flag 
_pdbx_unobs_or_zero_occ_residues.auth_asym_id 
_pdbx_unobs_or_zero_occ_residues.auth_comp_id 
_pdbx_unobs_or_zero_occ_residues.auth_seq_id 
_pdbx_unobs_or_zero_occ_residues.PDB_ins_code 
_pdbx_unobs_or_zero_occ_residues.label_asym_id 
_pdbx_unobs_or_zero_occ_residues.label_comp_id 
_pdbx_unobs_or_zero_occ_residues.label_seq_id 
1  1 Y 1 A MET -15 ? A MET 1  
2  1 Y 1 A GLY -14 ? A GLY 2  
3  1 Y 1 A SER -13 ? A SER 3  
4  1 Y 1 A SER -12 ? A SER 4  
5  1 Y 1 A HIS -11 ? A HIS 5  
6  1 Y 1 A HIS -10 ? A HIS 6  
7  1 Y 1 A HIS -9  ? A HIS 7  
8  1 Y 1 A HIS -8  ? A HIS 8  
9  1 Y 1 A HIS -7  ? A HIS 9  
10 1 Y 1 A HIS -6  ? A HIS 10 
11 1 Y 1 A SER -5  ? A SER 11 
12 1 Y 1 A SER -4  ? A SER 12 
13 1 Y 1 A GLY -3  ? A GLY 13 
14 1 Y 1 A ARG -2  ? A ARG 14 
15 1 Y 1 A GLU -1  ? A GLU 15 
# 
loop_
_chem_comp_atom.comp_id 
_chem_comp_atom.atom_id 
_chem_comp_atom.type_symbol 
_chem_comp_atom.pdbx_aromatic_flag 
_chem_comp_atom.pdbx_stereo_config 
_chem_comp_atom.pdbx_ordinal 
ALA N    N  N N 1   
ALA CA   C  N S 2   
ALA C    C  N N 3   
ALA O    O  N N 4   
ALA CB   C  N N 5   
ALA OXT  O  N N 6   
ALA H    H  N N 7   
ALA H2   H  N N 8   
ALA HA   H  N N 9   
ALA HB1  H  N N 10  
ALA HB2  H  N N 11  
ALA HB3  H  N N 12  
ALA HXT  H  N N 13  
ARG N    N  N N 14  
ARG CA   C  N S 15  
ARG C    C  N N 16  
ARG O    O  N N 17  
ARG CB   C  N N 18  
ARG CG   C  N N 19  
ARG CD   C  N N 20  
ARG NE   N  N N 21  
ARG CZ   C  N N 22  
ARG NH1  N  N N 23  
ARG NH2  N  N N 24  
ARG OXT  O  N N 25  
ARG H    H  N N 26  
ARG H2   H  N N 27  
ARG HA   H  N N 28  
ARG HB2  H  N N 29  
ARG HB3  H  N N 30  
ARG HG2  H  N N 31  
ARG HG3  H  N N 32  
ARG HD2  H  N N 33  
ARG HD3  H  N N 34  
ARG HE   H  N N 35  
ARG HH11 H  N N 36  
ARG HH12 H  N N 37  
ARG HH21 H  N N 38  
ARG HH22 H  N N 39  
ARG HXT  H  N N 40  
ASN N    N  N N 41  
ASN CA   C  N S 42  
ASN C    C  N N 43  
ASN O    O  N N 44  
ASN CB   C  N N 45  
ASN CG   C  N N 46  
ASN OD1  O  N N 47  
ASN ND2  N  N N 48  
ASN OXT  O  N N 49  
ASN H    H  N N 50  
ASN H2   H  N N 51  
ASN HA   H  N N 52  
ASN HB2  H  N N 53  
ASN HB3  H  N N 54  
ASN HD21 H  N N 55  
ASN HD22 H  N N 56  
ASN HXT  H  N N 57  
ASP N    N  N N 58  
ASP CA   C  N S 59  
ASP C    C  N N 60  
ASP O    O  N N 61  
ASP CB   C  N N 62  
ASP CG   C  N N 63  
ASP OD1  O  N N 64  
ASP OD2  O  N N 65  
ASP OXT  O  N N 66  
ASP H    H  N N 67  
ASP H2   H  N N 68  
ASP HA   H  N N 69  
ASP HB2  H  N N 70  
ASP HB3  H  N N 71  
ASP HD2  H  N N 72  
ASP HXT  H  N N 73  
CYS N    N  N N 74  
CYS CA   C  N R 75  
CYS C    C  N N 76  
CYS O    O  N N 77  
CYS CB   C  N N 78  
CYS SG   S  N N 79  
CYS OXT  O  N N 80  
CYS H    H  N N 81  
CYS H2   H  N N 82  
CYS HA   H  N N 83  
CYS HB2  H  N N 84  
CYS HB3  H  N N 85  
CYS HG   H  N N 86  
CYS HXT  H  N N 87  
GLN N    N  N N 88  
GLN CA   C  N S 89  
GLN C    C  N N 90  
GLN O    O  N N 91  
GLN CB   C  N N 92  
GLN CG   C  N N 93  
GLN CD   C  N N 94  
GLN OE1  O  N N 95  
GLN NE2  N  N N 96  
GLN OXT  O  N N 97  
GLN H    H  N N 98  
GLN H2   H  N N 99  
GLN HA   H  N N 100 
GLN HB2  H  N N 101 
GLN HB3  H  N N 102 
GLN HG2  H  N N 103 
GLN HG3  H  N N 104 
GLN HE21 H  N N 105 
GLN HE22 H  N N 106 
GLN HXT  H  N N 107 
GLU N    N  N N 108 
GLU CA   C  N S 109 
GLU C    C  N N 110 
GLU O    O  N N 111 
GLU CB   C  N N 112 
GLU CG   C  N N 113 
GLU CD   C  N N 114 
GLU OE1  O  N N 115 
GLU OE2  O  N N 116 
GLU OXT  O  N N 117 
GLU H    H  N N 118 
GLU H2   H  N N 119 
GLU HA   H  N N 120 
GLU HB2  H  N N 121 
GLU HB3  H  N N 122 
GLU HG2  H  N N 123 
GLU HG3  H  N N 124 
GLU HE2  H  N N 125 
GLU HXT  H  N N 126 
GLY N    N  N N 127 
GLY CA   C  N N 128 
GLY C    C  N N 129 
GLY O    O  N N 130 
GLY OXT  O  N N 131 
GLY H    H  N N 132 
GLY H2   H  N N 133 
GLY HA2  H  N N 134 
GLY HA3  H  N N 135 
GLY HXT  H  N N 136 
HIS N    N  N N 137 
HIS CA   C  N S 138 
HIS C    C  N N 139 
HIS O    O  N N 140 
HIS CB   C  N N 141 
HIS CG   C  Y N 142 
HIS ND1  N  Y N 143 
HIS CD2  C  Y N 144 
HIS CE1  C  Y N 145 
HIS NE2  N  Y N 146 
HIS OXT  O  N N 147 
HIS H    H  N N 148 
HIS H2   H  N N 149 
HIS HA   H  N N 150 
HIS HB2  H  N N 151 
HIS HB3  H  N N 152 
HIS HD1  H  N N 153 
HIS HD2  H  N N 154 
HIS HE1  H  N N 155 
HIS HE2  H  N N 156 
HIS HXT  H  N N 157 
HOH O    O  N N 158 
HOH H1   H  N N 159 
HOH H2   H  N N 160 
ILE N    N  N N 161 
ILE CA   C  N S 162 
ILE C    C  N N 163 
ILE O    O  N N 164 
ILE CB   C  N S 165 
ILE CG1  C  N N 166 
ILE CG2  C  N N 167 
ILE CD1  C  N N 168 
ILE OXT  O  N N 169 
ILE H    H  N N 170 
ILE H2   H  N N 171 
ILE HA   H  N N 172 
ILE HB   H  N N 173 
ILE HG12 H  N N 174 
ILE HG13 H  N N 175 
ILE HG21 H  N N 176 
ILE HG22 H  N N 177 
ILE HG23 H  N N 178 
ILE HD11 H  N N 179 
ILE HD12 H  N N 180 
ILE HD13 H  N N 181 
ILE HXT  H  N N 182 
LEU N    N  N N 183 
LEU CA   C  N S 184 
LEU C    C  N N 185 
LEU O    O  N N 186 
LEU CB   C  N N 187 
LEU CG   C  N N 188 
LEU CD1  C  N N 189 
LEU CD2  C  N N 190 
LEU OXT  O  N N 191 
LEU H    H  N N 192 
LEU H2   H  N N 193 
LEU HA   H  N N 194 
LEU HB2  H  N N 195 
LEU HB3  H  N N 196 
LEU HG   H  N N 197 
LEU HD11 H  N N 198 
LEU HD12 H  N N 199 
LEU HD13 H  N N 200 
LEU HD21 H  N N 201 
LEU HD22 H  N N 202 
LEU HD23 H  N N 203 
LEU HXT  H  N N 204 
LYS N    N  N N 205 
LYS CA   C  N S 206 
LYS C    C  N N 207 
LYS O    O  N N 208 
LYS CB   C  N N 209 
LYS CG   C  N N 210 
LYS CD   C  N N 211 
LYS CE   C  N N 212 
LYS NZ   N  N N 213 
LYS OXT  O  N N 214 
LYS H    H  N N 215 
LYS H2   H  N N 216 
LYS HA   H  N N 217 
LYS HB2  H  N N 218 
LYS HB3  H  N N 219 
LYS HG2  H  N N 220 
LYS HG3  H  N N 221 
LYS HD2  H  N N 222 
LYS HD3  H  N N 223 
LYS HE2  H  N N 224 
LYS HE3  H  N N 225 
LYS HZ1  H  N N 226 
LYS HZ2  H  N N 227 
LYS HZ3  H  N N 228 
LYS HXT  H  N N 229 
MET N    N  N N 230 
MET CA   C  N S 231 
MET C    C  N N 232 
MET O    O  N N 233 
MET CB   C  N N 234 
MET CG   C  N N 235 
MET SD   S  N N 236 
MET CE   C  N N 237 
MET OXT  O  N N 238 
MET H    H  N N 239 
MET H2   H  N N 240 
MET HA   H  N N 241 
MET HB2  H  N N 242 
MET HB3  H  N N 243 
MET HG2  H  N N 244 
MET HG3  H  N N 245 
MET HE1  H  N N 246 
MET HE2  H  N N 247 
MET HE3  H  N N 248 
MET HXT  H  N N 249 
MSE N    N  N N 250 
MSE CA   C  N S 251 
MSE C    C  N N 252 
MSE O    O  N N 253 
MSE OXT  O  N N 254 
MSE CB   C  N N 255 
MSE CG   C  N N 256 
MSE SE   SE N N 257 
MSE CE   C  N N 258 
MSE H    H  N N 259 
MSE H2   H  N N 260 
MSE HA   H  N N 261 
MSE HXT  H  N N 262 
MSE HB2  H  N N 263 
MSE HB3  H  N N 264 
MSE HG2  H  N N 265 
MSE HG3  H  N N 266 
MSE HE1  H  N N 267 
MSE HE2  H  N N 268 
MSE HE3  H  N N 269 
PHE N    N  N N 270 
PHE CA   C  N S 271 
PHE C    C  N N 272 
PHE O    O  N N 273 
PHE CB   C  N N 274 
PHE CG   C  Y N 275 
PHE CD1  C  Y N 276 
PHE CD2  C  Y N 277 
PHE CE1  C  Y N 278 
PHE CE2  C  Y N 279 
PHE CZ   C  Y N 280 
PHE OXT  O  N N 281 
PHE H    H  N N 282 
PHE H2   H  N N 283 
PHE HA   H  N N 284 
PHE HB2  H  N N 285 
PHE HB3  H  N N 286 
PHE HD1  H  N N 287 
PHE HD2  H  N N 288 
PHE HE1  H  N N 289 
PHE HE2  H  N N 290 
PHE HZ   H  N N 291 
PHE HXT  H  N N 292 
PRO N    N  N N 293 
PRO CA   C  N S 294 
PRO C    C  N N 295 
PRO O    O  N N 296 
PRO CB   C  N N 297 
PRO CG   C  N N 298 
PRO CD   C  N N 299 
PRO OXT  O  N N 300 
PRO H    H  N N 301 
PRO HA   H  N N 302 
PRO HB2  H  N N 303 
PRO HB3  H  N N 304 
PRO HG2  H  N N 305 
PRO HG3  H  N N 306 
PRO HD2  H  N N 307 
PRO HD3  H  N N 308 
PRO HXT  H  N N 309 
SER N    N  N N 310 
SER CA   C  N S 311 
SER C    C  N N 312 
SER O    O  N N 313 
SER CB   C  N N 314 
SER OG   O  N N 315 
SER OXT  O  N N 316 
SER H    H  N N 317 
SER H2   H  N N 318 
SER HA   H  N N 319 
SER HB2  H  N N 320 
SER HB3  H  N N 321 
SER HG   H  N N 322 
SER HXT  H  N N 323 
THR N    N  N N 324 
THR CA   C  N S 325 
THR C    C  N N 326 
THR O    O  N N 327 
THR CB   C  N R 328 
THR OG1  O  N N 329 
THR CG2  C  N N 330 
THR OXT  O  N N 331 
THR H    H  N N 332 
THR H2   H  N N 333 
THR HA   H  N N 334 
THR HB   H  N N 335 
THR HG1  H  N N 336 
THR HG21 H  N N 337 
THR HG22 H  N N 338 
THR HG23 H  N N 339 
THR HXT  H  N N 340 
TRP N    N  N N 341 
TRP CA   C  N S 342 
TRP C    C  N N 343 
TRP O    O  N N 344 
TRP CB   C  N N 345 
TRP CG   C  Y N 346 
TRP CD1  C  Y N 347 
TRP CD2  C  Y N 348 
TRP NE1  N  Y N 349 
TRP CE2  C  Y N 350 
TRP CE3  C  Y N 351 
TRP CZ2  C  Y N 352 
TRP CZ3  C  Y N 353 
TRP CH2  C  Y N 354 
TRP OXT  O  N N 355 
TRP H    H  N N 356 
TRP H2   H  N N 357 
TRP HA   H  N N 358 
TRP HB2  H  N N 359 
TRP HB3  H  N N 360 
TRP HD1  H  N N 361 
TRP HE1  H  N N 362 
TRP HE3  H  N N 363 
TRP HZ2  H  N N 364 
TRP HZ3  H  N N 365 
TRP HH2  H  N N 366 
TRP HXT  H  N N 367 
TYR N    N  N N 368 
TYR CA   C  N S 369 
TYR C    C  N N 370 
TYR O    O  N N 371 
TYR CB   C  N N 372 
TYR CG   C  Y N 373 
TYR CD1  C  Y N 374 
TYR CD2  C  Y N 375 
TYR CE1  C  Y N 376 
TYR CE2  C  Y N 377 
TYR CZ   C  Y N 378 
TYR OH   O  N N 379 
TYR OXT  O  N N 380 
TYR H    H  N N 381 
TYR H2   H  N N 382 
TYR HA   H  N N 383 
TYR HB2  H  N N 384 
TYR HB3  H  N N 385 
TYR HD1  H  N N 386 
TYR HD2  H  N N 387 
TYR HE1  H  N N 388 
TYR HE2  H  N N 389 
TYR HH   H  N N 390 
TYR HXT  H  N N 391 
VAL N    N  N N 392 
VAL CA   C  N S 393 
VAL C    C  N N 394 
VAL O    O  N N 395 
VAL CB   C  N N 396 
VAL CG1  C  N N 397 
VAL CG2  C  N N 398 
VAL OXT  O  N N 399 
VAL H    H  N N 400 
VAL H2   H  N N 401 
VAL HA   H  N N 402 
VAL HB   H  N N 403 
VAL HG11 H  N N 404 
VAL HG12 H  N N 405 
VAL HG13 H  N N 406 
VAL HG21 H  N N 407 
VAL HG22 H  N N 408 
VAL HG23 H  N N 409 
VAL HXT  H  N N 410 
# 
loop_
_chem_comp_bond.comp_id 
_chem_comp_bond.atom_id_1 
_chem_comp_bond.atom_id_2 
_chem_comp_bond.value_order 
_chem_comp_bond.pdbx_aromatic_flag 
_chem_comp_bond.pdbx_stereo_config 
_chem_comp_bond.pdbx_ordinal 
ALA N   CA   sing N N 1   
ALA N   H    sing N N 2   
ALA N   H2   sing N N 3   
ALA CA  C    sing N N 4   
ALA CA  CB   sing N N 5   
ALA CA  HA   sing N N 6   
ALA C   O    doub N N 7   
ALA C   OXT  sing N N 8   
ALA CB  HB1  sing N N 9   
ALA CB  HB2  sing N N 10  
ALA CB  HB3  sing N N 11  
ALA OXT HXT  sing N N 12  
ARG N   CA   sing N N 13  
ARG N   H    sing N N 14  
ARG N   H2   sing N N 15  
ARG CA  C    sing N N 16  
ARG CA  CB   sing N N 17  
ARG CA  HA   sing N N 18  
ARG C   O    doub N N 19  
ARG C   OXT  sing N N 20  
ARG CB  CG   sing N N 21  
ARG CB  HB2  sing N N 22  
ARG CB  HB3  sing N N 23  
ARG CG  CD   sing N N 24  
ARG CG  HG2  sing N N 25  
ARG CG  HG3  sing N N 26  
ARG CD  NE   sing N N 27  
ARG CD  HD2  sing N N 28  
ARG CD  HD3  sing N N 29  
ARG NE  CZ   sing N N 30  
ARG NE  HE   sing N N 31  
ARG CZ  NH1  sing N N 32  
ARG CZ  NH2  doub N N 33  
ARG NH1 HH11 sing N N 34  
ARG NH1 HH12 sing N N 35  
ARG NH2 HH21 sing N N 36  
ARG NH2 HH22 sing N N 37  
ARG OXT HXT  sing N N 38  
ASN N   CA   sing N N 39  
ASN N   H    sing N N 40  
ASN N   H2   sing N N 41  
ASN CA  C    sing N N 42  
ASN CA  CB   sing N N 43  
ASN CA  HA   sing N N 44  
ASN C   O    doub N N 45  
ASN C   OXT  sing N N 46  
ASN CB  CG   sing N N 47  
ASN CB  HB2  sing N N 48  
ASN CB  HB3  sing N N 49  
ASN CG  OD1  doub N N 50  
ASN CG  ND2  sing N N 51  
ASN ND2 HD21 sing N N 52  
ASN ND2 HD22 sing N N 53  
ASN OXT HXT  sing N N 54  
ASP N   CA   sing N N 55  
ASP N   H    sing N N 56  
ASP N   H2   sing N N 57  
ASP CA  C    sing N N 58  
ASP CA  CB   sing N N 59  
ASP CA  HA   sing N N 60  
ASP C   O    doub N N 61  
ASP C   OXT  sing N N 62  
ASP CB  CG   sing N N 63  
ASP CB  HB2  sing N N 64  
ASP CB  HB3  sing N N 65  
ASP CG  OD1  doub N N 66  
ASP CG  OD2  sing N N 67  
ASP OD2 HD2  sing N N 68  
ASP OXT HXT  sing N N 69  
CYS N   CA   sing N N 70  
CYS N   H    sing N N 71  
CYS N   H2   sing N N 72  
CYS CA  C    sing N N 73  
CYS CA  CB   sing N N 74  
CYS CA  HA   sing N N 75  
CYS C   O    doub N N 76  
CYS C   OXT  sing N N 77  
CYS CB  SG   sing N N 78  
CYS CB  HB2  sing N N 79  
CYS CB  HB3  sing N N 80  
CYS SG  HG   sing N N 81  
CYS OXT HXT  sing N N 82  
GLN N   CA   sing N N 83  
GLN N   H    sing N N 84  
GLN N   H2   sing N N 85  
GLN CA  C    sing N N 86  
GLN CA  CB   sing N N 87  
GLN CA  HA   sing N N 88  
GLN C   O    doub N N 89  
GLN C   OXT  sing N N 90  
GLN CB  CG   sing N N 91  
GLN CB  HB2  sing N N 92  
GLN CB  HB3  sing N N 93  
GLN CG  CD   sing N N 94  
GLN CG  HG2  sing N N 95  
GLN CG  HG3  sing N N 96  
GLN CD  OE1  doub N N 97  
GLN CD  NE2  sing N N 98  
GLN NE2 HE21 sing N N 99  
GLN NE2 HE22 sing N N 100 
GLN OXT HXT  sing N N 101 
GLU N   CA   sing N N 102 
GLU N   H    sing N N 103 
GLU N   H2   sing N N 104 
GLU CA  C    sing N N 105 
GLU CA  CB   sing N N 106 
GLU CA  HA   sing N N 107 
GLU C   O    doub N N 108 
GLU C   OXT  sing N N 109 
GLU CB  CG   sing N N 110 
GLU CB  HB2  sing N N 111 
GLU CB  HB3  sing N N 112 
GLU CG  CD   sing N N 113 
GLU CG  HG2  sing N N 114 
GLU CG  HG3  sing N N 115 
GLU CD  OE1  doub N N 116 
GLU CD  OE2  sing N N 117 
GLU OE2 HE2  sing N N 118 
GLU OXT HXT  sing N N 119 
GLY N   CA   sing N N 120 
GLY N   H    sing N N 121 
GLY N   H2   sing N N 122 
GLY CA  C    sing N N 123 
GLY CA  HA2  sing N N 124 
GLY CA  HA3  sing N N 125 
GLY C   O    doub N N 126 
GLY C   OXT  sing N N 127 
GLY OXT HXT  sing N N 128 
HIS N   CA   sing N N 129 
HIS N   H    sing N N 130 
HIS N   H2   sing N N 131 
HIS CA  C    sing N N 132 
HIS CA  CB   sing N N 133 
HIS CA  HA   sing N N 134 
HIS C   O    doub N N 135 
HIS C   OXT  sing N N 136 
HIS CB  CG   sing N N 137 
HIS CB  HB2  sing N N 138 
HIS CB  HB3  sing N N 139 
HIS CG  ND1  sing Y N 140 
HIS CG  CD2  doub Y N 141 
HIS ND1 CE1  doub Y N 142 
HIS ND1 HD1  sing N N 143 
HIS CD2 NE2  sing Y N 144 
HIS CD2 HD2  sing N N 145 
HIS CE1 NE2  sing Y N 146 
HIS CE1 HE1  sing N N 147 
HIS NE2 HE2  sing N N 148 
HIS OXT HXT  sing N N 149 
HOH O   H1   sing N N 150 
HOH O   H2   sing N N 151 
ILE N   CA   sing N N 152 
ILE N   H    sing N N 153 
ILE N   H2   sing N N 154 
ILE CA  C    sing N N 155 
ILE CA  CB   sing N N 156 
ILE CA  HA   sing N N 157 
ILE C   O    doub N N 158 
ILE C   OXT  sing N N 159 
ILE CB  CG1  sing N N 160 
ILE CB  CG2  sing N N 161 
ILE CB  HB   sing N N 162 
ILE CG1 CD1  sing N N 163 
ILE CG1 HG12 sing N N 164 
ILE CG1 HG13 sing N N 165 
ILE CG2 HG21 sing N N 166 
ILE CG2 HG22 sing N N 167 
ILE CG2 HG23 sing N N 168 
ILE CD1 HD11 sing N N 169 
ILE CD1 HD12 sing N N 170 
ILE CD1 HD13 sing N N 171 
ILE OXT HXT  sing N N 172 
LEU N   CA   sing N N 173 
LEU N   H    sing N N 174 
LEU N   H2   sing N N 175 
LEU CA  C    sing N N 176 
LEU CA  CB   sing N N 177 
LEU CA  HA   sing N N 178 
LEU C   O    doub N N 179 
LEU C   OXT  sing N N 180 
LEU CB  CG   sing N N 181 
LEU CB  HB2  sing N N 182 
LEU CB  HB3  sing N N 183 
LEU CG  CD1  sing N N 184 
LEU CG  CD2  sing N N 185 
LEU CG  HG   sing N N 186 
LEU CD1 HD11 sing N N 187 
LEU CD1 HD12 sing N N 188 
LEU CD1 HD13 sing N N 189 
LEU CD2 HD21 sing N N 190 
LEU CD2 HD22 sing N N 191 
LEU CD2 HD23 sing N N 192 
LEU OXT HXT  sing N N 193 
LYS N   CA   sing N N 194 
LYS N   H    sing N N 195 
LYS N   H2   sing N N 196 
LYS CA  C    sing N N 197 
LYS CA  CB   sing N N 198 
LYS CA  HA   sing N N 199 
LYS C   O    doub N N 200 
LYS C   OXT  sing N N 201 
LYS CB  CG   sing N N 202 
LYS CB  HB2  sing N N 203 
LYS CB  HB3  sing N N 204 
LYS CG  CD   sing N N 205 
LYS CG  HG2  sing N N 206 
LYS CG  HG3  sing N N 207 
LYS CD  CE   sing N N 208 
LYS CD  HD2  sing N N 209 
LYS CD  HD3  sing N N 210 
LYS CE  NZ   sing N N 211 
LYS CE  HE2  sing N N 212 
LYS CE  HE3  sing N N 213 
LYS NZ  HZ1  sing N N 214 
LYS NZ  HZ2  sing N N 215 
LYS NZ  HZ3  sing N N 216 
LYS OXT HXT  sing N N 217 
MET N   CA   sing N N 218 
MET N   H    sing N N 219 
MET N   H2   sing N N 220 
MET CA  C    sing N N 221 
MET CA  CB   sing N N 222 
MET CA  HA   sing N N 223 
MET C   O    doub N N 224 
MET C   OXT  sing N N 225 
MET CB  CG   sing N N 226 
MET CB  HB2  sing N N 227 
MET CB  HB3  sing N N 228 
MET CG  SD   sing N N 229 
MET CG  HG2  sing N N 230 
MET CG  HG3  sing N N 231 
MET SD  CE   sing N N 232 
MET CE  HE1  sing N N 233 
MET CE  HE2  sing N N 234 
MET CE  HE3  sing N N 235 
MET OXT HXT  sing N N 236 
MSE N   CA   sing N N 237 
MSE N   H    sing N N 238 
MSE N   H2   sing N N 239 
MSE CA  C    sing N N 240 
MSE CA  CB   sing N N 241 
MSE CA  HA   sing N N 242 
MSE C   O    doub N N 243 
MSE C   OXT  sing N N 244 
MSE OXT HXT  sing N N 245 
MSE CB  CG   sing N N 246 
MSE CB  HB2  sing N N 247 
MSE CB  HB3  sing N N 248 
MSE CG  SE   sing N N 249 
MSE CG  HG2  sing N N 250 
MSE CG  HG3  sing N N 251 
MSE SE  CE   sing N N 252 
MSE CE  HE1  sing N N 253 
MSE CE  HE2  sing N N 254 
MSE CE  HE3  sing N N 255 
PHE N   CA   sing N N 256 
PHE N   H    sing N N 257 
PHE N   H2   sing N N 258 
PHE CA  C    sing N N 259 
PHE CA  CB   sing N N 260 
PHE CA  HA   sing N N 261 
PHE C   O    doub N N 262 
PHE C   OXT  sing N N 263 
PHE CB  CG   sing N N 264 
PHE CB  HB2  sing N N 265 
PHE CB  HB3  sing N N 266 
PHE CG  CD1  doub Y N 267 
PHE CG  CD2  sing Y N 268 
PHE CD1 CE1  sing Y N 269 
PHE CD1 HD1  sing N N 270 
PHE CD2 CE2  doub Y N 271 
PHE CD2 HD2  sing N N 272 
PHE CE1 CZ   doub Y N 273 
PHE CE1 HE1  sing N N 274 
PHE CE2 CZ   sing Y N 275 
PHE CE2 HE2  sing N N 276 
PHE CZ  HZ   sing N N 277 
PHE OXT HXT  sing N N 278 
PRO N   CA   sing N N 279 
PRO N   CD   sing N N 280 
PRO N   H    sing N N 281 
PRO CA  C    sing N N 282 
PRO CA  CB   sing N N 283 
PRO CA  HA   sing N N 284 
PRO C   O    doub N N 285 
PRO C   OXT  sing N N 286 
PRO CB  CG   sing N N 287 
PRO CB  HB2  sing N N 288 
PRO CB  HB3  sing N N 289 
PRO CG  CD   sing N N 290 
PRO CG  HG2  sing N N 291 
PRO CG  HG3  sing N N 292 
PRO CD  HD2  sing N N 293 
PRO CD  HD3  sing N N 294 
PRO OXT HXT  sing N N 295 
SER N   CA   sing N N 296 
SER N   H    sing N N 297 
SER N   H2   sing N N 298 
SER CA  C    sing N N 299 
SER CA  CB   sing N N 300 
SER CA  HA   sing N N 301 
SER C   O    doub N N 302 
SER C   OXT  sing N N 303 
SER CB  OG   sing N N 304 
SER CB  HB2  sing N N 305 
SER CB  HB3  sing N N 306 
SER OG  HG   sing N N 307 
SER OXT HXT  sing N N 308 
THR N   CA   sing N N 309 
THR N   H    sing N N 310 
THR N   H2   sing N N 311 
THR CA  C    sing N N 312 
THR CA  CB   sing N N 313 
THR CA  HA   sing N N 314 
THR C   O    doub N N 315 
THR C   OXT  sing N N 316 
THR CB  OG1  sing N N 317 
THR CB  CG2  sing N N 318 
THR CB  HB   sing N N 319 
THR OG1 HG1  sing N N 320 
THR CG2 HG21 sing N N 321 
THR CG2 HG22 sing N N 322 
THR CG2 HG23 sing N N 323 
THR OXT HXT  sing N N 324 
TRP N   CA   sing N N 325 
TRP N   H    sing N N 326 
TRP N   H2   sing N N 327 
TRP CA  C    sing N N 328 
TRP CA  CB   sing N N 329 
TRP CA  HA   sing N N 330 
TRP C   O    doub N N 331 
TRP C   OXT  sing N N 332 
TRP CB  CG   sing N N 333 
TRP CB  HB2  sing N N 334 
TRP CB  HB3  sing N N 335 
TRP CG  CD1  doub Y N 336 
TRP CG  CD2  sing Y N 337 
TRP CD1 NE1  sing Y N 338 
TRP CD1 HD1  sing N N 339 
TRP CD2 CE2  doub Y N 340 
TRP CD2 CE3  sing Y N 341 
TRP NE1 CE2  sing Y N 342 
TRP NE1 HE1  sing N N 343 
TRP CE2 CZ2  sing Y N 344 
TRP CE3 CZ3  doub Y N 345 
TRP CE3 HE3  sing N N 346 
TRP CZ2 CH2  doub Y N 347 
TRP CZ2 HZ2  sing N N 348 
TRP CZ3 CH2  sing Y N 349 
TRP CZ3 HZ3  sing N N 350 
TRP CH2 HH2  sing N N 351 
TRP OXT HXT  sing N N 352 
TYR N   CA   sing N N 353 
TYR N   H    sing N N 354 
TYR N   H2   sing N N 355 
TYR CA  C    sing N N 356 
TYR CA  CB   sing N N 357 
TYR CA  HA   sing N N 358 
TYR C   O    doub N N 359 
TYR C   OXT  sing N N 360 
TYR CB  CG   sing N N 361 
TYR CB  HB2  sing N N 362 
TYR CB  HB3  sing N N 363 
TYR CG  CD1  doub Y N 364 
TYR CG  CD2  sing Y N 365 
TYR CD1 CE1  sing Y N 366 
TYR CD1 HD1  sing N N 367 
TYR CD2 CE2  doub Y N 368 
TYR CD2 HD2  sing N N 369 
TYR CE1 CZ   doub Y N 370 
TYR CE1 HE1  sing N N 371 
TYR CE2 CZ   sing Y N 372 
TYR CE2 HE2  sing N N 373 
TYR CZ  OH   sing N N 374 
TYR OH  HH   sing N N 375 
TYR OXT HXT  sing N N 376 
VAL N   CA   sing N N 377 
VAL N   H    sing N N 378 
VAL N   H2   sing N N 379 
VAL CA  C    sing N N 380 
VAL CA  CB   sing N N 381 
VAL CA  HA   sing N N 382 
VAL C   O    doub N N 383 
VAL C   OXT  sing N N 384 
VAL CB  CG1  sing N N 385 
VAL CB  CG2  sing N N 386 
VAL CB  HB   sing N N 387 
VAL CG1 HG11 sing N N 388 
VAL CG1 HG12 sing N N 389 
VAL CG1 HG13 sing N N 390 
VAL CG2 HG21 sing N N 391 
VAL CG2 HG22 sing N N 392 
VAL CG2 HG23 sing N N 393 
VAL OXT HXT  sing N N 394 
# 
_atom_sites.entry_id                    1KR4 
_atom_sites.fract_transf_matrix[1][1]   0.02173061 
_atom_sites.fract_transf_matrix[1][2]   0.00387740 
_atom_sites.fract_transf_matrix[1][3]   -0.00118649 
_atom_sites.fract_transf_matrix[2][1]   0.01317832 
_atom_sites.fract_transf_matrix[2][2]   -0.00570115 
_atom_sites.fract_transf_matrix[2][3]   0.01680654 
_atom_sites.fract_transf_matrix[3][1]   0.00407754 
_atom_sites.fract_transf_matrix[3][2]   -0.02659084 
_atom_sites.fract_transf_matrix[3][3]   -0.01221748 
_atom_sites.fract_transf_vector[1]      0.518211 
_atom_sites.fract_transf_vector[2]      1.427812 
_atom_sites.fract_transf_vector[3]      1.847675 
# 
loop_
_atom_type.symbol 
C  
N  
O  
S  
SE 
# 
loop_
_atom_site.group_PDB 
_atom_site.id 
_atom_site.type_symbol 
_atom_site.label_atom_id 
_atom_site.label_alt_id 
_atom_site.label_comp_id 
_atom_site.label_asym_id 
_atom_site.label_entity_id 
_atom_site.label_seq_id 
_atom_site.pdbx_PDB_ins_code 
_atom_site.Cartn_x 
_atom_site.Cartn_y 
_atom_site.Cartn_z 
_atom_site.occupancy 
_atom_site.B_iso_or_equiv 
_atom_site.pdbx_formal_charge 
_atom_site.auth_seq_id 
_atom_site.auth_comp_id 
_atom_site.auth_asym_id 
_atom_site.auth_atom_id 
_atom_site.pdbx_PDB_model_num 
ATOM   1    N  N   . ALA A 1 16  ? 24.366  -11.441 -1.547  1.00 21.25 ? 0   ALA A N   1 
ATOM   2    C  CA  . ALA A 1 16  ? 24.856  -10.281 -2.345  1.00 20.64 ? 0   ALA A CA  1 
ATOM   3    C  C   . ALA A 1 16  ? 24.304  -8.975  -1.778  1.00 19.75 ? 0   ALA A C   1 
ATOM   4    O  O   . ALA A 1 16  ? 23.529  -8.986  -0.823  1.00 20.22 ? 0   ALA A O   1 
ATOM   5    C  CB  . ALA A 1 16  ? 24.434  -10.438 -3.801  1.00 21.40 ? 0   ALA A CB  1 
ATOM   6    N  N   . LEU A 1 17  ? 24.719  -7.854  -2.361  1.00 18.94 ? 1   LEU A N   1 
ATOM   7    C  CA  . LEU A 1 17  ? 24.260  -6.540  -1.920  1.00 17.77 ? 1   LEU A CA  1 
ATOM   8    C  C   . LEU A 1 17  ? 22.747  -6.437  -2.100  1.00 17.32 ? 1   LEU A C   1 
ATOM   9    O  O   . LEU A 1 17  ? 22.048  -5.823  -1.291  1.00 16.75 ? 1   LEU A O   1 
ATOM   10   C  CB  . LEU A 1 17  ? 24.951  -5.445  -2.738  1.00 17.82 ? 1   LEU A CB  1 
ATOM   11   C  CG  . LEU A 1 17  ? 24.646  -3.992  -2.369  1.00 17.61 ? 1   LEU A CG  1 
ATOM   12   C  CD1 . LEU A 1 17  ? 25.074  -3.724  -0.931  1.00 17.04 ? 1   LEU A CD1 1 
ATOM   13   C  CD2 . LEU A 1 17  ? 25.379  -3.060  -3.329  1.00 17.79 ? 1   LEU A CD2 1 
ATOM   14   N  N   . TYR A 1 18  ? 22.254  -7.042  -3.174  1.00 16.59 ? 2   TYR A N   1 
ATOM   15   C  CA  . TYR A 1 18  ? 20.826  -7.043  -3.472  1.00 16.37 ? 2   TYR A CA  1 
ATOM   16   C  C   . TYR A 1 18  ? 20.462  -8.322  -4.210  1.00 16.33 ? 2   TYR A C   1 
ATOM   17   O  O   . TYR A 1 18  ? 21.330  -8.986  -4.773  1.00 16.05 ? 2   TYR A O   1 
ATOM   18   C  CB  . TYR A 1 18  ? 20.454  -5.833  -4.339  1.00 17.02 ? 2   TYR A CB  1 
ATOM   19   C  CG  . TYR A 1 18  ? 21.171  -5.773  -5.674  1.00 17.35 ? 2   TYR A CG  1 
ATOM   20   C  CD1 . TYR A 1 18  ? 22.487  -5.316  -5.765  1.00 18.09 ? 2   TYR A CD1 1 
ATOM   21   C  CD2 . TYR A 1 18  ? 20.537  -6.190  -6.846  1.00 17.68 ? 2   TYR A CD2 1 
ATOM   22   C  CE1 . TYR A 1 18  ? 23.155  -5.275  -6.995  1.00 18.33 ? 2   TYR A CE1 1 
ATOM   23   C  CE2 . TYR A 1 18  ? 21.192  -6.156  -8.077  1.00 18.28 ? 2   TYR A CE2 1 
ATOM   24   C  CZ  . TYR A 1 18  ? 22.500  -5.697  -8.143  1.00 18.25 ? 2   TYR A CZ  1 
ATOM   25   O  OH  . TYR A 1 18  ? 23.150  -5.661  -9.359  1.00 19.26 ? 2   TYR A OH  1 
ATOM   26   N  N   . PHE A 1 19  ? 19.179  -8.674  -4.192  1.00 15.82 ? 3   PHE A N   1 
ATOM   27   C  CA  . PHE A 1 19  ? 18.703  -9.862  -4.886  1.00 16.20 ? 3   PHE A CA  1 
ATOM   28   C  C   . PHE A 1 19  ? 17.220  -9.699  -5.200  1.00 16.44 ? 3   PHE A C   1 
ATOM   29   O  O   . PHE A 1 19  ? 16.622  -8.682  -4.849  1.00 15.65 ? 3   PHE A O   1 
ATOM   30   C  CB  . PHE A 1 19  ? 18.969  -11.135 -4.055  1.00 16.32 ? 3   PHE A CB  1 
ATOM   31   C  CG  . PHE A 1 19  ? 18.036  -11.332 -2.889  1.00 16.45 ? 3   PHE A CG  1 
ATOM   32   C  CD1 . PHE A 1 19  ? 17.878  -10.348 -1.920  1.00 16.68 ? 3   PHE A CD1 1 
ATOM   33   C  CD2 . PHE A 1 19  ? 17.338  -12.530 -2.745  1.00 16.27 ? 3   PHE A CD2 1 
ATOM   34   C  CE1 . PHE A 1 19  ? 17.043  -10.553 -0.821  1.00 16.74 ? 3   PHE A CE1 1 
ATOM   35   C  CE2 . PHE A 1 19  ? 16.499  -12.746 -1.650  1.00 16.68 ? 3   PHE A CE2 1 
ATOM   36   C  CZ  . PHE A 1 19  ? 16.352  -11.753 -0.685  1.00 16.73 ? 3   PHE A CZ  1 
HETATM 37   N  N   . MSE A 1 20  ? 16.633  -10.690 -5.862  1.00 17.27 ? 4   MSE A N   1 
HETATM 38   C  CA  . MSE A 1 20  ? 15.225  -10.628 -6.253  1.00 18.63 ? 4   MSE A CA  1 
HETATM 39   C  C   . MSE A 1 20  ? 14.306  -10.339 -5.078  1.00 17.79 ? 4   MSE A C   1 
HETATM 40   O  O   . MSE A 1 20  ? 13.388  -9.524  -5.189  1.00 17.02 ? 4   MSE A O   1 
HETATM 41   C  CB  . MSE A 1 20  ? 14.790  -11.939 -6.921  1.00 21.84 ? 4   MSE A CB  1 
HETATM 42   C  CG  . MSE A 1 20  ? 15.838  -12.569 -7.833  1.00 26.60 ? 4   MSE A CG  1 
HETATM 43   SE SE  . MSE A 1 20  ? 17.304  -13.348 -6.833  1.00 33.55 ? 4   MSE A SE  1 
HETATM 44   C  CE  . MSE A 1 20  ? 16.339  -14.797 -6.013  1.00 31.85 ? 4   MSE A CE  1 
ATOM   45   N  N   . GLY A 1 21  ? 14.551  -11.017 -3.961  1.00 16.65 ? 5   GLY A N   1 
ATOM   46   C  CA  . GLY A 1 21  ? 13.733  -10.825 -2.778  1.00 16.19 ? 5   GLY A CA  1 
ATOM   47   C  C   . GLY A 1 21  ? 12.305  -11.285 -2.988  1.00 15.67 ? 5   GLY A C   1 
ATOM   48   O  O   . GLY A 1 21  ? 11.982  -11.918 -3.994  1.00 15.95 ? 5   GLY A O   1 
ATOM   49   N  N   . HIS A 1 22  ? 11.444  -10.978 -2.023  1.00 15.14 ? 6   HIS A N   1 
ATOM   50   C  CA  . HIS A 1 22  ? 10.042  -11.354 -2.110  1.00 15.10 ? 6   HIS A CA  1 
ATOM   51   C  C   . HIS A 1 22  ? 9.165   -10.225 -1.583  1.00 14.23 ? 6   HIS A C   1 
ATOM   52   O  O   . HIS A 1 22  ? 8.233   -10.451 -0.814  1.00 14.30 ? 6   HIS A O   1 
ATOM   53   C  CB  . HIS A 1 22  ? 9.780   -12.648 -1.327  1.00 16.09 ? 6   HIS A CB  1 
ATOM   54   C  CG  . HIS A 1 22  ? 10.244  -12.610 0.097   1.00 17.72 ? 6   HIS A CG  1 
ATOM   55   N  ND1 . HIS A 1 22  ? 11.576  -12.546 0.447   1.00 18.64 ? 6   HIS A ND1 1 
ATOM   56   C  CD2 . HIS A 1 22  ? 9.552   -12.656 1.260   1.00 17.97 ? 6   HIS A CD2 1 
ATOM   57   C  CE1 . HIS A 1 22  ? 11.684  -12.556 1.763   1.00 18.62 ? 6   HIS A CE1 1 
ATOM   58   N  NE2 . HIS A 1 22  ? 10.471  -12.623 2.282   1.00 18.88 ? 6   HIS A NE2 1 
HETATM 59   N  N   . MSE A 1 23  ? 9.485   -9.005  -2.001  1.00 13.80 ? 7   MSE A N   1 
HETATM 60   C  CA  . MSE A 1 23  ? 8.734   -7.820  -1.602  1.00 13.66 ? 7   MSE A CA  1 
HETATM 61   C  C   . MSE A 1 23  ? 7.685   -7.511  -2.654  1.00 13.56 ? 7   MSE A C   1 
HETATM 62   O  O   . MSE A 1 23  ? 7.874   -7.790  -3.837  1.00 14.08 ? 7   MSE A O   1 
HETATM 63   C  CB  . MSE A 1 23  ? 9.665   -6.596  -1.471  1.00 13.66 ? 7   MSE A CB  1 
HETATM 64   C  CG  . MSE A 1 23  ? 8.959   -5.218  -1.560  1.00 14.42 ? 7   MSE A CG  1 
HETATM 65   SE SE  . MSE A 1 23  ? 10.124  -3.654  -1.555  1.00 14.72 ? 7   MSE A SE  1 
HETATM 66   C  CE  . MSE A 1 23  ? 9.455   -2.816  0.011   1.00 16.63 ? 7   MSE A CE  1 
ATOM   67   N  N   . ILE A 1 24  ? 6.566   -6.956  -2.213  1.00 13.92 ? 8   ILE A N   1 
ATOM   68   C  CA  . ILE A 1 24  ? 5.536   -6.536  -3.141  1.00 13.72 ? 8   ILE A CA  1 
ATOM   69   C  C   . ILE A 1 24  ? 5.236   -5.101  -2.756  1.00 13.00 ? 8   ILE A C   1 
ATOM   70   O  O   . ILE A 1 24  ? 5.473   -4.682  -1.613  1.00 12.98 ? 8   ILE A O   1 
ATOM   71   C  CB  . ILE A 1 24  ? 4.234   -7.375  -3.048  1.00 14.45 ? 8   ILE A CB  1 
ATOM   72   C  CG1 . ILE A 1 24  ? 3.615   -7.248  -1.661  1.00 14.11 ? 8   ILE A CG1 1 
ATOM   73   C  CG2 . ILE A 1 24  ? 4.520   -8.830  -3.383  1.00 15.10 ? 8   ILE A CG2 1 
ATOM   74   C  CD1 . ILE A 1 24  ? 2.224   -7.839  -1.577  1.00 14.99 ? 8   ILE A CD1 1 
ATOM   75   N  N   . LEU A 1 25  ? 4.740   -4.343  -3.720  1.00 12.08 ? 9   LEU A N   1 
ATOM   76   C  CA  . LEU A 1 25  ? 4.396   -2.954  -3.501  1.00 11.72 ? 9   LEU A CA  1 
ATOM   77   C  C   . LEU A 1 25  ? 2.936   -2.849  -3.882  1.00 10.90 ? 9   LEU A C   1 
ATOM   78   O  O   . LEU A 1 25  ? 2.558   -3.191  -5.002  1.00 11.03 ? 9   LEU A O   1 
ATOM   79   C  CB  . LEU A 1 25  ? 5.250   -2.048  -4.397  1.00 12.31 ? 9   LEU A CB  1 
ATOM   80   C  CG  . LEU A 1 25  ? 5.124   -0.527  -4.233  1.00 13.22 ? 9   LEU A CG  1 
ATOM   81   C  CD1 . LEU A 1 25  ? 6.251   0.153   -5.005  1.00 13.59 ? 9   LEU A CD1 1 
ATOM   82   C  CD2 . LEU A 1 25  ? 3.771   -0.038  -4.735  1.00 14.11 ? 9   LEU A CD2 1 
ATOM   83   N  N   . VAL A 1 26  ? 2.113   -2.410  -2.938  1.00 9.85  ? 10  VAL A N   1 
ATOM   84   C  CA  . VAL A 1 26  ? 0.692   -2.248  -3.198  1.00 10.28 ? 10  VAL A CA  1 
ATOM   85   C  C   . VAL A 1 26  ? 0.393   -0.765  -3.168  1.00 9.52  ? 10  VAL A C   1 
ATOM   86   O  O   . VAL A 1 26  ? 0.853   -0.045  -2.282  1.00 9.83  ? 10  VAL A O   1 
ATOM   87   C  CB  . VAL A 1 26  ? -0.169  -2.969  -2.143  1.00 10.17 ? 10  VAL A CB  1 
ATOM   88   C  CG1 . VAL A 1 26  ? -1.645  -2.685  -2.391  1.00 10.36 ? 10  VAL A CG1 1 
ATOM   89   C  CG2 . VAL A 1 26  ? 0.093   -4.462  -2.207  1.00 10.59 ? 10  VAL A CG2 1 
ATOM   90   N  N   . TYR A 1 27  ? -0.376  -0.315  -4.151  1.00 9.03  ? 11  TYR A N   1 
ATOM   91   C  CA  . TYR A 1 27  ? -0.732  1.089   -4.277  1.00 9.32  ? 11  TYR A CA  1 
ATOM   92   C  C   . TYR A 1 27  ? -2.236  1.292   -4.161  1.00 8.59  ? 11  TYR A C   1 
ATOM   93   O  O   . TYR A 1 27  ? -3.021  0.464   -4.611  1.00 8.65  ? 11  TYR A O   1 
ATOM   94   C  CB  . TYR A 1 27  ? -0.235  1.597   -5.637  1.00 9.64  ? 11  TYR A CB  1 
ATOM   95   C  CG  . TYR A 1 27  ? -0.502  3.055   -5.955  1.00 10.35 ? 11  TYR A CG  1 
ATOM   96   C  CD1 . TYR A 1 27  ? -1.756  3.483   -6.397  1.00 10.35 ? 11  TYR A CD1 1 
ATOM   97   C  CD2 . TYR A 1 27  ? 0.522   3.996   -5.874  1.00 11.12 ? 11  TYR A CD2 1 
ATOM   98   C  CE1 . TYR A 1 27  ? -1.978  4.810   -6.756  1.00 10.28 ? 11  TYR A CE1 1 
ATOM   99   C  CE2 . TYR A 1 27  ? 0.312   5.330   -6.227  1.00 11.46 ? 11  TYR A CE2 1 
ATOM   100  C  CZ  . TYR A 1 27  ? -0.941  5.725   -6.670  1.00 10.67 ? 11  TYR A CZ  1 
ATOM   101  O  OH  . TYR A 1 27  ? -1.144  7.035   -7.042  1.00 11.12 ? 11  TYR A OH  1 
ATOM   102  N  N   . SER A 1 28  ? -2.626  2.390   -3.528  1.00 8.95  ? 12  SER A N   1 
ATOM   103  C  CA  . SER A 1 28  ? -4.033  2.734   -3.389  1.00 8.50  ? 12  SER A CA  1 
ATOM   104  C  C   . SER A 1 28  ? -4.137  4.234   -3.141  1.00 8.62  ? 12  SER A C   1 
ATOM   105  O  O   . SER A 1 28  ? -3.140  4.889   -2.821  1.00 8.81  ? 12  SER A O   1 
ATOM   106  C  CB  . SER A 1 28  ? -4.676  1.973   -2.225  1.00 8.94  ? 12  SER A CB  1 
ATOM   107  O  OG  . SER A 1 28  ? -6.079  2.168   -2.230  1.00 9.14  ? 12  SER A OG  1 
ATOM   108  N  N   . THR A 1 29  ? -5.337  4.785   -3.307  1.00 8.79  ? 13  THR A N   1 
ATOM   109  C  CA  . THR A 1 29  ? -5.536  6.207   -3.062  1.00 9.56  ? 13  THR A CA  1 
ATOM   110  C  C   . THR A 1 29  ? -6.643  6.376   -2.033  1.00 9.49  ? 13  THR A C   1 
ATOM   111  O  O   . THR A 1 29  ? -7.533  5.522   -1.906  1.00 9.81  ? 13  THR A O   1 
ATOM   112  C  CB  . THR A 1 29  ? -5.871  6.995   -4.356  1.00 9.38  ? 13  THR A CB  1 
ATOM   113  O  OG1 . THR A 1 29  ? -7.138  6.582   -4.876  1.00 11.07 ? 13  THR A OG1 1 
ATOM   114  C  CG2 . THR A 1 29  ? -4.792  6.764   -5.404  1.00 9.67  ? 13  THR A CG2 1 
ATOM   115  N  N   . PHE A 1 30  ? -6.570  7.477   -1.293  1.00 9.57  ? 14  PHE A N   1 
ATOM   116  C  CA  . PHE A 1 30  ? -7.511  7.763   -0.219  1.00 9.92  ? 14  PHE A CA  1 
ATOM   117  C  C   . PHE A 1 30  ? -8.016  9.192   -0.327  1.00 10.08 ? 14  PHE A C   1 
ATOM   118  O  O   . PHE A 1 30  ? -7.355  10.048  -0.902  1.00 9.83  ? 14  PHE A O   1 
ATOM   119  C  CB  . PHE A 1 30  ? -6.800  7.529   1.115   1.00 10.04 ? 14  PHE A CB  1 
ATOM   120  C  CG  . PHE A 1 30  ? -6.231  6.145   1.245   1.00 10.35 ? 14  PHE A CG  1 
ATOM   121  C  CD1 . PHE A 1 30  ? -6.997  5.109   1.772   1.00 10.89 ? 14  PHE A CD1 1 
ATOM   122  C  CD2 . PHE A 1 30  ? -4.956  5.861   0.775   1.00 10.68 ? 14  PHE A CD2 1 
ATOM   123  C  CE1 . PHE A 1 30  ? -6.496  3.806   1.827   1.00 10.37 ? 14  PHE A CE1 1 
ATOM   124  C  CE2 . PHE A 1 30  ? -4.444  4.561   0.823   1.00 10.67 ? 14  PHE A CE2 1 
ATOM   125  C  CZ  . PHE A 1 30  ? -5.216  3.533   1.349   1.00 10.77 ? 14  PHE A CZ  1 
ATOM   126  N  N   . PRO A 1 31  ? -9.198  9.469   0.238   1.00 10.52 ? 15  PRO A N   1 
ATOM   127  C  CA  . PRO A 1 31  ? -9.782  10.815  0.178   1.00 10.70 ? 15  PRO A CA  1 
ATOM   128  C  C   . PRO A 1 31  ? -9.001  11.954  0.821   1.00 11.18 ? 15  PRO A C   1 
ATOM   129  O  O   . PRO A 1 31  ? -9.145  13.108  0.415   1.00 11.58 ? 15  PRO A O   1 
ATOM   130  C  CB  . PRO A 1 31  ? -11.163 10.622  0.808   1.00 10.59 ? 15  PRO A CB  1 
ATOM   131  C  CG  . PRO A 1 31  ? -10.941 9.496   1.777   1.00 10.54 ? 15  PRO A CG  1 
ATOM   132  C  CD  . PRO A 1 31  ? -10.063 8.544   0.996   1.00 10.79 ? 15  PRO A CD  1 
ATOM   133  N  N   . ASN A 1 32  ? -8.179  11.645  1.815   1.00 11.95 ? 16  ASN A N   1 
ATOM   134  C  CA  . ASN A 1 32  ? -7.404  12.679  2.484   1.00 12.40 ? 16  ASN A CA  1 
ATOM   135  C  C   . ASN A 1 32  ? -6.203  12.125  3.235   1.00 12.30 ? 16  ASN A C   1 
ATOM   136  O  O   . ASN A 1 32  ? -6.035  10.913  3.360   1.00 12.08 ? 16  ASN A O   1 
ATOM   137  C  CB  . ASN A 1 32  ? -8.300  13.470  3.446   1.00 13.24 ? 16  ASN A CB  1 
ATOM   138  C  CG  . ASN A 1 32  ? -9.114  12.572  4.362   1.00 13.76 ? 16  ASN A CG  1 
ATOM   139  O  OD1 . ASN A 1 32  ? -8.568  11.865  5.209   1.00 14.73 ? 16  ASN A OD1 1 
ATOM   140  N  ND2 . ASN A 1 32  ? -10.431 12.596  4.192   1.00 14.45 ? 16  ASN A ND2 1 
ATOM   141  N  N   . GLU A 1 33  ? -5.372  13.033  3.728   1.00 12.78 ? 17  GLU A N   1 
ATOM   142  C  CA  . GLU A 1 33  ? -4.167  12.680  4.469   1.00 13.95 ? 17  GLU A CA  1 
ATOM   143  C  C   . GLU A 1 33  ? -4.500  11.872  5.719   1.00 13.87 ? 17  GLU A C   1 
ATOM   144  O  O   . GLU A 1 33  ? -3.871  10.855  6.008   1.00 14.01 ? 17  GLU A O   1 
ATOM   145  C  CB  . GLU A 1 33  ? -3.427  13.961  4.863   1.00 15.11 ? 17  GLU A CB  1 
ATOM   146  C  CG  . GLU A 1 33  ? -2.111  13.749  5.591   1.00 16.54 ? 17  GLU A CG  1 
ATOM   147  C  CD  . GLU A 1 33  ? -1.508  15.060  6.061   1.00 17.65 ? 17  GLU A CD  1 
ATOM   148  O  OE1 . GLU A 1 33  ? -1.387  15.983  5.229   1.00 18.06 ? 17  GLU A OE1 1 
ATOM   149  O  OE2 . GLU A 1 33  ? -1.157  15.167  7.258   1.00 19.10 ? 17  GLU A OE2 1 
ATOM   150  N  N   . GLU A 1 34  ? -5.496  12.340  6.460   1.00 14.16 ? 18  GLU A N   1 
ATOM   151  C  CA  . GLU A 1 34  ? -5.921  11.687  7.688   1.00 14.19 ? 18  GLU A CA  1 
ATOM   152  C  C   . GLU A 1 34  ? -6.258  10.205  7.499   1.00 13.68 ? 18  GLU A C   1 
ATOM   153  O  O   . GLU A 1 34  ? -5.774  9.349   8.245   1.00 13.44 ? 18  GLU A O   1 
ATOM   154  C  CB  . GLU A 1 34  ? -7.138  12.421  8.261   1.00 15.44 ? 18  GLU A CB  1 
ATOM   155  C  CG  . GLU A 1 34  ? -6.879  13.867  8.702   1.00 17.45 ? 18  GLU A CG  1 
ATOM   156  C  CD  . GLU A 1 34  ? -6.406  14.783  7.578   1.00 18.37 ? 18  GLU A CD  1 
ATOM   157  O  OE1 . GLU A 1 34  ? -7.015  14.775  6.486   1.00 18.30 ? 18  GLU A OE1 1 
ATOM   158  O  OE2 . GLU A 1 34  ? -5.422  15.524  7.791   1.00 19.96 ? 18  GLU A OE2 1 
ATOM   159  N  N   . LYS A 1 35  ? -7.091  9.910   6.505   1.00 13.10 ? 19  LYS A N   1 
ATOM   160  C  CA  . LYS A 1 35  ? -7.505  8.535   6.232   1.00 12.90 ? 19  LYS A CA  1 
ATOM   161  C  C   . LYS A 1 35  ? -6.349  7.663   5.749   1.00 12.31 ? 19  LYS A C   1 
ATOM   162  O  O   . LYS A 1 35  ? -6.248  6.489   6.110   1.00 12.07 ? 19  LYS A O   1 
ATOM   163  C  CB  . LYS A 1 35  ? -8.637  8.522   5.200   1.00 13.70 ? 19  LYS A CB  1 
ATOM   164  C  CG  . LYS A 1 35  ? -9.202  7.140   4.901   1.00 14.91 ? 19  LYS A CG  1 
ATOM   165  C  CD  . LYS A 1 35  ? -9.801  6.471   6.142   1.00 16.19 ? 19  LYS A CD  1 
ATOM   166  C  CE  . LYS A 1 35  ? -11.006 7.235   6.674   1.00 17.18 ? 19  LYS A CE  1 
ATOM   167  N  NZ  . LYS A 1 35  ? -11.691 6.488   7.771   1.00 18.47 ? 19  LYS A NZ  1 
ATOM   168  N  N   . ALA A 1 36  ? -5.471  8.234   4.933   1.00 11.74 ? 20  ALA A N   1 
ATOM   169  C  CA  . ALA A 1 36  ? -4.329  7.484   4.431   1.00 11.50 ? 20  ALA A CA  1 
ATOM   170  C  C   . ALA A 1 36  ? -3.418  7.063   5.583   1.00 11.31 ? 20  ALA A C   1 
ATOM   171  O  O   . ALA A 1 36  ? -2.975  5.915   5.651   1.00 11.39 ? 20  ALA A O   1 
ATOM   172  C  CB  . ALA A 1 36  ? -3.543  8.332   3.425   1.00 11.46 ? 20  ALA A CB  1 
ATOM   173  N  N   . LEU A 1 37  ? -3.143  7.997   6.488   1.00 11.51 ? 21  LEU A N   1 
ATOM   174  C  CA  . LEU A 1 37  ? -2.265  7.725   7.624   1.00 12.36 ? 21  LEU A CA  1 
ATOM   175  C  C   . LEU A 1 37  ? -2.900  6.763   8.619   1.00 12.58 ? 21  LEU A C   1 
ATOM   176  O  O   . LEU A 1 37  ? -2.226  5.890   9.171   1.00 12.19 ? 21  LEU A O   1 
ATOM   177  C  CB  . LEU A 1 37  ? -1.903  9.030   8.337   1.00 12.69 ? 21  LEU A CB  1 
ATOM   178  C  CG  . LEU A 1 37  ? -1.239  10.121  7.494   1.00 14.33 ? 21  LEU A CG  1 
ATOM   179  C  CD1 . LEU A 1 37  ? -0.817  11.277  8.389   1.00 14.76 ? 21  LEU A CD1 1 
ATOM   180  C  CD2 . LEU A 1 37  ? -0.036  9.543   6.768   1.00 15.19 ? 21  LEU A CD2 1 
ATOM   181  N  N   . GLU A 1 38  ? -4.198  6.932   8.847   1.00 12.98 ? 22  GLU A N   1 
ATOM   182  C  CA  . GLU A 1 38  ? -4.925  6.083   9.783   1.00 13.55 ? 22  GLU A CA  1 
ATOM   183  C  C   . GLU A 1 38  ? -4.899  4.633   9.318   1.00 13.11 ? 22  GLU A C   1 
ATOM   184  O  O   . GLU A 1 38  ? -4.638  3.719   10.105  1.00 12.57 ? 22  GLU A O   1 
ATOM   185  C  CB  . GLU A 1 38  ? -6.377  6.553   9.908   1.00 15.55 ? 22  GLU A CB  1 
ATOM   186  C  CG  . GLU A 1 38  ? -7.173  5.781   10.951  1.00 17.93 ? 22  GLU A CG  1 
ATOM   187  C  CD  . GLU A 1 38  ? -8.635  6.174   10.982  1.00 20.29 ? 22  GLU A CD  1 
ATOM   188  O  OE1 . GLU A 1 38  ? -9.379  5.787   10.056  1.00 21.03 ? 22  GLU A OE1 1 
ATOM   189  O  OE2 . GLU A 1 38  ? -9.039  6.879   11.931  1.00 21.61 ? 22  GLU A OE2 1 
ATOM   190  N  N   . ILE A 1 39  ? -5.173  4.420   8.036   1.00 11.89 ? 23  ILE A N   1 
ATOM   191  C  CA  . ILE A 1 39  ? -5.167  3.074   7.492   1.00 11.30 ? 23  ILE A CA  1 
ATOM   192  C  C   . ILE A 1 39  ? -3.749  2.515   7.478   1.00 11.39 ? 23  ILE A C   1 
ATOM   193  O  O   . ILE A 1 39  ? -3.539  1.340   7.773   1.00 10.68 ? 23  ILE A O   1 
ATOM   194  C  CB  . ILE A 1 39  ? -5.799  3.060   6.086   1.00 10.87 ? 23  ILE A CB  1 
ATOM   195  C  CG1 . ILE A 1 39  ? -7.306  3.309   6.233   1.00 10.70 ? 23  ILE A CG1 1 
ATOM   196  C  CG2 . ILE A 1 39  ? -5.528  1.731   5.383   1.00 10.90 ? 23  ILE A CG2 1 
ATOM   197  C  CD1 . ILE A 1 39  ? -8.068  3.312   4.948   1.00 10.63 ? 23  ILE A CD1 1 
ATOM   198  N  N   . GLY A 1 40  ? -2.772  3.357   7.155   1.00 11.18 ? 24  GLY A N   1 
ATOM   199  C  CA  . GLY A 1 40  ? -1.396  2.895   7.164   1.00 11.57 ? 24  GLY A CA  1 
ATOM   200  C  C   . GLY A 1 40  ? -1.027  2.401   8.553   1.00 12.18 ? 24  GLY A C   1 
ATOM   201  O  O   . GLY A 1 40  ? -0.376  1.366   8.705   1.00 11.63 ? 24  GLY A O   1 
ATOM   202  N  N   . ARG A 1 41  ? -1.451  3.141   9.573   1.00 11.88 ? 25  ARG A N   1 
ATOM   203  C  CA  . ARG A 1 41  ? -1.164  2.772   10.957  1.00 12.60 ? 25  ARG A CA  1 
ATOM   204  C  C   . ARG A 1 41  ? -1.835  1.458   11.329  1.00 12.29 ? 25  ARG A C   1 
ATOM   205  O  O   . ARG A 1 41  ? -1.242  0.620   12.010  1.00 11.79 ? 25  ARG A O   1 
ATOM   206  C  CB  . ARG A 1 41  ? -1.651  3.860   11.917  1.00 14.02 ? 25  ARG A CB  1 
ATOM   207  C  CG  . ARG A 1 41  ? -1.496  3.484   13.385  1.00 16.04 ? 25  ARG A CG  1 
ATOM   208  C  CD  . ARG A 1 41  ? -2.109  4.521   14.313  1.00 18.68 ? 25  ARG A CD  1 
ATOM   209  N  NE  . ARG A 1 41  ? -3.568  4.575   14.226  1.00 20.64 ? 25  ARG A NE  1 
ATOM   210  C  CZ  . ARG A 1 41  ? -4.383  3.573   14.545  1.00 20.98 ? 25  ARG A CZ  1 
ATOM   211  N  NH1 . ARG A 1 41  ? -3.891  2.420   14.974  1.00 22.22 ? 25  ARG A NH1 1 
ATOM   212  N  NH2 . ARG A 1 41  ? -5.698  3.728   14.454  1.00 21.57 ? 25  ARG A NH2 1 
ATOM   213  N  N   . LYS A 1 42  ? -3.080  1.291   10.898  1.00 11.76 ? 26  LYS A N   1 
ATOM   214  C  CA  . LYS A 1 42  ? -3.806  0.067   11.202  1.00 11.78 ? 26  LYS A CA  1 
ATOM   215  C  C   . LYS A 1 42  ? -3.158  -1.139  10.539  1.00 11.78 ? 26  LYS A C   1 
ATOM   216  O  O   . LYS A 1 42  ? -3.157  -2.234  11.103  1.00 12.15 ? 26  LYS A O   1 
ATOM   217  C  CB  . LYS A 1 42  ? -5.265  0.191   10.765  1.00 12.53 ? 26  LYS A CB  1 
ATOM   218  C  CG  . LYS A 1 42  ? -6.073  1.150   11.626  1.00 13.57 ? 26  LYS A CG  1 
ATOM   219  C  CD  . LYS A 1 42  ? -7.514  1.248   11.151  1.00 14.78 ? 26  LYS A CD  1 
ATOM   220  C  CE  . LYS A 1 42  ? -8.338  2.132   12.075  1.00 16.13 ? 26  LYS A CE  1 
ATOM   221  N  NZ  . LYS A 1 42  ? -9.754  2.215   11.623  1.00 16.74 ? 26  LYS A NZ  1 
ATOM   222  N  N   . LEU A 1 43  ? -2.604  -0.942  9.345   1.00 11.36 ? 27  LEU A N   1 
ATOM   223  C  CA  . LEU A 1 43  ? -1.945  -2.038  8.638   1.00 11.75 ? 27  LEU A CA  1 
ATOM   224  C  C   . LEU A 1 43  ? -0.653  -2.424  9.354   1.00 11.66 ? 27  LEU A C   1 
ATOM   225  O  O   . LEU A 1 43  ? -0.281  -3.596  9.388   1.00 12.14 ? 27  LEU A O   1 
ATOM   226  C  CB  . LEU A 1 43  ? -1.657  -1.638  7.186   1.00 11.61 ? 27  LEU A CB  1 
ATOM   227  C  CG  . LEU A 1 43  ? -2.888  -1.409  6.300   1.00 11.44 ? 27  LEU A CG  1 
ATOM   228  C  CD1 . LEU A 1 43  ? -2.443  -0.912  4.929   1.00 11.90 ? 27  LEU A CD1 1 
ATOM   229  C  CD2 . LEU A 1 43  ? -3.683  -2.703  6.157   1.00 11.38 ? 27  LEU A CD2 1 
ATOM   230  N  N   . LEU A 1 44  ? 0.030   -1.436  9.924   1.00 11.58 ? 28  LEU A N   1 
ATOM   231  C  CA  . LEU A 1 44  ? 1.268   -1.693  10.657  1.00 11.61 ? 28  LEU A CA  1 
ATOM   232  C  C   . LEU A 1 44  ? 0.942   -2.429  11.957  1.00 12.42 ? 28  LEU A C   1 
ATOM   233  O  O   . LEU A 1 44  ? 1.658   -3.350  12.357  1.00 11.48 ? 28  LEU A O   1 
ATOM   234  C  CB  . LEU A 1 44  ? 1.989   -0.376  10.960  1.00 11.21 ? 28  LEU A CB  1 
ATOM   235  C  CG  . LEU A 1 44  ? 2.679   0.268   9.754   1.00 11.05 ? 28  LEU A CG  1 
ATOM   236  C  CD1 . LEU A 1 44  ? 2.996   1.727   10.040  1.00 10.83 ? 28  LEU A CD1 1 
ATOM   237  C  CD2 . LEU A 1 44  ? 3.946   -0.510  9.436   1.00 11.05 ? 28  LEU A CD2 1 
ATOM   238  N  N   . GLU A 1 45  ? -0.140  -2.017  12.611  1.00 13.57 ? 29  GLU A N   1 
ATOM   239  C  CA  . GLU A 1 45  ? -0.558  -2.650  13.860  1.00 14.75 ? 29  GLU A CA  1 
ATOM   240  C  C   . GLU A 1 45  ? -0.779  -4.144  13.660  1.00 15.00 ? 29  GLU A C   1 
ATOM   241  O  O   . GLU A 1 45  ? -0.488  -4.951  14.544  1.00 15.31 ? 29  GLU A O   1 
ATOM   242  C  CB  . GLU A 1 45  ? -1.860  -2.034  14.373  1.00 16.88 ? 29  GLU A CB  1 
ATOM   243  C  CG  . GLU A 1 45  ? -1.757  -0.611  14.885  1.00 20.03 ? 29  GLU A CG  1 
ATOM   244  C  CD  . GLU A 1 45  ? -3.048  -0.158  15.543  1.00 21.69 ? 29  GLU A CD  1 
ATOM   245  O  OE1 . GLU A 1 45  ? -4.104  -0.185  14.871  1.00 22.84 ? 29  GLU A OE1 1 
ATOM   246  O  OE2 . GLU A 1 45  ? -3.013  0.218   16.734  1.00 23.71 ? 29  GLU A OE2 1 
ATOM   247  N  N   . LYS A 1 46  ? -1.302  -4.511  12.496  1.00 14.45 ? 30  LYS A N   1 
ATOM   248  C  CA  . LYS A 1 46  ? -1.563  -5.911  12.207  1.00 14.52 ? 30  LYS A CA  1 
ATOM   249  C  C   . LYS A 1 46  ? -0.410  -6.610  11.501  1.00 13.99 ? 30  LYS A C   1 
ATOM   250  O  O   . LYS A 1 46  ? -0.558  -7.739  11.032  1.00 14.10 ? 30  LYS A O   1 
ATOM   251  C  CB  . LYS A 1 46  ? -2.844  -6.045  11.384  1.00 14.89 ? 30  LYS A CB  1 
ATOM   252  C  CG  . LYS A 1 46  ? -4.082  -5.569  12.124  1.00 16.27 ? 30  LYS A CG  1 
ATOM   253  C  CD  . LYS A 1 46  ? -5.359  -5.921  11.380  1.00 17.12 ? 30  LYS A CD  1 
ATOM   254  C  CE  . LYS A 1 46  ? -5.494  -7.427  11.204  1.00 18.09 ? 30  LYS A CE  1 
ATOM   255  N  NZ  . LYS A 1 46  ? -6.865  -7.807  10.764  1.00 18.52 ? 30  LYS A NZ  1 
ATOM   256  N  N   . ARG A 1 47  ? 0.734   -5.935  11.429  1.00 13.42 ? 31  ARG A N   1 
ATOM   257  C  CA  . ARG A 1 47  ? 1.924   -6.494  10.799  1.00 13.57 ? 31  ARG A CA  1 
ATOM   258  C  C   . ARG A 1 47  ? 1.647   -6.961  9.373   1.00 13.38 ? 31  ARG A C   1 
ATOM   259  O  O   . ARG A 1 47  ? 2.177   -7.979  8.934   1.00 13.37 ? 31  ARG A O   1 
ATOM   260  C  CB  . ARG A 1 47  ? 2.452   -7.666  11.637  1.00 13.49 ? 31  ARG A CB  1 
ATOM   261  C  CG  . ARG A 1 47  ? 2.688   -7.317  13.100  1.00 13.46 ? 31  ARG A CG  1 
ATOM   262  C  CD  . ARG A 1 47  ? 3.859   -6.374  13.279  1.00 14.21 ? 31  ARG A CD  1 
ATOM   263  N  NE  . ARG A 1 47  ? 5.132   -7.085  13.369  1.00 14.20 ? 31  ARG A NE  1 
ATOM   264  C  CZ  . ARG A 1 47  ? 6.298   -6.502  13.630  1.00 14.88 ? 31  ARG A CZ  1 
ATOM   265  N  NH1 . ARG A 1 47  ? 6.359   -5.189  13.824  1.00 14.43 ? 31  ARG A NH1 1 
ATOM   266  N  NH2 . ARG A 1 47  ? 7.402   -7.233  13.721  1.00 15.13 ? 31  ARG A NH2 1 
ATOM   267  N  N   . LEU A 1 48  ? 0.816   -6.214  8.651   1.00 13.31 ? 32  LEU A N   1 
ATOM   268  C  CA  . LEU A 1 48  ? 0.482   -6.565  7.274   1.00 13.02 ? 32  LEU A CA  1 
ATOM   269  C  C   . LEU A 1 48  ? 1.395   -5.850  6.287   1.00 12.81 ? 32  LEU A C   1 
ATOM   270  O  O   . LEU A 1 48  ? 1.522   -6.256  5.129   1.00 12.59 ? 32  LEU A O   1 
ATOM   271  C  CB  . LEU A 1 48  ? -0.980  -6.227  6.984   1.00 13.43 ? 32  LEU A CB  1 
ATOM   272  C  CG  . LEU A 1 48  ? -1.961  -7.083  7.789   1.00 13.47 ? 32  LEU A CG  1 
ATOM   273  C  CD1 . LEU A 1 48  ? -3.391  -6.698  7.447   1.00 13.77 ? 32  LEU A CD1 1 
ATOM   274  C  CD2 . LEU A 1 48  ? -1.721  -8.560  7.476   1.00 14.38 ? 32  LEU A CD2 1 
ATOM   275  N  N   . ILE A 1 49  ? 2.014   -4.775  6.756   1.00 12.37 ? 33  ILE A N   1 
ATOM   276  C  CA  . ILE A 1 49  ? 2.955   -4.008  5.950   1.00 12.19 ? 33  ILE A CA  1 
ATOM   277  C  C   . ILE A 1 49  ? 4.116   -3.642  6.854   1.00 12.03 ? 33  ILE A C   1 
ATOM   278  O  O   . ILE A 1 49  ? 3.962   -3.561  8.075   1.00 11.99 ? 33  ILE A O   1 
ATOM   279  C  CB  . ILE A 1 49  ? 2.335   -2.698  5.400   1.00 12.25 ? 33  ILE A CB  1 
ATOM   280  C  CG1 . ILE A 1 49  ? 1.952   -1.766  6.554   1.00 12.05 ? 33  ILE A CG1 1 
ATOM   281  C  CG2 . ILE A 1 49  ? 1.135   -3.021  4.522   1.00 11.98 ? 33  ILE A CG2 1 
ATOM   282  C  CD1 . ILE A 1 49  ? 1.501   -0.366  6.108   1.00 12.00 ? 33  ILE A CD1 1 
ATOM   283  N  N   . ALA A 1 50  ? 5.281   -3.432  6.259   1.00 12.10 ? 34  ALA A N   1 
ATOM   284  C  CA  . ALA A 1 50  ? 6.447   -3.060  7.036   1.00 12.09 ? 34  ALA A CA  1 
ATOM   285  C  C   . ALA A 1 50  ? 6.570   -1.545  7.045   1.00 12.09 ? 34  ALA A C   1 
ATOM   286  O  O   . ALA A 1 50  ? 7.151   -0.959  7.961   1.00 12.69 ? 34  ALA A O   1 
ATOM   287  C  CB  . ALA A 1 50  ? 7.709   -3.682  6.426   1.00 12.22 ? 34  ALA A CB  1 
ATOM   288  N  N   . CYS A 1 51  ? 5.994   -0.907  6.032   1.00 12.35 ? 35  CYS A N   1 
ATOM   289  C  CA  . CYS A 1 51  ? 6.102   0.538   5.912   1.00 12.24 ? 35  CYS A CA  1 
ATOM   290  C  C   . CYS A 1 51  ? 5.165   1.077   4.836   1.00 10.90 ? 35  CYS A C   1 
ATOM   291  O  O   . CYS A 1 51  ? 4.774   0.354   3.926   1.00 10.57 ? 35  CYS A O   1 
ATOM   292  C  CB  . CYS A 1 51  ? 7.565   0.867   5.560   1.00 13.60 ? 35  CYS A CB  1 
ATOM   293  S  SG  . CYS A 1 51  ? 7.977   2.550   5.051   1.00 17.20 ? 35  CYS A SG  1 
ATOM   294  N  N   . PHE A 1 52  ? 4.777   2.340   4.967   1.00 10.35 ? 36  PHE A N   1 
ATOM   295  C  CA  . PHE A 1 52  ? 3.949   2.966   3.949   1.00 10.15 ? 36  PHE A CA  1 
ATOM   296  C  C   . PHE A 1 52  ? 4.557   4.329   3.632   1.00 9.79  ? 36  PHE A C   1 
ATOM   297  O  O   . PHE A 1 52  ? 5.204   4.944   4.481   1.00 9.27  ? 36  PHE A O   1 
ATOM   298  C  CB  . PHE A 1 52  ? 2.484   3.110   4.414   1.00 10.80 ? 36  PHE A CB  1 
ATOM   299  C  CG  . PHE A 1 52  ? 2.259   4.165   5.470   1.00 11.30 ? 36  PHE A CG  1 
ATOM   300  C  CD1 . PHE A 1 52  ? 2.269   5.521   5.146   1.00 11.71 ? 36  PHE A CD1 1 
ATOM   301  C  CD2 . PHE A 1 52  ? 2.002   3.800   6.789   1.00 11.41 ? 36  PHE A CD2 1 
ATOM   302  C  CE1 . PHE A 1 52  ? 2.028   6.492   6.113   1.00 11.59 ? 36  PHE A CE1 1 
ATOM   303  C  CE2 . PHE A 1 52  ? 1.759   4.764   7.762   1.00 11.87 ? 36  PHE A CE2 1 
ATOM   304  C  CZ  . PHE A 1 52  ? 1.771   6.112   7.428   1.00 11.63 ? 36  PHE A CZ  1 
ATOM   305  N  N   . ASN A 1 53  ? 4.395   4.767   2.387   1.00 8.80  ? 37  ASN A N   1 
ATOM   306  C  CA  . ASN A 1 53  ? 4.874   6.072   1.958   1.00 8.70  ? 37  ASN A CA  1 
ATOM   307  C  C   . ASN A 1 53  ? 3.656   6.697   1.306   1.00 8.43  ? 37  ASN A C   1 
ATOM   308  O  O   . ASN A 1 53  ? 3.135   6.174   0.322   1.00 9.25  ? 37  ASN A O   1 
ATOM   309  C  CB  . ASN A 1 53  ? 5.990   5.965   0.916   1.00 8.74  ? 37  ASN A CB  1 
ATOM   310  C  CG  . ASN A 1 53  ? 7.313   5.519   1.504   1.00 9.50  ? 37  ASN A CG  1 
ATOM   311  O  OD1 . ASN A 1 53  ? 7.478   5.420   2.725   1.00 10.88 ? 37  ASN A OD1 1 
ATOM   312  N  ND2 . ASN A 1 53  ? 8.272   5.256   0.632   1.00 8.29  ? 37  ASN A ND2 1 
ATOM   313  N  N   . ALA A 1 54  ? 3.202   7.815   1.851   1.00 7.92  ? 38  ALA A N   1 
ATOM   314  C  CA  . ALA A 1 54  ? 2.020   8.466   1.317   1.00 7.99  ? 38  ALA A CA  1 
ATOM   315  C  C   . ALA A 1 54  ? 2.358   9.848   0.795   1.00 7.99  ? 38  ALA A C   1 
ATOM   316  O  O   . ALA A 1 54  ? 3.245   10.519  1.311   1.00 8.06  ? 38  ALA A O   1 
ATOM   317  C  CB  . ALA A 1 54  ? 0.947   8.553   2.405   1.00 8.07  ? 38  ALA A CB  1 
ATOM   318  N  N   . PHE A 1 55  ? 1.653   10.270  -0.247  1.00 8.27  ? 39  PHE A N   1 
ATOM   319  C  CA  . PHE A 1 55  ? 1.896   11.585  -0.827  1.00 8.40  ? 39  PHE A CA  1 
ATOM   320  C  C   . PHE A 1 55  ? 0.627   12.153  -1.429  1.00 8.51  ? 39  PHE A C   1 
ATOM   321  O  O   . PHE A 1 55  ? -0.266  11.409  -1.832  1.00 8.40  ? 39  PHE A O   1 
ATOM   322  C  CB  . PHE A 1 55  ? 3.007   11.527  -1.893  1.00 9.11  ? 39  PHE A CB  1 
ATOM   323  C  CG  . PHE A 1 55  ? 2.825   10.445  -2.931  1.00 9.46  ? 39  PHE A CG  1 
ATOM   324  C  CD1 . PHE A 1 55  ? 3.090   9.113   -2.622  1.00 10.24 ? 39  PHE A CD1 1 
ATOM   325  C  CD2 . PHE A 1 55  ? 2.434   10.764  -4.233  1.00 9.09  ? 39  PHE A CD2 1 
ATOM   326  C  CE1 . PHE A 1 55  ? 2.974   8.114   -3.592  1.00 10.53 ? 39  PHE A CE1 1 
ATOM   327  C  CE2 . PHE A 1 55  ? 2.316   9.771   -5.210  1.00 10.53 ? 39  PHE A CE2 1 
ATOM   328  C  CZ  . PHE A 1 55  ? 2.587   8.445   -4.890  1.00 10.65 ? 39  PHE A CZ  1 
ATOM   329  N  N   . GLU A 1 56  ? 0.545   13.479  -1.469  1.00 9.10  ? 40  GLU A N   1 
ATOM   330  C  CA  . GLU A 1 56  ? -0.619  14.152  -2.020  1.00 10.08 ? 40  GLU A CA  1 
ATOM   331  C  C   . GLU A 1 56  ? -0.659  14.038  -3.539  1.00 9.32  ? 40  GLU A C   1 
ATOM   332  O  O   . GLU A 1 56  ? 0.365   14.154  -4.207  1.00 9.13  ? 40  GLU A O   1 
ATOM   333  C  CB  . GLU A 1 56  ? -0.614  15.630  -1.618  1.00 11.92 ? 40  GLU A CB  1 
ATOM   334  C  CG  . GLU A 1 56  ? -1.767  16.425  -2.197  1.00 14.79 ? 40  GLU A CG  1 
ATOM   335  C  CD  . GLU A 1 56  ? -1.831  17.842  -1.664  1.00 17.16 ? 40  GLU A CD  1 
ATOM   336  O  OE1 . GLU A 1 56  ? -0.792  18.536  -1.685  1.00 19.00 ? 40  GLU A OE1 1 
ATOM   337  O  OE2 . GLU A 1 56  ? -2.926  18.262  -1.231  1.00 19.44 ? 40  GLU A OE2 1 
ATOM   338  N  N   . ILE A 1 57  ? -1.851  13.816  -4.078  1.00 8.60  ? 41  ILE A N   1 
ATOM   339  C  CA  . ILE A 1 57  ? -2.024  13.707  -5.519  1.00 9.05  ? 41  ILE A CA  1 
ATOM   340  C  C   . ILE A 1 57  ? -3.268  14.441  -5.989  1.00 9.51  ? 41  ILE A C   1 
ATOM   341  O  O   . ILE A 1 57  ? -4.169  14.741  -5.206  1.00 10.28 ? 41  ILE A O   1 
ATOM   342  C  CB  . ILE A 1 57  ? -2.167  12.240  -5.979  1.00 8.77  ? 41  ILE A CB  1 
ATOM   343  C  CG1 . ILE A 1 57  ? -3.395  11.599  -5.317  1.00 9.13  ? 41  ILE A CG1 1 
ATOM   344  C  CG2 . ILE A 1 57  ? -0.900  11.465  -5.652  1.00 8.38  ? 41  ILE A CG2 1 
ATOM   345  C  CD1 . ILE A 1 57  ? -3.794  10.267  -5.923  1.00 9.50  ? 41  ILE A CD1 1 
ATOM   346  N  N   . ARG A 1 58  ? -3.282  14.756  -7.279  1.00 9.96  ? 42  ARG A N   1 
ATOM   347  C  CA  . ARG A 1 58  ? -4.437  15.379  -7.912  1.00 10.54 ? 42  ARG A CA  1 
ATOM   348  C  C   . ARG A 1 58  ? -4.897  14.273  -8.846  1.00 10.42 ? 42  ARG A C   1 
ATOM   349  O  O   . ARG A 1 58  ? -4.086  13.688  -9.556  1.00 11.14 ? 42  ARG A O   1 
ATOM   350  C  CB  . ARG A 1 58  ? -4.033  16.610  -8.720  1.00 11.22 ? 42  ARG A CB  1 
ATOM   351  C  CG  . ARG A 1 58  ? -3.833  17.852  -7.876  1.00 12.89 ? 42  ARG A CG  1 
ATOM   352  C  CD  . ARG A 1 58  ? -3.394  19.028  -8.729  1.00 14.51 ? 42  ARG A CD  1 
ATOM   353  N  NE  . ARG A 1 58  ? -3.190  20.225  -7.919  1.00 16.19 ? 42  ARG A NE  1 
ATOM   354  C  CZ  . ARG A 1 58  ? -4.172  20.957  -7.400  1.00 16.40 ? 42  ARG A CZ  1 
ATOM   355  N  NH1 . ARG A 1 58  ? -5.439  20.619  -7.607  1.00 16.60 ? 42  ARG A NH1 1 
ATOM   356  N  NH2 . ARG A 1 58  ? -3.882  22.023  -6.662  1.00 17.10 ? 42  ARG A NH2 1 
ATOM   357  N  N   . SER A 1 59  ? -6.187  13.974  -8.852  1.00 10.57 ? 43  SER A N   1 
ATOM   358  C  CA  . SER A 1 59  ? -6.673  12.901  -9.702  1.00 10.61 ? 43  SER A CA  1 
ATOM   359  C  C   . SER A 1 59  ? -7.770  13.349  -10.644 1.00 10.45 ? 43  SER A C   1 
ATOM   360  O  O   . SER A 1 59  ? -8.376  14.402  -10.461 1.00 10.77 ? 43  SER A O   1 
ATOM   361  C  CB  . SER A 1 59  ? -7.186  11.747  -8.839  1.00 11.17 ? 43  SER A CB  1 
ATOM   362  O  OG  . SER A 1 59  ? -8.166  12.204  -7.924  1.00 11.65 ? 43  SER A OG  1 
ATOM   363  N  N   . GLY A 1 60  ? -8.005  12.527  -11.659 1.00 9.93  ? 44  GLY A N   1 
ATOM   364  C  CA  . GLY A 1 60  ? -9.036  12.802  -12.639 1.00 10.54 ? 44  GLY A CA  1 
ATOM   365  C  C   . GLY A 1 60  ? -9.595  11.471  -13.096 1.00 10.95 ? 44  GLY A C   1 
ATOM   366  O  O   . GLY A 1 60  ? -8.848  10.513  -13.281 1.00 10.49 ? 44  GLY A O   1 
ATOM   367  N  N   . TYR A 1 61  ? -10.912 11.407  -13.263 1.00 10.70 ? 45  TYR A N   1 
ATOM   368  C  CA  . TYR A 1 61  ? -11.578 10.184  -13.694 1.00 11.59 ? 45  TYR A CA  1 
ATOM   369  C  C   . TYR A 1 61  ? -13.012 10.519  -14.068 1.00 11.77 ? 45  TYR A C   1 
ATOM   370  O  O   . TYR A 1 61  ? -13.454 11.651  -13.883 1.00 11.55 ? 45  TYR A O   1 
ATOM   371  C  CB  . TYR A 1 61  ? -11.583 9.152   -12.564 1.00 12.35 ? 45  TYR A CB  1 
ATOM   372  C  CG  . TYR A 1 61  ? -12.045 9.713   -11.236 1.00 13.60 ? 45  TYR A CG  1 
ATOM   373  C  CD1 . TYR A 1 61  ? -11.154 10.388  -10.395 1.00 14.21 ? 45  TYR A CD1 1 
ATOM   374  C  CD2 . TYR A 1 61  ? -13.377 9.603   -10.834 1.00 14.34 ? 45  TYR A CD2 1 
ATOM   375  C  CE1 . TYR A 1 61  ? -11.581 10.942  -9.192  1.00 14.99 ? 45  TYR A CE1 1 
ATOM   376  C  CE2 . TYR A 1 61  ? -13.815 10.156  -9.632  1.00 15.79 ? 45  TYR A CE2 1 
ATOM   377  C  CZ  . TYR A 1 61  ? -12.912 10.824  -8.816  1.00 15.22 ? 45  TYR A CZ  1 
ATOM   378  O  OH  . TYR A 1 61  ? -13.343 11.377  -7.629  1.00 16.54 ? 45  TYR A OH  1 
ATOM   379  N  N   . TRP A 1 62  ? -13.727 9.537   -14.603 1.00 12.03 ? 46  TRP A N   1 
ATOM   380  C  CA  . TRP A 1 62  ? -15.127 9.738   -14.965 1.00 12.38 ? 46  TRP A CA  1 
ATOM   381  C  C   . TRP A 1 62  ? -16.020 9.468   -13.764 1.00 13.03 ? 46  TRP A C   1 
ATOM   382  O  O   . TRP A 1 62  ? -15.773 8.553   -12.978 1.00 12.94 ? 46  TRP A O   1 
ATOM   383  C  CB  . TRP A 1 62  ? -15.542 8.807   -16.104 1.00 12.09 ? 46  TRP A CB  1 
ATOM   384  C  CG  . TRP A 1 62  ? -14.978 9.186   -17.425 1.00 12.00 ? 46  TRP A CG  1 
ATOM   385  C  CD1 . TRP A 1 62  ? -13.782 8.794   -17.949 1.00 12.25 ? 46  TRP A CD1 1 
ATOM   386  C  CD2 . TRP A 1 62  ? -15.580 10.050  -18.398 1.00 12.47 ? 46  TRP A CD2 1 
ATOM   387  N  NE1 . TRP A 1 62  ? -13.599 9.358   -19.187 1.00 12.07 ? 46  TRP A NE1 1 
ATOM   388  C  CE2 . TRP A 1 62  ? -14.688 10.134  -19.488 1.00 12.52 ? 46  TRP A CE2 1 
ATOM   389  C  CE3 . TRP A 1 62  ? -16.787 10.762  -18.452 1.00 12.82 ? 46  TRP A CE3 1 
ATOM   390  C  CZ2 . TRP A 1 62  ? -14.963 10.901  -20.625 1.00 12.42 ? 46  TRP A CZ2 1 
ATOM   391  C  CZ3 . TRP A 1 62  ? -17.061 11.526  -19.586 1.00 12.90 ? 46  TRP A CZ3 1 
ATOM   392  C  CH2 . TRP A 1 62  ? -16.152 11.587  -20.656 1.00 12.38 ? 46  TRP A CH2 1 
ATOM   393  N  N   . TRP A 1 63  ? -17.063 10.273  -13.630 1.00 14.02 ? 47  TRP A N   1 
ATOM   394  C  CA  . TRP A 1 63  ? -18.005 10.116  -12.538 1.00 15.50 ? 47  TRP A CA  1 
ATOM   395  C  C   . TRP A 1 63  ? -19.353 10.662  -12.975 1.00 15.40 ? 47  TRP A C   1 
ATOM   396  O  O   . TRP A 1 63  ? -19.507 11.865  -13.169 1.00 15.49 ? 47  TRP A O   1 
ATOM   397  C  CB  . TRP A 1 63  ? -17.512 10.862  -11.297 1.00 16.95 ? 47  TRP A CB  1 
ATOM   398  C  CG  . TRP A 1 63  ? -18.488 10.830  -10.173 1.00 19.04 ? 47  TRP A CG  1 
ATOM   399  C  CD1 . TRP A 1 63  ? -19.441 11.763  -9.885  1.00 19.56 ? 47  TRP A CD1 1 
ATOM   400  C  CD2 . TRP A 1 63  ? -18.643 9.785   -9.207  1.00 19.96 ? 47  TRP A CD2 1 
ATOM   401  N  NE1 . TRP A 1 63  ? -20.182 11.364  -8.798  1.00 20.20 ? 47  TRP A NE1 1 
ATOM   402  C  CE2 . TRP A 1 63  ? -19.714 10.153  -8.362  1.00 20.16 ? 47  TRP A CE2 1 
ATOM   403  C  CE3 . TRP A 1 63  ? -17.982 8.572   -8.973  1.00 20.51 ? 47  TRP A CE3 1 
ATOM   404  C  CZ2 . TRP A 1 63  ? -20.143 9.351   -7.297  1.00 20.76 ? 47  TRP A CZ2 1 
ATOM   405  C  CZ3 . TRP A 1 63  ? -18.408 7.771   -7.911  1.00 20.75 ? 47  TRP A CZ3 1 
ATOM   406  C  CH2 . TRP A 1 63  ? -19.480 8.166   -7.088  1.00 20.94 ? 47  TRP A CH2 1 
ATOM   407  N  N   . LYS A 1 64  ? -20.322 9.767   -13.133 1.00 16.33 ? 48  LYS A N   1 
ATOM   408  C  CA  . LYS A 1 64  ? -21.662 10.152  -13.554 1.00 16.55 ? 48  LYS A CA  1 
ATOM   409  C  C   . LYS A 1 64  ? -21.659 10.894  -14.885 1.00 16.32 ? 48  LYS A C   1 
ATOM   410  O  O   . LYS A 1 64  ? -22.304 11.936  -15.030 1.00 16.25 ? 48  LYS A O   1 
ATOM   411  C  CB  . LYS A 1 64  ? -22.333 11.017  -12.483 1.00 18.01 ? 48  LYS A CB  1 
ATOM   412  C  CG  . LYS A 1 64  ? -22.810 10.243  -11.265 1.00 19.42 ? 48  LYS A CG  1 
ATOM   413  C  CD  . LYS A 1 64  ? -23.355 11.181  -10.192 1.00 20.90 ? 48  LYS A CD  1 
ATOM   414  C  CE  . LYS A 1 64  ? -24.461 12.082  -10.733 1.00 21.51 ? 48  LYS A CE  1 
ATOM   415  N  NZ  . LYS A 1 64  ? -24.973 13.025  -9.692  1.00 21.98 ? 48  LYS A NZ  1 
ATOM   416  N  N   . GLY A 1 65  ? -20.913 10.358  -15.848 1.00 15.93 ? 49  GLY A N   1 
ATOM   417  C  CA  . GLY A 1 65  ? -20.864 10.949  -17.174 1.00 15.62 ? 49  GLY A CA  1 
ATOM   418  C  C   . GLY A 1 65  ? -20.026 12.194  -17.365 1.00 15.41 ? 49  GLY A C   1 
ATOM   419  O  O   . GLY A 1 65  ? -20.042 12.792  -18.440 1.00 15.55 ? 49  GLY A O   1 
ATOM   420  N  N   . GLU A 1 66  ? -19.290 12.601  -16.339 1.00 15.82 ? 50  GLU A N   1 
ATOM   421  C  CA  . GLU A 1 66  ? -18.458 13.787  -16.475 1.00 16.03 ? 50  GLU A CA  1 
ATOM   422  C  C   . GLU A 1 66  ? -17.055 13.560  -15.937 1.00 15.15 ? 50  GLU A C   1 
ATOM   423  O  O   . GLU A 1 66  ? -16.845 12.744  -15.041 1.00 14.84 ? 50  GLU A O   1 
ATOM   424  C  CB  . GLU A 1 66  ? -19.108 14.978  -15.766 1.00 17.49 ? 50  GLU A CB  1 
ATOM   425  C  CG  . GLU A 1 66  ? -20.387 15.463  -16.451 1.00 20.04 ? 50  GLU A CG  1 
ATOM   426  C  CD  . GLU A 1 66  ? -20.967 16.720  -15.822 1.00 21.47 ? 50  GLU A CD  1 
ATOM   427  O  OE1 . GLU A 1 66  ? -20.219 17.708  -15.662 1.00 23.34 ? 50  GLU A OE1 1 
ATOM   428  O  OE2 . GLU A 1 66  ? -22.176 16.722  -15.497 1.00 23.02 ? 50  GLU A OE2 1 
ATOM   429  N  N   . ILE A 1 67  ? -16.095 14.272  -16.516 1.00 15.51 ? 51  ILE A N   1 
ATOM   430  C  CA  . ILE A 1 67  ? -14.707 14.169  -16.087 1.00 15.59 ? 51  ILE A CA  1 
ATOM   431  C  C   . ILE A 1 67  ? -14.551 15.098  -14.897 1.00 15.67 ? 51  ILE A C   1 
ATOM   432  O  O   . ILE A 1 67  ? -14.835 16.291  -14.987 1.00 16.15 ? 51  ILE A O   1 
ATOM   433  C  CB  . ILE A 1 67  ? -13.738 14.602  -17.207 1.00 15.44 ? 51  ILE A CB  1 
ATOM   434  C  CG1 . ILE A 1 67  ? -13.880 13.653  -18.398 1.00 15.39 ? 51  ILE A CG1 1 
ATOM   435  C  CG2 . ILE A 1 67  ? -12.297 14.601  -16.690 1.00 15.22 ? 51  ILE A CG2 1 
ATOM   436  C  CD1 . ILE A 1 67  ? -13.061 14.050  -19.605 1.00 15.48 ? 51  ILE A CD1 1 
ATOM   437  N  N   . VAL A 1 68  ? -14.113 14.549  -13.774 1.00 15.91 ? 52  VAL A N   1 
ATOM   438  C  CA  . VAL A 1 68  ? -13.945 15.358  -12.584 1.00 16.44 ? 52  VAL A CA  1 
ATOM   439  C  C   . VAL A 1 68  ? -12.502 15.396  -12.119 1.00 16.63 ? 52  VAL A C   1 
ATOM   440  O  O   . VAL A 1 68  ? -11.705 14.520  -12.451 1.00 16.58 ? 52  VAL A O   1 
ATOM   441  C  CB  . VAL A 1 68  ? -14.835 14.847  -11.434 1.00 16.56 ? 52  VAL A CB  1 
ATOM   442  C  CG1 . VAL A 1 68  ? -16.300 14.986  -11.819 1.00 16.65 ? 52  VAL A CG1 1 
ATOM   443  C  CG2 . VAL A 1 68  ? -14.503 13.396  -11.115 1.00 16.21 ? 52  VAL A CG2 1 
ATOM   444  N  N   . GLN A 1 69  ? -12.182 16.445  -11.373 1.00 16.71 ? 53  GLN A N   1 
ATOM   445  C  CA  . GLN A 1 69  ? -10.855 16.640  -10.813 1.00 17.15 ? 53  GLN A CA  1 
ATOM   446  C  C   . GLN A 1 69  ? -11.024 16.406  -9.324  1.00 16.37 ? 53  GLN A C   1 
ATOM   447  O  O   . GLN A 1 69  ? -12.040 16.782  -8.738  1.00 16.59 ? 53  GLN A O   1 
ATOM   448  C  CB  . GLN A 1 69  ? -10.367 18.068  -11.055 1.00 18.80 ? 53  GLN A CB  1 
ATOM   449  C  CG  . GLN A 1 69  ? -8.978  18.337  -10.505 1.00 20.84 ? 53  GLN A CG  1 
ATOM   450  C  CD  . GLN A 1 69  ? -7.887  17.709  -11.349 1.00 21.80 ? 53  GLN A CD  1 
ATOM   451  O  OE1 . GLN A 1 69  ? -6.983  17.051  -10.829 1.00 21.89 ? 53  GLN A OE1 1 
ATOM   452  N  NE2 . GLN A 1 69  ? -7.958  17.921  -12.660 1.00 22.60 ? 53  GLN A NE2 1 
ATOM   453  N  N   . ASP A 1 70  ? -10.033 15.788  -8.702  1.00 15.46 ? 54  ASP A N   1 
ATOM   454  C  CA  . ASP A 1 70  ? -10.134 15.508  -7.286  1.00 15.01 ? 54  ASP A CA  1 
ATOM   455  C  C   . ASP A 1 70  ? -8.766  15.675  -6.641  1.00 14.27 ? 54  ASP A C   1 
ATOM   456  O  O   . ASP A 1 70  ? -7.749  15.753  -7.331  1.00 14.03 ? 54  ASP A O   1 
ATOM   457  C  CB  . ASP A 1 70  ? -10.641 14.072  -7.103  1.00 16.13 ? 54  ASP A CB  1 
ATOM   458  C  CG  . ASP A 1 70  ? -11.245 13.823  -5.736  1.00 17.10 ? 54  ASP A CG  1 
ATOM   459  O  OD1 . ASP A 1 70  ? -11.248 14.743  -4.890  1.00 18.07 ? 54  ASP A OD1 1 
ATOM   460  O  OD2 . ASP A 1 70  ? -11.723 12.690  -5.510  1.00 18.33 ? 54  ASP A OD2 1 
ATOM   461  N  N   . LYS A 1 71  ? -8.759  15.769  -5.319  1.00 13.33 ? 55  LYS A N   1 
ATOM   462  C  CA  . LYS A 1 71  ? -7.526  15.885  -4.553  1.00 13.14 ? 55  LYS A CA  1 
ATOM   463  C  C   . LYS A 1 71  ? -7.568  14.711  -3.599  1.00 12.24 ? 55  LYS A C   1 
ATOM   464  O  O   . LYS A 1 71  ? -8.549  14.534  -2.880  1.00 12.75 ? 55  LYS A O   1 
ATOM   465  C  CB  . LYS A 1 71  ? -7.488  17.178  -3.739  1.00 13.58 ? 55  LYS A CB  1 
ATOM   466  C  CG  . LYS A 1 71  ? -7.022  18.399  -4.491  1.00 15.02 ? 55  LYS A CG  1 
ATOM   467  C  CD  . LYS A 1 71  ? -6.690  19.490  -3.498  1.00 16.63 ? 55  LYS A CD  1 
ATOM   468  C  CE  . LYS A 1 71  ? -6.244  20.756  -4.182  1.00 17.27 ? 55  LYS A CE  1 
ATOM   469  N  NZ  . LYS A 1 71  ? -5.953  21.799  -3.172  1.00 18.05 ? 55  LYS A NZ  1 
ATOM   470  N  N   . GLU A 1 72  ? -6.511  13.908  -3.592  1.00 11.49 ? 56  GLU A N   1 
ATOM   471  C  CA  . GLU A 1 72  ? -6.468  12.747  -2.717  1.00 11.38 ? 56  GLU A CA  1 
ATOM   472  C  C   . GLU A 1 72  ? -5.068  12.552  -2.180  1.00 11.21 ? 56  GLU A C   1 
ATOM   473  O  O   . GLU A 1 72  ? -4.184  13.384  -2.384  1.00 10.44 ? 56  GLU A O   1 
ATOM   474  C  CB  . GLU A 1 72  ? -6.845  11.481  -3.490  1.00 12.40 ? 56  GLU A CB  1 
ATOM   475  C  CG  . GLU A 1 72  ? -8.180  11.513  -4.204  1.00 13.23 ? 56  GLU A CG  1 
ATOM   476  C  CD  . GLU A 1 72  ? -8.411  10.244  -4.998  1.00 14.04 ? 56  GLU A CD  1 
ATOM   477  O  OE1 . GLU A 1 72  ? -8.611  9.177   -4.378  1.00 14.12 ? 56  GLU A OE1 1 
ATOM   478  O  OE2 . GLU A 1 72  ? -8.373  10.309  -6.242  1.00 15.22 ? 56  GLU A OE2 1 
ATOM   479  N  N   . TRP A 1 73  ? -4.888  11.448  -1.467  1.00 10.56 ? 57  TRP A N   1 
ATOM   480  C  CA  . TRP A 1 73  ? -3.586  11.081  -0.953  1.00 10.38 ? 57  TRP A CA  1 
ATOM   481  C  C   . TRP A 1 73  ? -3.353  9.648   -1.386  1.00 10.22 ? 57  TRP A C   1 
ATOM   482  O  O   . TRP A 1 73  ? -4.191  8.777   -1.158  1.00 10.51 ? 57  TRP A O   1 
ATOM   483  C  CB  . TRP A 1 73  ? -3.518  11.202  0.574   1.00 10.77 ? 57  TRP A CB  1 
ATOM   484  C  CG  . TRP A 1 73  ? -2.992  12.534  1.003   1.00 11.23 ? 57  TRP A CG  1 
ATOM   485  C  CD1 . TRP A 1 73  ? -3.645  13.731  0.933   1.00 11.71 ? 57  TRP A CD1 1 
ATOM   486  C  CD2 . TRP A 1 73  ? -1.676  12.823  1.489   1.00 11.67 ? 57  TRP A CD2 1 
ATOM   487  N  NE1 . TRP A 1 73  ? -2.817  14.748  1.340   1.00 11.56 ? 57  TRP A NE1 1 
ATOM   488  C  CE2 . TRP A 1 73  ? -1.602  14.219  1.687   1.00 11.83 ? 57  TRP A CE2 1 
ATOM   489  C  CE3 . TRP A 1 73  ? -0.550  12.039  1.774   1.00 11.59 ? 57  TRP A CE3 1 
ATOM   490  C  CZ2 . TRP A 1 73  ? -0.445  14.850  2.158   1.00 11.76 ? 57  TRP A CZ2 1 
ATOM   491  C  CZ3 . TRP A 1 73  ? 0.602   12.669  2.243   1.00 12.20 ? 57  TRP A CZ3 1 
ATOM   492  C  CH2 . TRP A 1 73  ? 0.643   14.059  2.429   1.00 11.78 ? 57  TRP A CH2 1 
ATOM   493  N  N   . ALA A 1 74  ? -2.229  9.420   -2.052  1.00 9.16  ? 58  ALA A N   1 
ATOM   494  C  CA  . ALA A 1 74  ? -1.877  8.089   -2.512  1.00 8.91  ? 58  ALA A CA  1 
ATOM   495  C  C   . ALA A 1 74  ? -0.942  7.487   -1.482  1.00 8.55  ? 58  ALA A C   1 
ATOM   496  O  O   . ALA A 1 74  ? -0.353  8.203   -0.673  1.00 8.87  ? 58  ALA A O   1 
ATOM   497  C  CB  . ALA A 1 74  ? -1.176  8.168   -3.861  1.00 8.99  ? 58  ALA A CB  1 
ATOM   498  N  N   . ALA A 1 75  ? -0.814  6.171   -1.507  1.00 8.41  ? 59  ALA A N   1 
ATOM   499  C  CA  . ALA A 1 75  ? 0.084   5.512   -0.583  1.00 8.89  ? 59  ALA A CA  1 
ATOM   500  C  C   . ALA A 1 75  ? 0.601   4.236   -1.196  1.00 9.55  ? 59  ALA A C   1 
ATOM   501  O  O   . ALA A 1 75  ? -0.132  3.521   -1.878  1.00 9.35  ? 59  ALA A O   1 
ATOM   502  C  CB  . ALA A 1 75  ? -0.628  5.205   0.731   1.00 9.03  ? 59  ALA A CB  1 
ATOM   503  N  N   . ILE A 1 76  ? 1.886   3.975   -0.988  1.00 10.01 ? 60  ILE A N   1 
ATOM   504  C  CA  . ILE A 1 76  ? 2.460   2.732   -1.460  1.00 10.65 ? 60  ILE A CA  1 
ATOM   505  C  C   . ILE A 1 76  ? 2.744   1.957   -0.188  1.00 11.03 ? 60  ILE A C   1 
ATOM   506  O  O   . ILE A 1 76  ? 3.277   2.500   0.789   1.00 10.86 ? 60  ILE A O   1 
ATOM   507  C  CB  . ILE A 1 76  ? 3.760   2.927   -2.276  1.00 12.33 ? 60  ILE A CB  1 
ATOM   508  C  CG1 . ILE A 1 76  ? 4.808   3.673   -1.462  1.00 13.27 ? 60  ILE A CG1 1 
ATOM   509  C  CG2 . ILE A 1 76  ? 3.444   3.663   -3.565  1.00 12.21 ? 60  ILE A CG2 1 
ATOM   510  C  CD1 . ILE A 1 76  ? 6.187   3.647   -2.092  1.00 15.76 ? 60  ILE A CD1 1 
ATOM   511  N  N   . PHE A 1 77  ? 2.344   0.696   -0.197  1.00 10.70 ? 61  PHE A N   1 
ATOM   512  C  CA  . PHE A 1 77  ? 2.524   -0.177  0.947   1.00 11.14 ? 61  PHE A CA  1 
ATOM   513  C  C   . PHE A 1 77  ? 3.578   -1.215  0.607   1.00 11.63 ? 61  PHE A C   1 
ATOM   514  O  O   . PHE A 1 77  ? 3.486   -1.894  -0.414  1.00 11.79 ? 61  PHE A O   1 
ATOM   515  C  CB  . PHE A 1 77  ? 1.195   -0.854  1.293   1.00 10.83 ? 61  PHE A CB  1 
ATOM   516  C  CG  . PHE A 1 77  ? 0.091   0.114   1.628   1.00 11.32 ? 61  PHE A CG  1 
ATOM   517  C  CD1 . PHE A 1 77  ? 0.165   0.908   2.769   1.00 11.62 ? 61  PHE A CD1 1 
ATOM   518  C  CD2 . PHE A 1 77  ? -1.017  0.241   0.793   1.00 11.69 ? 61  PHE A CD2 1 
ATOM   519  C  CE1 . PHE A 1 77  ? -0.848  1.818   3.075   1.00 11.44 ? 61  PHE A CE1 1 
ATOM   520  C  CE2 . PHE A 1 77  ? -2.034  1.146   1.089   1.00 11.58 ? 61  PHE A CE2 1 
ATOM   521  C  CZ  . PHE A 1 77  ? -1.951  1.936   2.231   1.00 11.09 ? 61  PHE A CZ  1 
ATOM   522  N  N   . LYS A 1 78  ? 4.579   -1.333  1.471   1.00 12.00 ? 62  LYS A N   1 
ATOM   523  C  CA  . LYS A 1 78  ? 5.667   -2.272  1.255   1.00 12.24 ? 62  LYS A CA  1 
ATOM   524  C  C   . LYS A 1 78  ? 5.518   -3.447  2.207   1.00 12.32 ? 62  LYS A C   1 
ATOM   525  O  O   . LYS A 1 78  ? 5.461   -3.267  3.423   1.00 12.20 ? 62  LYS A O   1 
ATOM   526  C  CB  . LYS A 1 78  ? 7.001   -1.569  1.499   1.00 13.34 ? 62  LYS A CB  1 
ATOM   527  C  CG  . LYS A 1 78  ? 7.138   -0.228  0.782   1.00 15.13 ? 62  LYS A CG  1 
ATOM   528  C  CD  . LYS A 1 78  ? 8.437   0.471   1.177   1.00 16.57 ? 62  LYS A CD  1 
ATOM   529  C  CE  . LYS A 1 78  ? 8.491   1.893   0.641   1.00 17.49 ? 62  LYS A CE  1 
ATOM   530  N  NZ  . LYS A 1 78  ? 9.764   2.598   0.989   1.00 18.45 ? 62  LYS A NZ  1 
ATOM   531  N  N   . THR A 1 79  ? 5.438   -4.651  1.651   1.00 11.93 ? 63  THR A N   1 
ATOM   532  C  CA  . THR A 1 79  ? 5.304   -5.844  2.475   1.00 12.22 ? 63  THR A CA  1 
ATOM   533  C  C   . THR A 1 79  ? 5.892   -7.046  1.741   1.00 12.52 ? 63  THR A C   1 
ATOM   534  O  O   . THR A 1 79  ? 6.574   -6.881  0.729   1.00 12.26 ? 63  THR A O   1 
ATOM   535  C  CB  . THR A 1 79  ? 3.816   -6.108  2.847   1.00 12.40 ? 63  THR A CB  1 
ATOM   536  O  OG1 . THR A 1 79  ? 3.759   -7.064  3.912   1.00 12.67 ? 63  THR A OG1 1 
ATOM   537  C  CG2 . THR A 1 79  ? 3.029   -6.648  1.652   1.00 12.83 ? 63  THR A CG2 1 
ATOM   538  N  N   . THR A 1 80  ? 5.645   -8.245  2.253   1.00 12.82 ? 64  THR A N   1 
ATOM   539  C  CA  . THR A 1 80  ? 6.156   -9.457  1.624   1.00 13.55 ? 64  THR A CA  1 
ATOM   540  C  C   . THR A 1 80  ? 5.055   -10.161 0.840   1.00 13.94 ? 64  THR A C   1 
ATOM   541  O  O   . THR A 1 80  ? 3.869   -9.939  1.087   1.00 13.68 ? 64  THR A O   1 
ATOM   542  C  CB  . THR A 1 80  ? 6.717   -10.429 2.668   1.00 13.72 ? 64  THR A CB  1 
ATOM   543  O  OG1 . THR A 1 80  ? 5.690   -10.770 3.603   1.00 13.72 ? 64  THR A OG1 1 
ATOM   544  C  CG2 . THR A 1 80  ? 7.884   -9.792  3.401   1.00 13.88 ? 64  THR A CG2 1 
ATOM   545  N  N   . GLU A 1 81  ? 5.448   -11.009 -0.106  1.00 14.96 ? 65  GLU A N   1 
ATOM   546  C  CA  . GLU A 1 81  ? 4.481   -11.729 -0.934  1.00 15.39 ? 65  GLU A CA  1 
ATOM   547  C  C   . GLU A 1 81  ? 3.516   -12.561 -0.093  1.00 15.75 ? 65  GLU A C   1 
ATOM   548  O  O   . GLU A 1 81  ? 2.362   -12.769 -0.466  1.00 15.71 ? 65  GLU A O   1 
ATOM   549  C  CB  . GLU A 1 81  ? 5.213   -12.644 -1.920  1.00 16.37 ? 65  GLU A CB  1 
ATOM   550  C  CG  . GLU A 1 81  ? 6.254   -11.929 -2.769  1.00 17.30 ? 65  GLU A CG  1 
ATOM   551  C  CD  . GLU A 1 81  ? 6.918   -12.849 -3.774  1.00 17.59 ? 65  GLU A CD  1 
ATOM   552  O  OE1 . GLU A 1 81  ? 7.004   -14.067 -3.497  1.00 18.22 ? 65  GLU A OE1 1 
ATOM   553  O  OE2 . GLU A 1 81  ? 7.361   -12.353 -4.832  1.00 18.44 ? 65  GLU A OE2 1 
ATOM   554  N  N   . GLU A 1 82  ? 4.002   -13.030 1.050   1.00 15.64 ? 66  GLU A N   1 
ATOM   555  C  CA  . GLU A 1 82  ? 3.204   -13.855 1.947   1.00 16.16 ? 66  GLU A CA  1 
ATOM   556  C  C   . GLU A 1 82  ? 2.034   -13.106 2.587   1.00 15.44 ? 66  GLU A C   1 
ATOM   557  O  O   . GLU A 1 82  ? 1.047   -13.719 3.001   1.00 15.05 ? 66  GLU A O   1 
ATOM   558  C  CB  . GLU A 1 82  ? 4.113   -14.441 3.030   1.00 17.44 ? 66  GLU A CB  1 
ATOM   559  C  CG  . GLU A 1 82  ? 5.160   -15.420 2.492   1.00 19.84 ? 66  GLU A CG  1 
ATOM   560  C  CD  . GLU A 1 82  ? 6.011   -14.844 1.364   1.00 20.90 ? 66  GLU A CD  1 
ATOM   561  O  OE1 . GLU A 1 82  ? 6.772   -13.875 1.602   1.00 21.42 ? 66  GLU A OE1 1 
ATOM   562  O  OE2 . GLU A 1 82  ? 5.914   -15.367 0.229   1.00 22.40 ? 66  GLU A OE2 1 
ATOM   563  N  N   . LYS A 1 83  ? 2.145   -11.783 2.650   1.00 14.52 ? 67  LYS A N   1 
ATOM   564  C  CA  . LYS A 1 83  ? 1.109   -10.943 3.247   1.00 14.38 ? 67  LYS A CA  1 
ATOM   565  C  C   . LYS A 1 83  ? 0.155   -10.324 2.228   1.00 13.89 ? 67  LYS A C   1 
ATOM   566  O  O   . LYS A 1 83  ? -0.791  -9.635  2.612   1.00 13.92 ? 67  LYS A O   1 
ATOM   567  C  CB  . LYS A 1 83  ? 1.758   -9.806  4.047   1.00 14.63 ? 67  LYS A CB  1 
ATOM   568  C  CG  . LYS A 1 83  ? 2.681   -10.249 5.174   1.00 15.44 ? 67  LYS A CG  1 
ATOM   569  C  CD  . LYS A 1 83  ? 1.898   -10.662 6.411   1.00 16.22 ? 67  LYS A CD  1 
ATOM   570  C  CE  . LYS A 1 83  ? 2.837   -11.048 7.542   1.00 16.97 ? 67  LYS A CE  1 
ATOM   571  N  NZ  . LYS A 1 83  ? 2.122   -11.190 8.840   1.00 17.67 ? 67  LYS A NZ  1 
ATOM   572  N  N   . GLU A 1 84  ? 0.380   -10.566 0.938   1.00 13.06 ? 68  GLU A N   1 
ATOM   573  C  CA  . GLU A 1 84  ? -0.468  -9.961  -0.089  1.00 13.05 ? 68  GLU A CA  1 
ATOM   574  C  C   . GLU A 1 84  ? -1.970  -10.208 0.053   1.00 12.93 ? 68  GLU A C   1 
ATOM   575  O  O   . GLU A 1 84  ? -2.756  -9.263  0.021   1.00 12.27 ? 68  GLU A O   1 
ATOM   576  C  CB  . GLU A 1 84  ? -0.011  -10.379 -1.492  1.00 13.64 ? 68  GLU A CB  1 
ATOM   577  C  CG  . GLU A 1 84  ? -0.817  -9.704  -2.612  1.00 14.32 ? 68  GLU A CG  1 
ATOM   578  C  CD  . GLU A 1 84  ? -0.171  -9.842  -3.979  1.00 15.49 ? 68  GLU A CD  1 
ATOM   579  O  OE1 . GLU A 1 84  ? 0.368   -10.928 -4.279  1.00 16.96 ? 68  GLU A OE1 1 
ATOM   580  O  OE2 . GLU A 1 84  ? -0.218  -8.866  -4.760  1.00 15.31 ? 68  GLU A OE2 1 
ATOM   581  N  N   . LYS A 1 85  ? -2.367  -11.467 0.209   1.00 13.06 ? 69  LYS A N   1 
ATOM   582  C  CA  . LYS A 1 85  ? -3.783  -11.801 0.343   1.00 13.69 ? 69  LYS A CA  1 
ATOM   583  C  C   . LYS A 1 85  ? -4.403  -11.102 1.549   1.00 13.31 ? 69  LYS A C   1 
ATOM   584  O  O   . LYS A 1 85  ? -5.472  -10.499 1.446   1.00 13.17 ? 69  LYS A O   1 
ATOM   585  C  CB  . LYS A 1 85  ? -3.958  -13.315 0.477   1.00 14.71 ? 69  LYS A CB  1 
ATOM   586  C  CG  . LYS A 1 85  ? -5.407  -13.774 0.410   1.00 16.53 ? 69  LYS A CG  1 
ATOM   587  C  CD  . LYS A 1 85  ? -5.495  -15.291 0.514   1.00 18.46 ? 69  LYS A CD  1 
ATOM   588  C  CE  . LYS A 1 85  ? -6.927  -15.782 0.355   1.00 19.24 ? 69  LYS A CE  1 
ATOM   589  N  NZ  . LYS A 1 85  ? -7.813  -15.244 1.422   1.00 20.27 ? 69  LYS A NZ  1 
ATOM   590  N  N   . GLU A 1 86  ? -3.729  -11.182 2.693   1.00 13.35 ? 70  GLU A N   1 
ATOM   591  C  CA  . GLU A 1 86  ? -4.223  -10.541 3.906   1.00 14.02 ? 70  GLU A CA  1 
ATOM   592  C  C   . GLU A 1 86  ? -4.287  -9.022  3.750   1.00 13.72 ? 70  GLU A C   1 
ATOM   593  O  O   . GLU A 1 86  ? -5.232  -8.380  4.220   1.00 13.79 ? 70  GLU A O   1 
ATOM   594  C  CB  . GLU A 1 86  ? -3.325  -10.894 5.093   1.00 15.34 ? 70  GLU A CB  1 
ATOM   595  C  CG  . GLU A 1 86  ? -3.445  -12.335 5.569   1.00 17.80 ? 70  GLU A CG  1 
ATOM   596  C  CD  . GLU A 1 86  ? -2.329  -12.715 6.526   1.00 19.01 ? 70  GLU A CD  1 
ATOM   597  O  OE1 . GLU A 1 86  ? -1.178  -12.877 6.065   1.00 19.69 ? 70  GLU A OE1 1 
ATOM   598  O  OE2 . GLU A 1 86  ? -2.602  -12.842 7.739   1.00 21.24 ? 70  GLU A OE2 1 
ATOM   599  N  N   . LEU A 1 87  ? -3.281  -8.449  3.094   1.00 12.57 ? 71  LEU A N   1 
ATOM   600  C  CA  . LEU A 1 87  ? -3.242  -7.004  2.884   1.00 12.23 ? 71  LEU A CA  1 
ATOM   601  C  C   . LEU A 1 87  ? -4.437  -6.553  2.057   1.00 12.03 ? 71  LEU A C   1 
ATOM   602  O  O   . LEU A 1 87  ? -5.103  -5.577  2.400   1.00 11.90 ? 71  LEU A O   1 
ATOM   603  C  CB  . LEU A 1 87  ? -1.937  -6.595  2.191   1.00 11.58 ? 71  LEU A CB  1 
ATOM   604  C  CG  . LEU A 1 87  ? -1.787  -5.114  1.826   1.00 11.41 ? 71  LEU A CG  1 
ATOM   605  C  CD1 . LEU A 1 87  ? -2.067  -4.229  3.032   1.00 10.99 ? 71  LEU A CD1 1 
ATOM   606  C  CD2 . LEU A 1 87  ? -0.378  -4.872  1.301   1.00 11.42 ? 71  LEU A CD2 1 
ATOM   607  N  N   . TYR A 1 88  ? -4.711  -7.256  0.962   1.00 12.18 ? 72  TYR A N   1 
ATOM   608  C  CA  . TYR A 1 88  ? -5.854  -6.903  0.127   1.00 12.41 ? 72  TYR A CA  1 
ATOM   609  C  C   . TYR A 1 88  ? -7.159  -7.004  0.919   1.00 12.70 ? 72  TYR A C   1 
ATOM   610  O  O   . TYR A 1 88  ? -8.046  -6.169  0.770   1.00 12.46 ? 72  TYR A O   1 
ATOM   611  C  CB  . TYR A 1 88  ? -5.946  -7.814  -1.102  1.00 12.57 ? 72  TYR A CB  1 
ATOM   612  C  CG  . TYR A 1 88  ? -5.225  -7.300  -2.333  1.00 12.48 ? 72  TYR A CG  1 
ATOM   613  C  CD1 . TYR A 1 88  ? -3.838  -7.405  -2.456  1.00 12.72 ? 72  TYR A CD1 1 
ATOM   614  C  CD2 . TYR A 1 88  ? -5.936  -6.729  -3.387  1.00 12.38 ? 72  TYR A CD2 1 
ATOM   615  C  CE1 . TYR A 1 88  ? -3.180  -6.958  -3.601  1.00 12.92 ? 72  TYR A CE1 1 
ATOM   616  C  CE2 . TYR A 1 88  ? -5.291  -6.277  -4.534  1.00 12.51 ? 72  TYR A CE2 1 
ATOM   617  C  CZ  . TYR A 1 88  ? -3.915  -6.395  -4.635  1.00 12.84 ? 72  TYR A CZ  1 
ATOM   618  O  OH  . TYR A 1 88  ? -3.280  -5.945  -5.770  1.00 12.55 ? 72  TYR A OH  1 
ATOM   619  N  N   . GLU A 1 89  ? -7.278  -8.023  1.762   1.00 13.19 ? 73  GLU A N   1 
ATOM   620  C  CA  . GLU A 1 89  ? -8.492  -8.184  2.550   1.00 13.98 ? 73  GLU A CA  1 
ATOM   621  C  C   . GLU A 1 89  ? -8.657  -7.065  3.573   1.00 13.20 ? 73  GLU A C   1 
ATOM   622  O  O   . GLU A 1 89  ? -9.758  -6.564  3.774   1.00 13.89 ? 73  GLU A O   1 
ATOM   623  C  CB  . GLU A 1 89  ? -8.493  -9.549  3.246   1.00 14.82 ? 73  GLU A CB  1 
ATOM   624  C  CG  . GLU A 1 89  ? -8.388  -10.710 2.273   1.00 16.62 ? 73  GLU A CG  1 
ATOM   625  C  CD  . GLU A 1 89  ? -8.321  -12.056 2.959   1.00 17.80 ? 73  GLU A CD  1 
ATOM   626  O  OE1 . GLU A 1 89  ? -7.686  -12.149 4.029   1.00 19.08 ? 73  GLU A OE1 1 
ATOM   627  O  OE2 . GLU A 1 89  ? -8.891  -13.026 2.418   1.00 18.53 ? 73  GLU A OE2 1 
ATOM   628  N  N   . GLU A 1 90  ? -7.564  -6.664  4.215   1.00 13.36 ? 74  GLU A N   1 
ATOM   629  C  CA  . GLU A 1 90  ? -7.640  -5.601  5.210   1.00 12.50 ? 74  GLU A CA  1 
ATOM   630  C  C   . GLU A 1 90  ? -7.918  -4.253  4.538   1.00 12.40 ? 74  GLU A C   1 
ATOM   631  O  O   . GLU A 1 90  ? -8.642  -3.419  5.086   1.00 11.98 ? 74  GLU A O   1 
ATOM   632  C  CB  . GLU A 1 90  ? -6.344  -5.546  6.020   1.00 13.43 ? 74  GLU A CB  1 
ATOM   633  C  CG  . GLU A 1 90  ? -6.407  -4.690  7.281   1.00 14.36 ? 74  GLU A CG  1 
ATOM   634  C  CD  . GLU A 1 90  ? -7.287  -5.286  8.370   1.00 15.79 ? 74  GLU A CD  1 
ATOM   635  O  OE1 . GLU A 1 90  ? -7.505  -6.519  8.363   1.00 16.51 ? 74  GLU A OE1 1 
ATOM   636  O  OE2 . GLU A 1 90  ? -7.745  -4.521  9.247   1.00 15.84 ? 74  GLU A OE2 1 
ATOM   637  N  N   . LEU A 1 91  ? -7.353  -4.037  3.351   1.00 11.97 ? 75  LEU A N   1 
ATOM   638  C  CA  . LEU A 1 91  ? -7.586  -2.783  2.635   1.00 12.16 ? 75  LEU A CA  1 
ATOM   639  C  C   . LEU A 1 91  ? -9.032  -2.708  2.161   1.00 12.21 ? 75  LEU A C   1 
ATOM   640  O  O   . LEU A 1 91  ? -9.642  -1.642  2.196   1.00 12.36 ? 75  LEU A O   1 
ATOM   641  C  CB  . LEU A 1 91  ? -6.635  -2.640  1.441   1.00 12.28 ? 75  LEU A CB  1 
ATOM   642  C  CG  . LEU A 1 91  ? -5.255  -2.049  1.750   1.00 12.52 ? 75  LEU A CG  1 
ATOM   643  C  CD1 . LEU A 1 91  ? -4.369  -2.171  0.523   1.00 12.89 ? 75  LEU A CD1 1 
ATOM   644  C  CD2 . LEU A 1 91  ? -5.394  -0.584  2.166   1.00 12.66 ? 75  LEU A CD2 1 
ATOM   645  N  N   . ARG A 1 92  ? -9.575  -3.841  1.719   1.00 12.65 ? 76  ARG A N   1 
ATOM   646  C  CA  . ARG A 1 92  ? -10.967 -3.903  1.267   1.00 13.33 ? 76  ARG A CA  1 
ATOM   647  C  C   . ARG A 1 92  ? -11.886 -3.616  2.454   1.00 13.22 ? 76  ARG A C   1 
ATOM   648  O  O   . ARG A 1 92  ? -12.947 -3.007  2.307   1.00 13.67 ? 76  ARG A O   1 
ATOM   649  C  CB  . ARG A 1 92  ? -11.272 -5.293  0.692   1.00 13.54 ? 76  ARG A CB  1 
ATOM   650  C  CG  . ARG A 1 92  ? -12.744 -5.559  0.349   1.00 14.35 ? 76  ARG A CG  1 
ATOM   651  C  CD  . ARG A 1 92  ? -13.256 -4.689  -0.799  1.00 14.59 ? 76  ARG A CD  1 
ATOM   652  N  NE  . ARG A 1 92  ? -13.577 -3.329  -0.376  1.00 14.99 ? 76  ARG A NE  1 
ATOM   653  C  CZ  . ARG A 1 92  ? -14.097 -2.401  -1.174  1.00 15.05 ? 76  ARG A CZ  1 
ATOM   654  N  NH1 . ARG A 1 92  ? -14.351 -2.683  -2.444  1.00 15.59 ? 76  ARG A NH1 1 
ATOM   655  N  NH2 . ARG A 1 92  ? -14.372 -1.193  -0.699  1.00 15.30 ? 76  ARG A NH2 1 
ATOM   656  N  N   . LYS A 1 93  ? -11.460 -4.050  3.633   1.00 13.19 ? 77  LYS A N   1 
ATOM   657  C  CA  . LYS A 1 93  ? -12.214 -3.854  4.870   1.00 13.00 ? 77  LYS A CA  1 
ATOM   658  C  C   . LYS A 1 93  ? -12.251 -2.389  5.308   1.00 13.04 ? 77  LYS A C   1 
ATOM   659  O  O   . LYS A 1 93  ? -13.307 -1.847  5.652   1.00 13.17 ? 77  LYS A O   1 
ATOM   660  C  CB  . LYS A 1 93  ? -11.580 -4.700  5.982   1.00 13.33 ? 77  LYS A CB  1 
ATOM   661  C  CG  . LYS A 1 93  ? -11.908 -4.267  7.411   1.00 14.07 ? 77  LYS A CG  1 
ATOM   662  C  CD  . LYS A 1 93  ? -11.037 -5.031  8.405   1.00 14.42 ? 77  LYS A CD  1 
ATOM   663  C  CE  . LYS A 1 93  ? -11.223 -4.547  9.838   1.00 15.07 ? 77  LYS A CE  1 
ATOM   664  N  NZ  . LYS A 1 93  ? -10.221 -5.168  10.763  1.00 15.84 ? 77  LYS A NZ  1 
ATOM   665  N  N   . LEU A 1 94  ? -11.090 -1.747  5.268   1.00 12.57 ? 78  LEU A N   1 
ATOM   666  C  CA  . LEU A 1 94  ? -10.949 -0.367  5.718   1.00 12.00 ? 78  LEU A CA  1 
ATOM   667  C  C   . LEU A 1 94  ? -11.156 0.748   4.704   1.00 11.84 ? 78  LEU A C   1 
ATOM   668  O  O   . LEU A 1 94  ? -11.289 1.908   5.092   1.00 12.11 ? 78  LEU A O   1 
ATOM   669  C  CB  . LEU A 1 94  ? -9.560  -0.181  6.329   1.00 11.98 ? 78  LEU A CB  1 
ATOM   670  C  CG  . LEU A 1 94  ? -9.143  -1.138  7.447   1.00 11.90 ? 78  LEU A CG  1 
ATOM   671  C  CD1 . LEU A 1 94  ? -7.680  -0.900  7.806   1.00 11.80 ? 78  LEU A CD1 1 
ATOM   672  C  CD2 . LEU A 1 94  ? -10.032 -0.925  8.656   1.00 12.48 ? 78  LEU A CD2 1 
ATOM   673  N  N   . HIS A 1 95  ? -11.189 0.422   3.419   1.00 11.67 ? 79  HIS A N   1 
ATOM   674  C  CA  . HIS A 1 95  ? -11.303 1.485   2.434   1.00 11.94 ? 79  HIS A CA  1 
ATOM   675  C  C   . HIS A 1 95  ? -12.605 2.258   2.412   1.00 12.66 ? 79  HIS A C   1 
ATOM   676  O  O   . HIS A 1 95  ? -13.685 1.679   2.397   1.00 12.53 ? 79  HIS A O   1 
ATOM   677  C  CB  . HIS A 1 95  ? -11.012 0.966   1.027   1.00 11.58 ? 79  HIS A CB  1 
ATOM   678  C  CG  . HIS A 1 95  ? -10.318 1.974   0.171   1.00 11.07 ? 79  HIS A CG  1 
ATOM   679  N  ND1 . HIS A 1 95  ? -8.982  1.878   -0.165  1.00 12.05 ? 79  HIS A ND1 1 
ATOM   680  C  CD2 . HIS A 1 95  ? -10.744 3.157   -0.326  1.00 10.39 ? 79  HIS A CD2 1 
ATOM   681  C  CE1 . HIS A 1 95  ? -8.618  2.963   -0.826  1.00 10.42 ? 79  HIS A CE1 1 
ATOM   682  N  NE2 . HIS A 1 95  ? -9.669  3.755   -0.935  1.00 11.90 ? 79  HIS A NE2 1 
ATOM   683  N  N   . PRO A 1 96  ? -12.515 3.597   2.416   1.00 13.33 ? 80  PRO A N   1 
ATOM   684  C  CA  . PRO A 1 96  ? -13.720 4.432   2.389   1.00 13.40 ? 80  PRO A CA  1 
ATOM   685  C  C   . PRO A 1 96  ? -14.440 4.397   1.039   1.00 13.97 ? 80  PRO A C   1 
ATOM   686  O  O   . PRO A 1 96  ? -15.637 4.671   0.968   1.00 14.54 ? 80  PRO A O   1 
ATOM   687  C  CB  . PRO A 1 96  ? -13.181 5.823   2.728   1.00 13.75 ? 80  PRO A CB  1 
ATOM   688  C  CG  . PRO A 1 96  ? -11.793 5.785   2.162   1.00 13.67 ? 80  PRO A CG  1 
ATOM   689  C  CD  . PRO A 1 96  ? -11.312 4.427   2.612   1.00 13.25 ? 80  PRO A CD  1 
ATOM   690  N  N   . TYR A 1 97  ? -13.718 4.057   -0.030  1.00 13.73 ? 81  TYR A N   1 
ATOM   691  C  CA  . TYR A 1 97  ? -14.315 4.002   -1.365  1.00 14.15 ? 81  TYR A CA  1 
ATOM   692  C  C   . TYR A 1 97  ? -15.008 2.674   -1.651  1.00 14.62 ? 81  TYR A C   1 
ATOM   693  O  O   . TYR A 1 97  ? -14.571 1.619   -1.195  1.00 14.61 ? 81  TYR A O   1 
ATOM   694  C  CB  . TYR A 1 97  ? -13.261 4.216   -2.457  1.00 14.00 ? 81  TYR A CB  1 
ATOM   695  C  CG  . TYR A 1 97  ? -12.502 5.522   -2.402  1.00 13.81 ? 81  TYR A CG  1 
ATOM   696  C  CD1 . TYR A 1 97  ? -13.005 6.630   -1.719  1.00 13.99 ? 81  TYR A CD1 1 
ATOM   697  C  CD2 . TYR A 1 97  ? -11.297 5.661   -3.086  1.00 14.03 ? 81  TYR A CD2 1 
ATOM   698  C  CE1 . TYR A 1 97  ? -12.323 7.847   -1.724  1.00 14.02 ? 81  TYR A CE1 1 
ATOM   699  C  CE2 . TYR A 1 97  ? -10.612 6.867   -3.099  1.00 13.79 ? 81  TYR A CE2 1 
ATOM   700  C  CZ  . TYR A 1 97  ? -11.127 7.953   -2.420  1.00 13.66 ? 81  TYR A CZ  1 
ATOM   701  O  OH  . TYR A 1 97  ? -10.441 9.145   -2.456  1.00 13.96 ? 81  TYR A OH  1 
ATOM   702  N  N   . GLU A 1 98  ? -16.079 2.733   -2.431  1.00 15.50 ? 82  GLU A N   1 
ATOM   703  C  CA  . GLU A 1 98  ? -16.810 1.531   -2.796  1.00 16.11 ? 82  GLU A CA  1 
ATOM   704  C  C   . GLU A 1 98  ? -15.977 0.689   -3.764  1.00 15.79 ? 82  GLU A C   1 
ATOM   705  O  O   . GLU A 1 98  ? -15.917 -0.531  -3.640  1.00 15.89 ? 82  GLU A O   1 
ATOM   706  C  CB  . GLU A 1 98  ? -18.145 1.903   -3.447  1.00 17.52 ? 82  GLU A CB  1 
ATOM   707  C  CG  . GLU A 1 98  ? -19.005 0.703   -3.810  1.00 20.45 ? 82  GLU A CG  1 
ATOM   708  C  CD  . GLU A 1 98  ? -20.364 1.098   -4.354  1.00 21.71 ? 82  GLU A CD  1 
ATOM   709  O  OE1 . GLU A 1 98  ? -20.414 1.764   -5.409  1.00 22.68 ? 82  GLU A OE1 1 
ATOM   710  O  OE2 . GLU A 1 98  ? -21.383 0.743   -3.722  1.00 23.63 ? 82  GLU A OE2 1 
ATOM   711  N  N   . THR A 1 99  ? -15.333 1.349   -4.722  1.00 15.32 ? 83  THR A N   1 
ATOM   712  C  CA  . THR A 1 99  ? -14.504 0.667   -5.716  1.00 14.99 ? 83  THR A CA  1 
ATOM   713  C  C   . THR A 1 99  ? -13.125 1.323   -5.718  1.00 14.03 ? 83  THR A C   1 
ATOM   714  O  O   . THR A 1 99  ? -12.758 2.023   -6.658  1.00 14.14 ? 83  THR A O   1 
ATOM   715  C  CB  . THR A 1 99  ? -15.110 0.793   -7.129  1.00 15.76 ? 83  THR A CB  1 
ATOM   716  O  OG1 . THR A 1 99  ? -16.483 0.380   -7.101  1.00 16.68 ? 83  THR A OG1 1 
ATOM   717  C  CG2 . THR A 1 99  ? -14.357 -0.087  -8.114  1.00 16.20 ? 83  THR A CG2 1 
ATOM   718  N  N   . PRO A 1 100 ? -12.335 1.085   -4.664  1.00 13.12 ? 84  PRO A N   1 
ATOM   719  C  CA  . PRO A 1 100 ? -11.000 1.679   -4.571  1.00 12.37 ? 84  PRO A CA  1 
ATOM   720  C  C   . PRO A 1 100 ? -9.965  1.099   -5.514  1.00 11.94 ? 84  PRO A C   1 
ATOM   721  O  O   . PRO A 1 100 ? -10.072 -0.043  -5.958  1.00 11.82 ? 84  PRO A O   1 
ATOM   722  C  CB  . PRO A 1 100 ? -10.628 1.426   -3.121  1.00 12.59 ? 84  PRO A CB  1 
ATOM   723  C  CG  . PRO A 1 100 ? -11.189 0.055   -2.907  1.00 13.18 ? 84  PRO A CG  1 
ATOM   724  C  CD  . PRO A 1 100 ? -12.569 0.164   -3.536  1.00 13.20 ? 84  PRO A CD  1 
ATOM   725  N  N   . ALA A 1 101 ? -8.956  1.910   -5.810  1.00 11.27 ? 85  ALA A N   1 
ATOM   726  C  CA  . ALA A 1 101 ? -7.857  1.480   -6.652  1.00 10.80 ? 85  ALA A CA  1 
ATOM   727  C  C   . ALA A 1 101 ? -6.918  0.740   -5.716  1.00 10.62 ? 85  ALA A C   1 
ATOM   728  O  O   . ALA A 1 101 ? -6.474  1.298   -4.715  1.00 10.55 ? 85  ALA A O   1 
ATOM   729  C  CB  . ALA A 1 101 ? -7.137  2.685   -7.251  1.00 11.02 ? 85  ALA A CB  1 
ATOM   730  N  N   . ILE A 1 102 ? -6.659  -0.527  -6.018  1.00 10.26 ? 86  ILE A N   1 
ATOM   731  C  CA  . ILE A 1 102 ? -5.732  -1.332  -5.226  1.00 10.21 ? 86  ILE A CA  1 
ATOM   732  C  C   . ILE A 1 102 ? -5.074  -2.275  -6.211  1.00 10.47 ? 86  ILE A C   1 
ATOM   733  O  O   . ILE A 1 102 ? -5.743  -3.106  -6.821  1.00 10.56 ? 86  ILE A O   1 
ATOM   734  C  CB  . ILE A 1 102 ? -6.437  -2.190  -4.140  1.00 10.96 ? 86  ILE A CB  1 
ATOM   735  C  CG1 . ILE A 1 102 ? -7.274  -1.306  -3.214  1.00 11.37 ? 86  ILE A CG1 1 
ATOM   736  C  CG2 . ILE A 1 102 ? -5.383  -2.927  -3.306  1.00 11.25 ? 86  ILE A CG2 1 
ATOM   737  C  CD1 . ILE A 1 102 ? -7.964  -2.080  -2.086  1.00 12.39 ? 86  ILE A CD1 1 
ATOM   738  N  N   . PHE A 1 103 ? -3.766  -2.136  -6.382  1.00 10.38 ? 87  PHE A N   1 
ATOM   739  C  CA  . PHE A 1 103 ? -3.043  -2.999  -7.293  1.00 10.71 ? 87  PHE A CA  1 
ATOM   740  C  C   . PHE A 1 103 ? -1.607  -3.159  -6.825  1.00 10.86 ? 87  PHE A C   1 
ATOM   741  O  O   . PHE A 1 103 ? -1.116  -2.364  -6.031  1.00 10.62 ? 87  PHE A O   1 
ATOM   742  C  CB  . PHE A 1 103 ? -3.108  -2.435  -8.718  1.00 10.43 ? 87  PHE A CB  1 
ATOM   743  C  CG  . PHE A 1 103 ? -2.566  -1.042  -8.857  1.00 11.04 ? 87  PHE A CG  1 
ATOM   744  C  CD1 . PHE A 1 103 ? -1.206  -0.830  -9.048  1.00 10.71 ? 87  PHE A CD1 1 
ATOM   745  C  CD2 . PHE A 1 103 ? -3.422  0.059   -8.836  1.00 10.77 ? 87  PHE A CD2 1 
ATOM   746  C  CE1 . PHE A 1 103 ? -0.705  0.457   -9.222  1.00 10.67 ? 87  PHE A CE1 1 
ATOM   747  C  CE2 . PHE A 1 103 ? -2.928  1.352   -9.008  1.00 10.72 ? 87  PHE A CE2 1 
ATOM   748  C  CZ  . PHE A 1 103 ? -1.568  1.548   -9.203  1.00 11.03 ? 87  PHE A CZ  1 
ATOM   749  N  N   . THR A 1 104 ? -0.942  -4.198  -7.312  1.00 11.30 ? 88  THR A N   1 
ATOM   750  C  CA  . THR A 1 104 ? 0.430   -4.473  -6.908  1.00 12.10 ? 88  THR A CA  1 
ATOM   751  C  C   . THR A 1 104 ? 1.412   -4.281  -8.058  1.00 12.30 ? 88  THR A C   1 
ATOM   752  O  O   . THR A 1 104 ? 1.132   -4.656  -9.191  1.00 11.56 ? 88  THR A O   1 
ATOM   753  C  CB  . THR A 1 104 ? 0.558   -5.920  -6.381  1.00 13.04 ? 88  THR A CB  1 
ATOM   754  O  OG1 . THR A 1 104 ? 1.857   -6.116  -5.808  1.00 15.15 ? 88  THR A OG1 1 
ATOM   755  C  CG2 . THR A 1 104 ? 0.382   -6.906  -7.504  1.00 14.02 ? 88  THR A CG2 1 
ATOM   756  N  N   . LEU A 1 105 ? 2.560   -3.680  -7.760  1.00 12.01 ? 89  LEU A N   1 
ATOM   757  C  CA  . LEU A 1 105 ? 3.589   -3.469  -8.771  1.00 12.69 ? 89  LEU A CA  1 
ATOM   758  C  C   . LEU A 1 105 ? 4.682   -4.498  -8.561  1.00 13.07 ? 89  LEU A C   1 
ATOM   759  O  O   . LEU A 1 105 ? 4.917   -4.953  -7.438  1.00 14.04 ? 89  LEU A O   1 
ATOM   760  C  CB  . LEU A 1 105 ? 4.179   -2.060  -8.674  1.00 12.34 ? 89  LEU A CB  1 
ATOM   761  C  CG  . LEU A 1 105 ? 3.223   -0.903  -8.989  1.00 13.02 ? 89  LEU A CG  1 
ATOM   762  C  CD1 . LEU A 1 105 ? 3.969   0.417   -8.866  1.00 12.90 ? 89  LEU A CD1 1 
ATOM   763  C  CD2 . LEU A 1 105 ? 2.665   -1.057  -10.397 1.00 13.12 ? 89  LEU A CD2 1 
ATOM   764  N  N   . LYS A 1 106 ? 5.356   -4.855  -9.647  1.00 13.83 ? 90  LYS A N   1 
ATOM   765  C  CA  . LYS A 1 106 ? 6.417   -5.851  -9.599  1.00 14.30 ? 90  LYS A CA  1 
ATOM   766  C  C   . LYS A 1 106 ? 7.764   -5.302  -9.135  1.00 13.95 ? 90  LYS A C   1 
ATOM   767  O  O   . LYS A 1 106 ? 8.274   -4.336  -9.700  1.00 14.09 ? 90  LYS A O   1 
ATOM   768  C  CB  . LYS A 1 106 ? 6.586   -6.489  -10.984 1.00 14.88 ? 90  LYS A CB  1 
ATOM   769  C  CG  . LYS A 1 106 ? 7.738   -7.487  -11.081 1.00 17.24 ? 90  LYS A CG  1 
ATOM   770  C  CD  . LYS A 1 106 ? 7.554   -8.662  -10.136 1.00 18.45 ? 90  LYS A CD  1 
ATOM   771  C  CE  . LYS A 1 106 ? 8.752   -9.604  -10.183 1.00 19.20 ? 90  LYS A CE  1 
ATOM   772  N  NZ  . LYS A 1 106 ? 9.008   -10.099 -11.564 1.00 19.38 ? 90  LYS A NZ  1 
ATOM   773  N  N   . VAL A 1 107 ? 8.332   -5.926  -8.104  1.00 14.15 ? 91  VAL A N   1 
ATOM   774  C  CA  . VAL A 1 107 ? 9.643   -5.533  -7.585  1.00 14.04 ? 91  VAL A CA  1 
ATOM   775  C  C   . VAL A 1 107 ? 10.663  -6.547  -8.110  1.00 14.57 ? 91  VAL A C   1 
ATOM   776  O  O   . VAL A 1 107 ? 10.558  -7.739  -7.828  1.00 14.63 ? 91  VAL A O   1 
ATOM   777  C  CB  . VAL A 1 107 ? 9.660   -5.523  -6.040  1.00 14.27 ? 91  VAL A CB  1 
ATOM   778  C  CG1 . VAL A 1 107 ? 11.060  -5.187  -5.532  1.00 14.96 ? 91  VAL A CG1 1 
ATOM   779  C  CG2 . VAL A 1 107 ? 8.649   -4.507  -5.524  1.00 14.32 ? 91  VAL A CG2 1 
ATOM   780  N  N   . GLU A 1 108 ? 11.645  -6.063  -8.869  1.00 14.65 ? 92  GLU A N   1 
ATOM   781  C  CA  . GLU A 1 108 ? 12.667  -6.921  -9.480  1.00 15.28 ? 92  GLU A CA  1 
ATOM   782  C  C   . GLU A 1 108 ? 13.889  -7.246  -8.625  1.00 15.08 ? 92  GLU A C   1 
ATOM   783  O  O   . GLU A 1 108 ? 14.429  -8.345  -8.711  1.00 15.62 ? 92  GLU A O   1 
ATOM   784  C  CB  . GLU A 1 108 ? 13.142  -6.298  -10.795 1.00 17.01 ? 92  GLU A CB  1 
ATOM   785  C  CG  . GLU A 1 108 ? 12.079  -6.230  -11.868 1.00 19.67 ? 92  GLU A CG  1 
ATOM   786  C  CD  . GLU A 1 108 ? 11.658  -7.605  -12.354 1.00 20.38 ? 92  GLU A CD  1 
ATOM   787  O  OE1 . GLU A 1 108 ? 12.508  -8.330  -12.913 1.00 21.69 ? 92  GLU A OE1 1 
ATOM   788  O  OE2 . GLU A 1 108 ? 10.476  -7.961  -12.174 1.00 21.61 ? 92  GLU A OE2 1 
ATOM   789  N  N   . ASN A 1 109 ? 14.337  -6.279  -7.834  1.00 14.60 ? 93  ASN A N   1 
ATOM   790  C  CA  . ASN A 1 109 ? 15.492  -6.452  -6.956  1.00 14.02 ? 93  ASN A CA  1 
ATOM   791  C  C   . ASN A 1 109 ? 15.274  -5.616  -5.713  1.00 13.54 ? 93  ASN A C   1 
ATOM   792  O  O   . ASN A 1 109 ? 14.463  -4.692  -5.709  1.00 13.01 ? 93  ASN A O   1 
ATOM   793  C  CB  . ASN A 1 109 ? 16.790  -5.984  -7.625  1.00 14.78 ? 93  ASN A CB  1 
ATOM   794  C  CG  . ASN A 1 109 ? 17.433  -7.055  -8.479  1.00 15.76 ? 93  ASN A CG  1 
ATOM   795  O  OD1 . ASN A 1 109 ? 17.718  -8.158  -8.004  1.00 16.13 ? 93  ASN A OD1 1 
ATOM   796  N  ND2 . ASN A 1 109 ? 17.678  -6.732  -9.743  1.00 16.17 ? 93  ASN A ND2 1 
ATOM   797  N  N   . ILE A 1 110 ? 16.017  -5.932  -4.663  1.00 12.70 ? 94  ILE A N   1 
ATOM   798  C  CA  . ILE A 1 110 ? 15.896  -5.201  -3.414  1.00 12.55 ? 94  ILE A CA  1 
ATOM   799  C  C   . ILE A 1 110 ? 17.177  -5.344  -2.612  1.00 12.54 ? 94  ILE A C   1 
ATOM   800  O  O   . ILE A 1 110 ? 17.811  -6.400  -2.631  1.00 12.53 ? 94  ILE A O   1 
ATOM   801  C  CB  . ILE A 1 110 ? 14.705  -5.731  -2.582  1.00 12.77 ? 94  ILE A CB  1 
ATOM   802  C  CG1 . ILE A 1 110 ? 14.667  -5.049  -1.214  1.00 13.02 ? 94  ILE A CG1 1 
ATOM   803  C  CG2 . ILE A 1 110 ? 14.810  -7.238  -2.439  1.00 12.43 ? 94  ILE A CG2 1 
ATOM   804  C  CD1 . ILE A 1 110 ? 14.394  -3.576  -1.272  1.00 14.27 ? 94  ILE A CD1 1 
ATOM   805  N  N   . LEU A 1 111 ? 17.567  -4.273  -1.931  1.00 12.23 ? 95  LEU A N   1 
ATOM   806  C  CA  . LEU A 1 111 ? 18.765  -4.303  -1.101  1.00 12.96 ? 95  LEU A CA  1 
ATOM   807  C  C   . LEU A 1 111 ? 18.542  -5.438  -0.098  1.00 13.38 ? 95  LEU A C   1 
ATOM   808  O  O   . LEU A 1 111 ? 17.526  -5.471  0.590   1.00 13.23 ? 95  LEU A O   1 
ATOM   809  C  CB  . LEU A 1 111 ? 18.918  -2.973  -0.366  1.00 12.77 ? 95  LEU A CB  1 
ATOM   810  C  CG  . LEU A 1 111 ? 20.167  -2.818  0.505   1.00 12.80 ? 95  LEU A CG  1 
ATOM   811  C  CD1 . LEU A 1 111 ? 21.398  -2.662  -0.377  1.00 12.76 ? 95  LEU A CD1 1 
ATOM   812  C  CD2 . LEU A 1 111 ? 20.005  -1.596  1.395   1.00 13.45 ? 95  LEU A CD2 1 
ATOM   813  N  N   . THR A 1 112 ? 19.492  -6.362  -0.010  1.00 13.70 ? 96  THR A N   1 
ATOM   814  C  CA  . THR A 1 112 ? 19.359  -7.505  0.885   1.00 14.15 ? 96  THR A CA  1 
ATOM   815  C  C   . THR A 1 112 ? 19.059  -7.155  2.339   1.00 13.95 ? 96  THR A C   1 
ATOM   816  O  O   . THR A 1 112 ? 18.166  -7.748  2.940   1.00 13.94 ? 96  THR A O   1 
ATOM   817  C  CB  . THR A 1 112 ? 20.613  -8.391  0.825   1.00 14.44 ? 96  THR A CB  1 
ATOM   818  O  OG1 . THR A 1 112 ? 20.863  -8.757  -0.537  1.00 14.67 ? 96  THR A OG1 1 
ATOM   819  C  CG2 . THR A 1 112 ? 20.409  -9.664  1.647   1.00 14.54 ? 96  THR A CG2 1 
ATOM   820  N  N   . GLU A 1 113 ? 19.793  -6.202  2.907   1.00 14.53 ? 97  GLU A N   1 
ATOM   821  C  CA  . GLU A 1 113 ? 19.555  -5.812  4.293   1.00 14.87 ? 97  GLU A CA  1 
ATOM   822  C  C   . GLU A 1 113 ? 18.150  -5.258  4.482   1.00 14.41 ? 97  GLU A C   1 
ATOM   823  O  O   . GLU A 1 113 ? 17.522  -5.476  5.514   1.00 14.40 ? 97  GLU A O   1 
ATOM   824  C  CB  . GLU A 1 113 ? 20.567  -4.763  4.754   1.00 16.55 ? 97  GLU A CB  1 
ATOM   825  C  CG  . GLU A 1 113 ? 21.971  -5.281  4.938   1.00 18.83 ? 97  GLU A CG  1 
ATOM   826  C  CD  . GLU A 1 113 ? 22.812  -4.352  5.786   1.00 20.19 ? 97  GLU A CD  1 
ATOM   827  O  OE1 . GLU A 1 113 ? 22.761  -3.124  5.556   1.00 21.99 ? 97  GLU A OE1 1 
ATOM   828  O  OE2 . GLU A 1 113 ? 23.528  -4.849  6.685   1.00 21.78 ? 97  GLU A OE2 1 
ATOM   829  N  N   . TYR A 1 114 ? 17.656  -4.534  3.483   1.00 13.97 ? 98  TYR A N   1 
ATOM   830  C  CA  . TYR A 1 114 ? 16.317  -3.971  3.577   1.00 13.69 ? 98  TYR A CA  1 
ATOM   831  C  C   . TYR A 1 114 ? 15.287  -5.093  3.537   1.00 13.24 ? 98  TYR A C   1 
ATOM   832  O  O   . TYR A 1 114 ? 14.305  -5.072  4.277   1.00 13.02 ? 98  TYR A O   1 
ATOM   833  C  CB  . TYR A 1 114 ? 16.061  -2.993  2.432   1.00 13.65 ? 98  TYR A CB  1 
ATOM   834  C  CG  . TYR A 1 114 ? 14.749  -2.261  2.574   1.00 14.00 ? 98  TYR A CG  1 
ATOM   835  C  CD1 . TYR A 1 114 ? 14.514  -1.427  3.664   1.00 14.29 ? 98  TYR A CD1 1 
ATOM   836  C  CD2 . TYR A 1 114 ? 13.725  -2.433  1.643   1.00 14.68 ? 98  TYR A CD2 1 
ATOM   837  C  CE1 . TYR A 1 114 ? 13.292  -0.785  3.830   1.00 14.91 ? 98  TYR A CE1 1 
ATOM   838  C  CE2 . TYR A 1 114 ? 12.496  -1.793  1.799   1.00 15.44 ? 98  TYR A CE2 1 
ATOM   839  C  CZ  . TYR A 1 114 ? 12.289  -0.971  2.896   1.00 15.24 ? 98  TYR A CZ  1 
ATOM   840  O  OH  . TYR A 1 114 ? 11.080  -0.335  3.062   1.00 17.19 ? 98  TYR A OH  1 
HETATM 841  N  N   . MSE A 1 115 ? 15.512  -6.072  2.663   1.00 12.93 ? 99  MSE A N   1 
HETATM 842  C  CA  . MSE A 1 115 ? 14.601  -7.203  2.563   1.00 13.04 ? 99  MSE A CA  1 
HETATM 843  C  C   . MSE A 1 115 ? 14.526  -7.898  3.922   1.00 13.18 ? 99  MSE A C   1 
HETATM 844  O  O   . MSE A 1 115 ? 13.455  -8.325  4.350   1.00 13.01 ? 99  MSE A O   1 
HETATM 845  C  CB  . MSE A 1 115 ? 15.081  -8.192  1.497   1.00 13.57 ? 99  MSE A CB  1 
HETATM 846  C  CG  . MSE A 1 115 ? 14.100  -9.336  1.220   1.00 14.07 ? 99  MSE A CG  1 
HETATM 847  SE SE  . MSE A 1 115 ? 12.401  -8.839  0.471   1.00 13.65 ? 99  MSE A SE  1 
HETATM 848  C  CE  . MSE A 1 115 ? 12.736  -7.030  0.007   1.00 16.47 ? 99  MSE A CE  1 
ATOM   849  N  N   . ASN A 1 116 ? 15.661  -8.005  4.604   1.00 13.27 ? 100 ASN A N   1 
ATOM   850  C  CA  . ASN A 1 116 ? 15.662  -8.642  5.914   1.00 13.91 ? 100 ASN A CA  1 
ATOM   851  C  C   . ASN A 1 116 ? 14.824  -7.822  6.881   1.00 13.66 ? 100 ASN A C   1 
ATOM   852  O  O   . ASN A 1 116 ? 14.074  -8.375  7.684   1.00 13.52 ? 100 ASN A O   1 
ATOM   853  C  CB  . ASN A 1 116 ? 17.086  -8.789  6.453   1.00 15.05 ? 100 ASN A CB  1 
ATOM   854  C  CG  . ASN A 1 116 ? 17.883  -9.835  5.706   1.00 16.22 ? 100 ASN A CG  1 
ATOM   855  O  OD1 . ASN A 1 116 ? 17.330  -10.830 5.239   1.00 17.55 ? 100 ASN A OD1 1 
ATOM   856  N  ND2 . ASN A 1 116 ? 19.193  -9.626  5.605   1.00 17.20 ? 100 ASN A ND2 1 
ATOM   857  N  N   . TRP A 1 117 ? 14.942  -6.501  6.792   1.00 13.52 ? 101 TRP A N   1 
ATOM   858  C  CA  . TRP A 1 117 ? 14.185  -5.604  7.657   1.00 13.38 ? 101 TRP A CA  1 
ATOM   859  C  C   . TRP A 1 117 ? 12.687  -5.727  7.379   1.00 13.43 ? 101 TRP A C   1 
ATOM   860  O  O   . TRP A 1 117 ? 11.865  -5.659  8.295   1.00 12.96 ? 101 TRP A O   1 
ATOM   861  C  CB  . TRP A 1 117 ? 14.632  -4.157  7.439   1.00 13.83 ? 101 TRP A CB  1 
ATOM   862  C  CG  . TRP A 1 117 ? 13.912  -3.184  8.315   1.00 14.07 ? 101 TRP A CG  1 
ATOM   863  C  CD1 . TRP A 1 117 ? 14.160  -2.929  9.635   1.00 14.23 ? 101 TRP A CD1 1 
ATOM   864  C  CD2 . TRP A 1 117 ? 12.795  -2.366  7.948   1.00 14.18 ? 101 TRP A CD2 1 
ATOM   865  N  NE1 . TRP A 1 117 ? 13.265  -2.000  10.112  1.00 14.35 ? 101 TRP A NE1 1 
ATOM   866  C  CE2 . TRP A 1 117 ? 12.415  -1.638  9.098   1.00 14.19 ? 101 TRP A CE2 1 
ATOM   867  C  CE3 . TRP A 1 117 ? 12.077  -2.176  6.759   1.00 14.08 ? 101 TRP A CE3 1 
ATOM   868  C  CZ2 . TRP A 1 117 ? 11.347  -0.735  9.095   1.00 14.38 ? 101 TRP A CZ2 1 
ATOM   869  C  CZ3 . TRP A 1 117 ? 11.014  -1.278  6.754   1.00 14.50 ? 101 TRP A CZ3 1 
ATOM   870  C  CH2 . TRP A 1 117 ? 10.660  -0.569  7.917   1.00 14.59 ? 101 TRP A CH2 1 
ATOM   871  N  N   . LEU A 1 118 ? 12.331  -5.895  6.110   1.00 13.21 ? 102 LEU A N   1 
ATOM   872  C  CA  . LEU A 1 118 ? 10.926  -6.039  5.736   1.00 13.77 ? 102 LEU A CA  1 
ATOM   873  C  C   . LEU A 1 118 ? 10.361  -7.303  6.364   1.00 13.91 ? 102 LEU A C   1 
ATOM   874  O  O   . LEU A 1 118 ? 9.271   -7.298  6.937   1.00 13.87 ? 102 LEU A O   1 
ATOM   875  C  CB  . LEU A 1 118 ? 10.774  -6.129  4.215   1.00 14.26 ? 102 LEU A CB  1 
ATOM   876  C  CG  . LEU A 1 118 ? 10.931  -4.863  3.378   1.00 14.71 ? 102 LEU A CG  1 
ATOM   877  C  CD1 . LEU A 1 118 ? 10.776  -5.230  1.914   1.00 14.78 ? 102 LEU A CD1 1 
ATOM   878  C  CD2 . LEU A 1 118 ? 9.882   -3.833  3.781   1.00 14.45 ? 102 LEU A CD2 1 
ATOM   879  N  N   . ARG A 1 119 ? 11.115  -8.391  6.246   1.00 14.29 ? 103 ARG A N   1 
ATOM   880  C  CA  . ARG A 1 119 ? 10.693  -9.672  6.793   1.00 14.92 ? 103 ARG A CA  1 
ATOM   881  C  C   . ARG A 1 119 ? 10.501  -9.582  8.303   1.00 14.71 ? 103 ARG A C   1 
ATOM   882  O  O   . ARG A 1 119 ? 9.483   -10.028 8.832   1.00 13.85 ? 103 ARG A O   1 
ATOM   883  C  CB  . ARG A 1 119 ? 11.729  -10.749 6.465   1.00 16.46 ? 103 ARG A CB  1 
ATOM   884  C  CG  . ARG A 1 119 ? 11.218  -12.177 6.627   1.00 18.65 ? 103 ARG A CG  1 
ATOM   885  C  CD  . ARG A 1 119 ? 12.254  -13.171 6.123   1.00 20.75 ? 103 ARG A CD  1 
ATOM   886  N  NE  . ARG A 1 119 ? 12.842  -12.714 4.866   1.00 22.52 ? 103 ARG A NE  1 
ATOM   887  C  CZ  . ARG A 1 119 ? 13.798  -13.353 4.200   1.00 23.16 ? 103 ARG A CZ  1 
ATOM   888  N  NH1 . ARG A 1 119 ? 14.284  -14.496 4.663   1.00 23.73 ? 103 ARG A NH1 1 
ATOM   889  N  NH2 . ARG A 1 119 ? 14.284  -12.832 3.079   1.00 23.28 ? 103 ARG A NH2 1 
ATOM   890  N  N   . GLU A 1 120 ? 11.475  -8.998  8.995   1.00 14.89 ? 104 GLU A N   1 
ATOM   891  C  CA  . GLU A 1 120 ? 11.388  -8.861  10.446  1.00 15.36 ? 104 GLU A CA  1 
ATOM   892  C  C   . GLU A 1 120 ? 10.204  -7.979  10.831  1.00 15.06 ? 104 GLU A C   1 
ATOM   893  O  O   . GLU A 1 120 ? 9.518   -8.242  11.815  1.00 14.77 ? 104 GLU A O   1 
ATOM   894  C  CB  . GLU A 1 120 ? 12.658  -8.224  11.013  1.00 16.73 ? 104 GLU A CB  1 
ATOM   895  C  CG  . GLU A 1 120 ? 13.958  -8.854  10.554  1.00 19.08 ? 104 GLU A CG  1 
ATOM   896  C  CD  . GLU A 1 120 ? 15.172  -8.150  11.130  1.00 19.77 ? 104 GLU A CD  1 
ATOM   897  O  OE1 . GLU A 1 120 ? 15.191  -6.900  11.140  1.00 20.64 ? 104 GLU A OE1 1 
ATOM   898  O  OE2 . GLU A 1 120 ? 16.112  -8.845  11.564  1.00 21.99 ? 104 GLU A OE2 1 
ATOM   899  N  N   . SER A 1 121 ? 9.977   -6.929  10.046  1.00 15.00 ? 105 SER A N   1 
ATOM   900  C  CA  . SER A 1 121 ? 8.901   -5.985  10.319  1.00 14.81 ? 105 SER A CA  1 
ATOM   901  C  C   . SER A 1 121 ? 7.500   -6.555  10.176  1.00 14.71 ? 105 SER A C   1 
ATOM   902  O  O   . SER A 1 121 ? 6.566   -6.046  10.794  1.00 15.16 ? 105 SER A O   1 
ATOM   903  C  CB  . SER A 1 121 ? 9.041   -4.750  9.421   1.00 14.59 ? 105 SER A CB  1 
ATOM   904  O  OG  . SER A 1 121 ? 10.212  -4.016  9.744   1.00 14.56 ? 105 SER A OG  1 
ATOM   905  N  N   . VAL A 1 122 ? 7.337   -7.598  9.369   1.00 14.40 ? 106 VAL A N   1 
ATOM   906  C  CA  . VAL A 1 122 ? 6.013   -8.179  9.203   1.00 14.55 ? 106 VAL A CA  1 
ATOM   907  C  C   . VAL A 1 122 ? 5.847   -9.518  9.911   1.00 14.63 ? 106 VAL A C   1 
ATOM   908  O  O   . VAL A 1 122 ? 4.836   -10.193 9.738   1.00 14.69 ? 106 VAL A O   1 
ATOM   909  C  CB  . VAL A 1 122 ? 5.634   -8.344  7.706   1.00 14.54 ? 106 VAL A CB  1 
ATOM   910  C  CG1 . VAL A 1 122 ? 5.611   -6.982  7.026   1.00 14.32 ? 106 VAL A CG1 1 
ATOM   911  C  CG2 . VAL A 1 122 ? 6.604   -9.276  7.015   1.00 15.15 ? 106 VAL A CG2 1 
ATOM   912  N  N   . LEU A 1 123 ? 6.837   -9.904  10.708  1.00 15.04 ? 107 LEU A N   1 
ATOM   913  C  CA  . LEU A 1 123 ? 6.733   -11.154 11.445  1.00 15.86 ? 107 LEU A CA  1 
ATOM   914  C  C   . LEU A 1 123 ? 5.726   -10.924 12.566  1.00 16.31 ? 107 LEU A C   1 
ATOM   915  O  O   . LEU A 1 123 ? 5.857   -9.973  13.341  1.00 16.49 ? 107 LEU A O   1 
ATOM   916  C  CB  . LEU A 1 123 ? 8.087   -11.560 12.041  1.00 15.68 ? 107 LEU A CB  1 
ATOM   917  C  CG  . LEU A 1 123 ? 8.065   -12.859 12.858  1.00 16.12 ? 107 LEU A CG  1 
ATOM   918  C  CD1 . LEU A 1 123 ? 7.658   -14.026 11.965  1.00 16.61 ? 107 LEU A CD1 1 
ATOM   919  C  CD2 . LEU A 1 123 ? 9.431   -13.109 13.468  1.00 16.05 ? 107 LEU A CD2 1 
ATOM   920  N  N   . GLY A 1 124 ? 4.711   -11.777 12.633  1.00 16.85 ? 108 GLY A N   1 
ATOM   921  C  CA  . GLY A 1 124 ? 3.702   -11.638 13.666  1.00 17.84 ? 108 GLY A CA  1 
ATOM   922  C  C   . GLY A 1 124 ? 2.332   -11.272 13.125  1.00 18.47 ? 108 GLY A C   1 
ATOM   923  O  O   . GLY A 1 124 ? 2.031   -11.510 11.954  1.00 18.84 ? 108 GLY A O   1 
ATOM   924  N  N   . SER A 1 125 ? 1.499   -10.694 13.984  1.00 18.65 ? 109 SER A N   1 
ATOM   925  C  CA  . SER A 1 125 ? 0.147   -10.293 13.596  1.00 19.02 ? 109 SER A CA  1 
ATOM   926  C  C   . SER A 1 125 ? -0.289  -9.075  14.404  1.00 19.10 ? 109 SER A C   1 
ATOM   927  O  O   . SER A 1 125 ? 0.545   -8.567  15.184  1.00 19.25 ? 109 SER A O   1 
ATOM   928  C  CB  . SER A 1 125 ? -0.840  -11.440 13.839  1.00 18.94 ? 109 SER A CB  1 
ATOM   929  O  OG  . SER A 1 125 ? -0.952  -11.724 15.225  1.00 19.62 ? 109 SER A OG  1 
ATOM   930  O  OXT . SER A 1 125 ? -1.454  -8.650  14.250  1.00 19.59 ? 109 SER A OXT 1 
HETATM 931  O  O   . HOH B 2 .   ? 8.309   -1.599  10.185  1.00 12.47 ? 200 HOH A O   1 
HETATM 932  O  O   . HOH B 2 .   ? 22.510  -5.370  1.563   1.00 19.35 ? 201 HOH A O   1 
HETATM 933  O  O   . HOH B 2 .   ? 4.326   -5.901  9.275   1.00 32.32 ? 202 HOH A O   1 
HETATM 934  O  O   . HOH B 2 .   ? -17.057 5.563   -3.134  1.00 20.95 ? 203 HOH A O   1 
HETATM 935  O  O   . HOH B 2 .   ? -7.870  16.825  4.936   1.00 15.36 ? 204 HOH A O   1 
HETATM 936  O  O   . HOH B 2 .   ? -11.224 3.080   7.483   1.00 15.87 ? 205 HOH A O   1 
HETATM 937  O  O   . HOH B 2 .   ? -7.331  7.979   -7.690  1.00 21.87 ? 206 HOH A O   1 
HETATM 938  O  O   . HOH B 2 .   ? -1.637  -13.229 3.380   1.00 18.52 ? 207 HOH A O   1 
HETATM 939  O  O   . HOH B 2 .   ? 1.898   16.545  -4.970  1.00 13.30 ? 208 HOH A O   1 
HETATM 940  O  O   . HOH B 2 .   ? -5.807  15.771  3.190   1.00 15.06 ? 209 HOH A O   1 
HETATM 941  O  O   . HOH B 2 .   ? 13.817  -5.257  12.825  1.00 22.02 ? 210 HOH A O   1 
HETATM 942  O  O   . HOH B 2 .   ? -8.903  -8.298  7.189   1.00 21.19 ? 211 HOH A O   1 
HETATM 943  O  O   . HOH B 2 .   ? -11.779 14.654  2.821   1.00 21.58 ? 212 HOH A O   1 
HETATM 944  O  O   . HOH B 2 .   ? -0.441  -13.893 -0.093  1.00 19.21 ? 213 HOH A O   1 
HETATM 945  O  O   . HOH B 2 .   ? -14.517 -0.749  2.188   1.00 15.85 ? 214 HOH A O   1 
HETATM 946  O  O   . HOH B 2 .   ? -5.133  -2.618  12.977  1.00 16.75 ? 215 HOH A O   1 
HETATM 947  O  O   . HOH B 2 .   ? -9.476  3.340   9.214   1.00 23.09 ? 216 HOH A O   1 
HETATM 948  O  O   . HOH B 2 .   ? -7.545  -2.610  11.511  1.00 20.48 ? 217 HOH A O   1 
HETATM 949  O  O   . HOH B 2 .   ? 11.251  -3.916  12.296  1.00 19.77 ? 218 HOH A O   1 
HETATM 950  O  O   . HOH B 2 .   ? -8.655  4.462   -4.468  1.00 18.20 ? 219 HOH A O   1 
HETATM 951  O  O   . HOH B 2 .   ? -11.012 13.624  -1.758  1.00 24.39 ? 220 HOH A O   1 
HETATM 952  O  O   . HOH B 2 .   ? 6.975   -8.001  -6.737  1.00 20.87 ? 221 HOH A O   1 
HETATM 953  O  O   . HOH B 2 .   ? 11.123  -8.601  -4.180  1.00 20.96 ? 222 HOH A O   1 
HETATM 954  O  O   . HOH B 2 .   ? -15.365 4.065   -5.667  1.00 21.20 ? 223 HOH A O   1 
HETATM 955  O  O   . HOH B 2 .   ? 5.109   -16.256 -3.184  1.00 20.67 ? 224 HOH A O   1 
HETATM 956  O  O   . HOH B 2 .   ? -15.839 -2.784  5.692   1.00 21.28 ? 225 HOH A O   1 
HETATM 957  O  O   . HOH B 2 .   ? -2.315  -6.852  15.967  1.00 23.54 ? 226 HOH A O   1 
HETATM 958  O  O   . HOH B 2 .   ? -4.866  9.907   10.765  1.00 19.71 ? 227 HOH A O   1 
HETATM 959  O  O   . HOH B 2 .   ? 16.174  -9.621  -11.099 1.00 23.30 ? 228 HOH A O   1 
HETATM 960  O  O   . HOH B 2 .   ? 18.363  -5.645  8.101   1.00 20.53 ? 229 HOH A O   1 
HETATM 961  O  O   . HOH B 2 .   ? -0.945  17.467  8.510   1.00 22.56 ? 230 HOH A O   1 
HETATM 962  O  O   . HOH B 2 .   ? 11.282  -10.182 -8.387  1.00 28.15 ? 231 HOH A O   1 
HETATM 963  O  O   . HOH B 2 .   ? -14.172 18.489  -11.197 1.00 22.87 ? 232 HOH A O   1 
HETATM 964  O  O   . HOH B 2 .   ? 10.128  -9.449  14.145  1.00 17.82 ? 233 HOH A O   1 
HETATM 965  O  O   . HOH B 2 .   ? 1.942   -12.767 -3.082  1.00 21.43 ? 234 HOH A O   1 
HETATM 966  O  O   . HOH B 2 .   ? -16.978 6.127   -13.183 1.00 21.80 ? 235 HOH A O   1 
HETATM 967  O  O   . HOH B 2 .   ? -23.353 13.757  -17.361 1.00 24.66 ? 236 HOH A O   1 
HETATM 968  O  O   . HOH B 2 .   ? -19.461 7.793   -15.602 1.00 24.38 ? 237 HOH A O   1 
HETATM 969  O  O   . HOH B 2 .   ? 11.753  2.126   5.205   1.00 28.28 ? 238 HOH A O   1 
HETATM 970  O  O   . HOH B 2 .   ? 0.522   18.908  -4.224  1.00 23.05 ? 239 HOH A O   1 
HETATM 971  O  O   . HOH B 2 .   ? -2.658  17.730  1.732   1.00 22.02 ? 240 HOH A O   1 
HETATM 972  O  O   . HOH B 2 .   ? -17.061 16.270  -18.476 1.00 23.69 ? 241 HOH A O   1 
HETATM 973  O  O   . HOH B 2 .   ? -19.693 6.603   -12.937 1.00 26.06 ? 242 HOH A O   1 
HETATM 974  O  O   . HOH B 2 .   ? -0.363  2.909   16.816  1.00 26.55 ? 243 HOH A O   1 
HETATM 975  O  O   . HOH B 2 .   ? -9.939  15.894  -14.811 1.00 24.39 ? 244 HOH A O   1 
HETATM 976  O  O   . HOH B 2 .   ? -12.224 -7.863  3.538   1.00 18.95 ? 245 HOH A O   1 
HETATM 977  O  O   . HOH B 2 .   ? 2.396   -10.816 -6.322  1.00 25.58 ? 246 HOH A O   1 
HETATM 978  O  O   . HOH B 2 .   ? 26.069  -10.522 0.427   1.00 25.52 ? 247 HOH A O   1 
HETATM 979  O  O   . HOH B 2 .   ? 2.703   -0.563  3.657   1.00 31.08 ? 248 HOH A O   1 
HETATM 980  O  O   . HOH B 2 .   ? 23.674  -7.516  2.617   1.00 25.95 ? 249 HOH A O   1 
HETATM 981  O  O   . HOH B 2 .   ? -13.223 3.521   -9.007  1.00 24.54 ? 250 HOH A O   1 
HETATM 982  O  O   . HOH B 2 .   ? 10.503  -14.434 9.370   1.00 28.94 ? 251 HOH A O   1 
HETATM 983  O  O   . HOH B 2 .   ? -7.876  17.628  -15.143 1.00 23.08 ? 252 HOH A O   1 
HETATM 984  O  O   . HOH B 2 .   ? 4.448   -7.869  -6.811  1.00 26.05 ? 253 HOH A O   1 
HETATM 985  O  O   . HOH B 2 .   ? 0.868   18.188  0.397   1.00 25.83 ? 254 HOH A O   1 
HETATM 986  O  O   . HOH B 2 .   ? -6.386  -9.159  6.700   1.00 21.98 ? 255 HOH A O   1 
HETATM 987  O  O   . HOH B 2 .   ? 17.206  -4.690  10.286  1.00 24.88 ? 256 HOH A O   1 
HETATM 988  O  O   . HOH B 2 .   ? -5.220  16.012  -1.265  1.00 21.57 ? 257 HOH A O   1 
HETATM 989  O  O   . HOH B 2 .   ? -12.957 18.219  -15.467 1.00 28.75 ? 258 HOH A O   1 
HETATM 990  O  O   . HOH B 2 .   ? 7.564   -14.654 3.995   1.00 27.98 ? 259 HOH A O   1 
HETATM 991  O  O   . HOH B 2 .   ? -18.734 1.877   -7.637  1.00 26.05 ? 260 HOH A O   1 
HETATM 992  O  O   . HOH B 2 .   ? 0.000   0.617   18.056  1.00 27.60 ? 261 HOH A O   1 
HETATM 993  O  O   . HOH B 2 .   ? -8.956  9.482   9.375   1.00 25.52 ? 262 HOH A O   1 
HETATM 994  O  O   . HOH B 2 .   ? -16.855 1.509   0.985   1.00 25.70 ? 263 HOH A O   1 
HETATM 995  O  O   . HOH B 2 .   ? 3.981   -13.197 10.218  1.00 27.05 ? 264 HOH A O   1 
HETATM 996  O  O   . HOH B 2 .   ? 25.929  -6.071  3.481   1.00 26.51 ? 265 HOH A O   1 
HETATM 997  O  O   . HOH B 2 .   ? -23.415 13.764  -13.325 1.00 29.29 ? 266 HOH A O   1 
HETATM 998  O  O   . HOH B 2 .   ? 6.202   -12.653 5.444   1.00 23.05 ? 267 HOH A O   1 
HETATM 999  O  O   . HOH B 2 .   ? -9.727  -15.405 3.320   1.00 28.51 ? 268 HOH A O   1 
HETATM 1000 O  O   . HOH B 2 .   ? 16.652  -11.467 10.738  1.00 27.96 ? 269 HOH A O   1 
HETATM 1001 O  O   . HOH B 2 .   ? 16.649  -11.481 2.656   1.00 23.80 ? 270 HOH A O   1 
HETATM 1002 O  O   . HOH B 2 .   ? -19.025 14.827  -19.896 1.00 25.43 ? 271 HOH A O   1 
HETATM 1003 O  O   . HOH B 2 .   ? -3.794  17.710  -4.429  1.00 23.84 ? 272 HOH A O   1 
HETATM 1004 O  O   . HOH B 2 .   ? 7.663   -7.191  4.745   1.00 29.70 ? 273 HOH A O   1 
HETATM 1005 O  O   . HOH B 2 .   ? -11.557 -0.101  11.985  1.00 26.89 ? 274 HOH A O   1 
HETATM 1006 O  O   . HOH B 2 .   ? -18.087 -2.369  -2.364  1.00 27.12 ? 275 HOH A O   1 
HETATM 1007 O  O   . HOH B 2 .   ? -24.529 1.045   -4.842  1.00 28.52 ? 276 HOH A O   1 
HETATM 1008 O  O   . HOH B 2 .   ? -1.378  -4.515  17.216  1.00 22.76 ? 277 HOH A O   1 
HETATM 1009 O  O   . HOH B 2 .   ? 23.343  -3.001  3.095   1.00 20.99 ? 278 HOH A O   1 
HETATM 1010 O  O   . HOH B 2 .   ? -9.381  -13.168 -0.159  1.00 27.89 ? 279 HOH A O   1 
HETATM 1011 O  O   . HOH B 2 .   ? 0.831   -16.554 2.870   1.00 26.41 ? 280 HOH A O   1 
HETATM 1012 O  O   . HOH B 2 .   ? 4.278   -4.108  10.692  1.00 16.00 ? 281 HOH A O   1 
HETATM 1013 O  O   . HOH B 2 .   ? 6.424   -10.613 -6.712  1.00 26.09 ? 282 HOH A O   1 
HETATM 1014 O  O   . HOH B 2 .   ? -2.777  20.030  -4.823  1.00 31.32 ? 283 HOH A O   1 
HETATM 1015 O  O   . HOH B 2 .   ? -6.968  14.653  -0.027  1.00 29.97 ? 284 HOH A O   1 
HETATM 1016 O  O   . HOH B 2 .   ? 7.970   -12.217 8.115   1.00 23.97 ? 285 HOH A O   1 
HETATM 1017 O  O   . HOH B 2 .   ? -6.904  18.631  -8.549  1.00 24.75 ? 286 HOH A O   1 
HETATM 1018 O  O   . HOH B 2 .   ? -16.848 -4.887  4.564   1.00 21.99 ? 287 HOH A O   1 
HETATM 1019 O  O   . HOH B 2 .   ? 0.437   4.705   15.617  1.00 26.24 ? 288 HOH A O   1 
HETATM 1020 O  O   . HOH B 2 .   ? 12.599  -10.958 13.865  1.00 23.62 ? 289 HOH A O   1 
HETATM 1021 O  O   . HOH B 2 .   ? -11.876 11.334  -2.974  1.00 26.50 ? 290 HOH A O   1 
HETATM 1022 O  O   . HOH B 2 .   ? -20.369 17.244  -19.523 1.00 28.19 ? 291 HOH A O   1 
HETATM 1023 O  O   . HOH B 2 .   ? -12.635 11.020  5.412   1.00 24.18 ? 292 HOH A O   1 
HETATM 1024 O  O   . HOH B 2 .   ? 21.752  -6.219  -11.721 1.00 21.26 ? 293 HOH A O   1 
HETATM 1025 O  O   . HOH B 2 .   ? -0.670  -11.986 9.313   1.00 25.70 ? 294 HOH A O   1 
HETATM 1026 O  O   . HOH B 2 .   ? 19.032  -13.597 11.434  1.00 27.77 ? 295 HOH A O   1 
HETATM 1027 O  O   . HOH B 2 .   ? -5.585  -4.767  15.194  1.00 26.57 ? 296 HOH A O   1 
HETATM 1028 O  O   . HOH B 2 .   ? -11.906 -13.544 -1.063  1.00 26.76 ? 297 HOH A O   1 
HETATM 1029 O  O   . HOH B 2 .   ? -16.776 3.615   -8.568  1.00 28.31 ? 298 HOH A O   1 
HETATM 1030 O  O   . HOH B 2 .   ? 6.013   -14.171 8.443   1.00 26.35 ? 299 HOH A O   1 
HETATM 1031 O  O   . HOH B 2 .   ? -3.880  7.619   12.561  1.00 27.53 ? 300 HOH A O   1 
HETATM 1032 O  O   . HOH B 2 .   ? -20.123 1.545   -1.085  1.00 27.53 ? 301 HOH A O   1 
HETATM 1033 O  O   . HOH B 2 .   ? 8.441   -9.986  -5.120  1.00 26.65 ? 302 HOH A O   1 
HETATM 1034 O  O   . HOH B 2 .   ? -14.248 19.822  -8.924  1.00 28.72 ? 303 HOH A O   1 
HETATM 1035 O  O   . HOH B 2 .   ? 13.399  -6.185  15.306  1.00 25.75 ? 304 HOH A O   1 
HETATM 1036 O  O   . HOH B 2 .   ? 15.456  -11.892 7.724   1.00 28.81 ? 305 HOH A O   1 
HETATM 1037 O  O   . HOH B 2 .   ? -2.610  -15.445 8.433   1.00 28.41 ? 306 HOH A O   1 
HETATM 1038 O  O   . HOH B 2 .   ? 21.374  -11.032 -6.629  1.00 26.37 ? 307 HOH A O   1 
HETATM 1039 O  O   . HOH B 2 .   ? -7.472  -11.611 6.525   1.00 25.29 ? 308 HOH A O   1 
HETATM 1040 O  O   . HOH B 2 .   ? -14.638 20.471  -13.109 1.00 26.40 ? 309 HOH A O   1 
HETATM 1041 O  O   . HOH B 2 .   ? 16.691  -14.963 6.189   1.00 29.18 ? 310 HOH A O   1 
HETATM 1042 O  O   . HOH B 2 .   ? -8.406  20.023  -15.764 1.00 27.34 ? 311 HOH A O   1 
HETATM 1043 O  O   . HOH B 2 .   ? -1.077  18.530  5.347   1.00 27.79 ? 312 HOH A O   1 
HETATM 1044 O  O   . HOH B 2 .   ? -3.884  -9.408  13.271  1.00 26.90 ? 313 HOH A O   1 
HETATM 1045 O  O   . HOH B 2 .   ? -3.217  -15.471 3.538   1.00 24.99 ? 314 HOH A O   1 
HETATM 1046 O  O   . HOH B 2 .   ? -4.880  -1.343  17.863  1.00 27.74 ? 315 HOH A O   1 
HETATM 1047 O  O   . HOH B 2 .   ? -10.360 10.964  7.610   1.00 27.65 ? 316 HOH A O   1 
HETATM 1048 O  O   . HOH B 2 .   ? 11.619  4.667   6.147   1.00 27.64 ? 317 HOH A O   1 
HETATM 1049 O  O   . HOH B 2 .   ? -11.077 3.142   13.891  1.00 25.56 ? 318 HOH A O   1 
HETATM 1050 O  O   . HOH B 2 .   ? 10.763  -6.780  15.466  1.00 25.28 ? 319 HOH A O   1 
HETATM 1051 O  O   . HOH B 2 .   ? -4.714  -9.653  8.986   1.00 28.76 ? 320 HOH A O   1 
HETATM 1052 O  O   . HOH B 2 .   ? 19.236  -12.814 1.848   1.00 27.42 ? 321 HOH A O   1 
HETATM 1053 O  O   . HOH B 2 .   ? -14.778 17.254  -7.969  1.00 27.67 ? 322 HOH A O   1 
HETATM 1054 O  O   . HOH B 2 .   ? 21.295  -11.712 -1.019  1.00 26.36 ? 323 HOH A O   1 
HETATM 1055 O  O   . HOH B 2 .   ? 17.501  -6.471  13.224  1.00 29.27 ? 324 HOH A O   1 
# 
